data_8IN1
#
_entry.id   8IN1
#
_cell.length_a   191.669
_cell.length_b   191.669
_cell.length_c   112.551
_cell.angle_alpha   90.000
_cell.angle_beta   90.000
_cell.angle_gamma   120.000
#
_symmetry.space_group_name_H-M   'P 62'
#
loop_
_entity.id
_entity.type
_entity.pdbx_description
1 polymer Beta-Glucosidase
2 branched beta-D-mannopyranose-(1-4)-2-acetamido-2-deoxy-beta-D-glucopyranose-(1-4)-[alpha-L-fucopyranose-(1-3)][alpha-L-fucopyranose-(1-6)]2-acetamido-2-deoxy-beta-D-glucopyranose
3 branched alpha-L-fucopyranose-(1-3)-2-acetamido-2-deoxy-beta-D-glucopyranose
4 branched beta-D-mannopyranose-(1-4)-2-acetamido-2-deoxy-beta-D-glucopyranose-(1-4)-[alpha-L-fucopyranose-(1-3)]2-acetamido-2-deoxy-beta-D-glucopyranose
5 branched alpha-L-fucopyranose-(1-3)-[2-acetamido-2-deoxy-beta-D-glucopyranose-(1-4)]2-acetamido-2-deoxy-beta-D-glucopyranose
6 non-polymer 2-acetamido-2-deoxy-beta-D-glucopyranose
7 water water
#
_entity_poly.entity_id   1
_entity_poly.type   'polypeptide(L)'
_entity_poly.pdbx_seq_one_letter_code
;MGKVHVILWLPALLGLFVTSARAADLLTDKFPANFTFGVSTSAFPTEGAWDADGKGPSIWDTFTSDSSHVTGGGDAKQSA
DTYNHVDDDVTLLKDLGVSSYKFSISWPRIFPNGTKESVNQKGVNFYNTLIDKLLANQITPFVSLYYWDLPQDLQDKGGW
SKDESVAWFGDYADFCFKTFGNRVKRWVTIDDPFSVAYKGHETGEQAPGVKNVSVTYKVGHNLLLAHAEAYRIYKDNYRT
VQKGEVGISLSSEWYVPKTTGVSDVMAARRAMTFRLGWFLEPLVKGDYPLLMQQRVVAARGTANGLPQFSAGDKLKVKDS
YDFIGLSHFTSRLVSEDAGVCSGATVGFFCDQGLKMETDLSYPKLEYRPEVNPTSERRLMGFGLLELLKHVTSDYNKPVI
YVTENGLSSCGTLQDQNRVEYLREYSNNVLAAIKAGGDVRGFFVWSLLDGFDWSLGYTSKSGLYYVDMGRGERPRFPRSS
ATFYKKMIANNGLTDELVTYRAYPADRDVFLYDTFPSDFMFGVATSAYQIEGAWNLDGKGPSIWDTFAHNNRLASGQTGD
VACDSYHLYMEDVRMLQHLGVNFYRFSIAWSRVMADGTPATTNQAGIDYYNKLIDALLAAGITPVVTLYHWDLPQALEND
GGWKNDSVVDQFEAYARLCFEQFGDRVKYWITFNEAFVVSWLGYGIGIFAPGIYDPGTSPYMVAHNIIRSHSRAYHLYSN
NFQAKYKGKVGITLDIEWKEPLTDSSEDAAAADRAMQFKLGWFANAIFAGSGDYPQVMRQLVDEKSKRQGLAKSRLPSFT
QAEKNLNKGAYDFLALNHYTTNPVNNQPRPNSQPNYEQDQNIDTRYDPCWPDTDASWLKVNPWGIRKLLRWARDHYHNPE
IIISESGRPDGEDLTDDGRIYYYKYYINELLKAIKLDGVRVKGYTAWSLMDNLEWTSGYYAKFGLYHVDFNSPNRTRTPR
TSATFYQQLIKDRGFPKPASSRRVRRRSRGFHLN
;
_entity_poly.pdbx_strand_id   A,B
#
# COMPACT_ATOMS: atom_id res chain seq x y z
N LEU A 26 14.32 20.33 -7.31
CA LEU A 26 13.64 20.58 -6.03
C LEU A 26 14.63 20.64 -4.88
N LEU A 27 14.44 21.61 -3.99
CA LEU A 27 15.30 21.78 -2.83
C LEU A 27 14.74 21.04 -1.62
N THR A 28 15.65 20.45 -0.83
CA THR A 28 15.28 19.76 0.41
C THR A 28 15.57 20.61 1.65
N ASP A 29 15.79 21.92 1.48
CA ASP A 29 16.01 22.80 2.62
C ASP A 29 14.74 22.93 3.45
N LYS A 30 14.92 23.29 4.72
CA LYS A 30 13.81 23.52 5.63
C LYS A 30 13.30 24.96 5.50
N PHE A 31 11.99 25.11 5.67
CA PHE A 31 11.40 26.44 5.70
C PHE A 31 11.83 27.17 6.97
N PRO A 32 11.79 28.52 6.96
CA PRO A 32 12.14 29.28 8.17
C PRO A 32 11.35 28.86 9.40
N ALA A 33 11.85 29.26 10.57
CA ALA A 33 11.38 28.69 11.84
C ALA A 33 9.90 29.01 12.08
N ASN A 34 9.54 30.29 12.05
CA ASN A 34 8.17 30.71 12.29
C ASN A 34 7.38 30.90 10.99
N PHE A 35 7.69 30.11 9.96
CA PHE A 35 6.93 30.13 8.72
C PHE A 35 5.53 29.58 8.96
N THR A 36 4.55 30.17 8.27
CA THR A 36 3.15 29.81 8.43
C THR A 36 2.70 28.93 7.27
N PHE A 37 2.36 27.68 7.56
CA PHE A 37 1.71 26.83 6.57
C PHE A 37 0.21 26.94 6.77
N GLY A 38 -0.48 27.53 5.78
CA GLY A 38 -1.91 27.76 5.88
C GLY A 38 -2.78 27.15 4.80
N VAL A 39 -4.05 27.55 4.81
CA VAL A 39 -5.04 27.04 3.88
C VAL A 39 -6.19 28.04 3.88
N SER A 40 -6.90 28.14 2.76
CA SER A 40 -7.77 29.28 2.52
C SER A 40 -9.15 28.85 2.04
N THR A 41 -10.16 29.61 2.47
CA THR A 41 -11.46 29.61 1.82
C THR A 41 -11.92 31.06 1.72
N SER A 42 -13.03 31.26 1.02
CA SER A 42 -13.74 32.53 1.05
C SER A 42 -15.23 32.26 1.23
N ALA A 43 -15.93 33.25 1.79
CA ALA A 43 -17.27 33.02 2.31
C ALA A 43 -18.22 32.47 1.25
N PHE A 44 -18.38 33.19 0.14
CA PHE A 44 -19.43 32.83 -0.80
C PHE A 44 -19.23 31.48 -1.47
N PRO A 45 -18.03 31.11 -1.94
CA PRO A 45 -17.86 29.77 -2.54
C PRO A 45 -18.19 28.62 -1.61
N THR A 46 -18.15 28.81 -0.29
CA THR A 46 -18.20 27.67 0.62
C THR A 46 -19.26 27.73 1.71
N GLU A 47 -19.77 28.90 2.08
CA GLU A 47 -20.55 29.00 3.32
C GLU A 47 -21.95 28.39 3.18
N GLY A 48 -22.58 28.58 2.02
CA GLY A 48 -23.98 28.22 1.98
C GLY A 48 -24.78 29.14 2.90
N ALA A 49 -25.94 28.63 3.32
CA ALA A 49 -26.83 29.38 4.21
C ALA A 49 -27.02 30.81 3.72
N TRP A 50 -27.33 30.95 2.44
CA TRP A 50 -27.31 32.26 1.79
C TRP A 50 -28.37 33.21 2.35
N ASP A 51 -29.38 32.68 3.04
CA ASP A 51 -30.37 33.53 3.68
C ASP A 51 -30.81 32.95 5.02
N ALA A 52 -29.92 32.21 5.68
CA ALA A 52 -30.23 31.70 7.01
C ALA A 52 -29.91 32.76 8.05
N ASP A 53 -30.74 32.81 9.10
CA ASP A 53 -30.48 33.65 10.27
C ASP A 53 -30.32 35.12 9.90
N GLY A 54 -31.13 35.58 8.95
CA GLY A 54 -31.21 37.00 8.67
C GLY A 54 -30.13 37.57 7.77
N LYS A 55 -29.31 36.74 7.13
CA LYS A 55 -28.33 37.25 6.18
C LYS A 55 -29.00 37.89 4.98
N GLY A 56 -28.48 39.04 4.56
CA GLY A 56 -28.97 39.72 3.38
C GLY A 56 -28.32 39.22 2.11
N PRO A 57 -28.92 39.52 0.96
CA PRO A 57 -28.34 39.07 -0.30
C PRO A 57 -27.07 39.82 -0.67
N SER A 58 -26.12 39.11 -1.26
CA SER A 58 -24.92 39.70 -1.84
C SER A 58 -25.07 39.86 -3.35
N ILE A 59 -24.15 40.59 -3.95
CA ILE A 59 -24.15 40.70 -5.41
C ILE A 59 -23.88 39.35 -6.06
N TRP A 60 -23.25 38.41 -5.35
CA TRP A 60 -23.00 37.11 -5.94
C TRP A 60 -24.25 36.22 -5.87
N ASP A 61 -25.08 36.40 -4.84
CA ASP A 61 -26.39 35.74 -4.84
C ASP A 61 -27.21 36.17 -6.05
N THR A 62 -27.24 37.48 -6.32
CA THR A 62 -27.98 37.99 -7.47
C THR A 62 -27.33 37.58 -8.78
N PHE A 63 -25.99 37.61 -8.84
CA PHE A 63 -25.29 37.27 -10.08
C PHE A 63 -25.52 35.82 -10.46
N THR A 64 -25.37 34.89 -9.51
CA THR A 64 -25.50 33.48 -9.82
C THR A 64 -26.95 33.05 -10.05
N SER A 65 -27.91 33.92 -9.80
CA SER A 65 -29.28 33.55 -10.10
C SER A 65 -29.58 33.54 -11.59
N ASP A 66 -28.60 33.93 -12.42
CA ASP A 66 -28.69 33.89 -13.87
C ASP A 66 -27.74 32.79 -14.36
N SER A 67 -28.32 31.70 -14.86
CA SER A 67 -27.52 30.52 -15.23
C SER A 67 -26.44 30.89 -16.24
N SER A 68 -26.73 31.80 -17.16
CA SER A 68 -25.75 32.17 -18.19
C SER A 68 -24.47 32.75 -17.60
N HIS A 69 -24.50 33.21 -16.35
CA HIS A 69 -23.29 33.74 -15.72
C HIS A 69 -22.38 32.65 -15.18
N VAL A 70 -22.86 31.41 -15.08
CA VAL A 70 -22.14 30.35 -14.36
C VAL A 70 -21.91 29.17 -15.31
N THR A 71 -20.65 28.77 -15.42
CA THR A 71 -20.32 27.54 -16.14
C THR A 71 -21.02 26.36 -15.47
N GLY A 72 -21.80 25.62 -16.24
CA GLY A 72 -22.46 24.45 -15.73
C GLY A 72 -23.66 24.71 -14.85
N GLY A 73 -24.10 25.96 -14.75
CA GLY A 73 -25.26 26.26 -13.94
C GLY A 73 -25.05 25.95 -12.46
N GLY A 74 -26.16 25.88 -11.73
CA GLY A 74 -26.15 25.65 -10.31
C GLY A 74 -25.94 26.94 -9.54
N ASP A 75 -26.09 26.84 -8.22
CA ASP A 75 -25.96 27.98 -7.33
C ASP A 75 -25.25 27.56 -6.04
N ALA A 76 -24.84 28.57 -5.27
CA ALA A 76 -24.13 28.38 -4.02
C ALA A 76 -25.04 28.55 -2.81
N LYS A 77 -26.35 28.34 -2.98
CA LYS A 77 -27.27 28.51 -1.87
C LYS A 77 -26.91 27.60 -0.69
N GLN A 78 -26.36 26.42 -0.97
CA GLN A 78 -25.85 25.53 0.07
C GLN A 78 -24.36 25.23 -0.11
N SER A 79 -23.95 24.83 -1.31
CA SER A 79 -22.54 24.56 -1.66
C SER A 79 -21.94 23.65 -0.58
N ALA A 80 -20.75 23.95 -0.06
CA ALA A 80 -20.09 23.10 0.92
C ALA A 80 -20.68 23.22 2.32
N ASP A 81 -21.61 24.15 2.54
CA ASP A 81 -22.35 24.26 3.80
C ASP A 81 -21.40 24.43 5.00
N THR A 82 -20.35 25.23 4.84
CA THR A 82 -19.43 25.44 5.96
C THR A 82 -20.10 26.16 7.13
N TYR A 83 -21.21 26.85 6.88
CA TYR A 83 -21.97 27.47 7.97
C TYR A 83 -22.43 26.45 9.01
N ASN A 84 -22.51 25.17 8.62
CA ASN A 84 -23.02 24.12 9.50
C ASN A 84 -21.98 23.02 9.72
N HIS A 85 -20.70 23.30 9.48
CA HIS A 85 -19.67 22.28 9.62
C HIS A 85 -18.41 22.81 10.31
N VAL A 86 -18.54 23.85 11.14
CA VAL A 86 -17.37 24.43 11.80
C VAL A 86 -16.60 23.37 12.58
N ASP A 87 -17.31 22.56 13.37
CA ASP A 87 -16.66 21.50 14.15
C ASP A 87 -15.91 20.53 13.25
N ASP A 88 -16.57 20.07 12.19
CA ASP A 88 -15.93 19.13 11.27
C ASP A 88 -14.76 19.77 10.53
N ASP A 89 -14.93 21.03 10.10
CA ASP A 89 -13.89 21.67 9.29
C ASP A 89 -12.65 22.03 10.12
N VAL A 90 -12.84 22.42 11.38
CA VAL A 90 -11.68 22.64 12.25
C VAL A 90 -10.94 21.33 12.52
N THR A 91 -11.67 20.21 12.58
CA THR A 91 -11.00 18.92 12.73
C THR A 91 -10.11 18.64 11.53
N LEU A 92 -10.58 18.95 10.32
CA LEU A 92 -9.74 18.82 9.14
C LEU A 92 -8.50 19.71 9.21
N LEU A 93 -8.65 20.91 9.77
CA LEU A 93 -7.52 21.82 9.94
C LEU A 93 -6.52 21.26 10.95
N LYS A 94 -7.02 20.67 12.03
CA LYS A 94 -6.12 19.96 12.94
C LYS A 94 -5.44 18.76 12.26
N ASP A 95 -6.12 18.07 11.35
CA ASP A 95 -5.50 16.91 10.69
C ASP A 95 -4.33 17.31 9.80
N LEU A 96 -4.48 18.43 9.06
CA LEU A 96 -3.42 18.90 8.18
C LEU A 96 -2.21 19.38 8.98
N GLY A 97 -2.45 20.02 10.12
CA GLY A 97 -1.38 20.63 10.88
C GLY A 97 -1.06 22.05 10.50
N VAL A 98 -1.93 22.73 9.74
CA VAL A 98 -1.68 24.11 9.37
C VAL A 98 -1.53 25.00 10.61
N SER A 99 -0.71 26.04 10.49
CA SER A 99 -0.55 27.02 11.57
C SER A 99 -1.69 28.03 11.58
N SER A 100 -2.28 28.34 10.42
CA SER A 100 -3.27 29.39 10.30
C SER A 100 -4.31 28.99 9.27
N TYR A 101 -5.41 29.75 9.26
CA TYR A 101 -6.55 29.48 8.40
C TYR A 101 -7.07 30.81 7.89
N LYS A 102 -7.09 30.98 6.57
CA LYS A 102 -7.60 32.22 5.98
C LYS A 102 -9.05 32.01 5.57
N PHE A 103 -9.93 32.87 6.07
CA PHE A 103 -11.34 32.83 5.70
C PHE A 103 -11.87 34.24 5.57
N SER A 104 -13.10 34.34 5.07
CA SER A 104 -13.73 35.62 4.73
C SER A 104 -14.98 35.80 5.57
N ILE A 105 -15.20 37.04 6.00
CA ILE A 105 -16.45 37.42 6.65
C ILE A 105 -17.40 37.96 5.59
N SER A 106 -18.66 37.55 5.63
CA SER A 106 -19.66 38.00 4.67
C SER A 106 -20.26 39.30 5.16
N TRP A 107 -19.97 40.40 4.46
CA TRP A 107 -20.61 41.68 4.74
C TRP A 107 -22.12 41.56 4.89
N PRO A 108 -22.88 40.99 3.95
CA PRO A 108 -24.34 40.92 4.12
C PRO A 108 -24.78 39.98 5.23
N ARG A 109 -23.87 39.18 5.80
CA ARG A 109 -24.23 38.36 6.95
C ARG A 109 -24.07 39.11 8.27
N ILE A 110 -23.17 40.09 8.29
CA ILE A 110 -23.03 40.98 9.45
C ILE A 110 -23.99 42.17 9.34
N PHE A 111 -24.00 42.83 8.19
CA PHE A 111 -24.89 43.97 7.93
C PHE A 111 -25.79 43.61 6.75
N PRO A 112 -26.97 43.00 7.01
CA PRO A 112 -27.85 42.58 5.91
C PRO A 112 -28.17 43.65 4.87
N ASN A 113 -28.20 44.94 5.21
CA ASN A 113 -28.38 45.97 4.19
C ASN A 113 -27.15 46.84 4.00
N GLY A 114 -26.01 46.44 4.56
CA GLY A 114 -24.76 47.15 4.36
C GLY A 114 -24.44 48.21 5.39
N THR A 115 -25.43 48.71 6.12
CA THR A 115 -25.23 49.74 7.13
C THR A 115 -25.16 49.12 8.53
N LYS A 116 -24.53 49.85 9.44
CA LYS A 116 -24.32 49.35 10.81
C LYS A 116 -25.62 49.21 11.58
N GLU A 117 -26.70 49.83 11.13
CA GLU A 117 -28.00 49.69 11.79
C GLU A 117 -28.62 48.31 11.61
N SER A 118 -28.11 47.50 10.68
CA SER A 118 -28.67 46.19 10.39
C SER A 118 -27.96 45.06 11.13
N VAL A 119 -27.06 45.38 12.06
CA VAL A 119 -26.17 44.39 12.68
C VAL A 119 -26.94 43.15 13.12
N ASN A 120 -26.58 42.01 12.54
CA ASN A 120 -27.30 40.75 12.75
C ASN A 120 -26.51 39.88 13.72
N GLN A 121 -26.98 39.80 14.97
CA GLN A 121 -26.24 39.10 16.01
C GLN A 121 -25.99 37.64 15.66
N LYS A 122 -26.89 37.02 14.94
CA LYS A 122 -26.75 35.59 14.59
C LYS A 122 -25.58 35.42 13.60
N GLY A 123 -25.39 36.37 12.68
CA GLY A 123 -24.21 36.36 11.83
C GLY A 123 -22.94 36.63 12.61
N VAL A 124 -23.00 37.55 13.57
CA VAL A 124 -21.87 37.80 14.44
C VAL A 124 -21.54 36.55 15.25
N ASN A 125 -22.57 35.80 15.64
CA ASN A 125 -22.33 34.61 16.45
C ASN A 125 -21.58 33.53 15.67
N PHE A 126 -21.90 33.38 14.38
CA PHE A 126 -21.26 32.34 13.60
C PHE A 126 -19.75 32.53 13.55
N TYR A 127 -19.30 33.74 13.22
CA TYR A 127 -17.87 33.96 13.09
C TYR A 127 -17.17 33.91 14.45
N ASN A 128 -17.85 34.32 15.53
CA ASN A 128 -17.27 34.14 16.86
C ASN A 128 -17.03 32.67 17.14
N THR A 129 -17.99 31.81 16.79
CA THR A 129 -17.82 30.38 16.98
C THR A 129 -16.60 29.86 16.25
N LEU A 130 -16.41 30.31 15.00
CA LEU A 130 -15.28 29.84 14.21
C LEU A 130 -13.97 30.36 14.77
N ILE A 131 -13.92 31.63 15.14
CA ILE A 131 -12.68 32.20 15.68
C ILE A 131 -12.34 31.55 17.01
N ASP A 132 -13.34 31.30 17.86
CA ASP A 132 -13.06 30.69 19.15
C ASP A 132 -12.57 29.25 18.98
N LYS A 133 -13.20 28.49 18.07
CA LYS A 133 -12.82 27.10 17.86
C LYS A 133 -11.45 26.99 17.22
N LEU A 134 -11.10 27.94 16.35
CA LEU A 134 -9.77 27.95 15.74
C LEU A 134 -8.69 28.14 16.79
N LEU A 135 -8.89 29.09 17.71
CA LEU A 135 -7.87 29.39 18.71
C LEU A 135 -7.79 28.30 19.77
N ALA A 136 -8.92 27.64 20.07
CA ALA A 136 -8.90 26.52 21.01
C ALA A 136 -8.05 25.36 20.50
N ASN A 137 -7.87 25.26 19.18
CA ASN A 137 -7.04 24.25 18.57
C ASN A 137 -5.73 24.83 18.03
N GLN A 138 -5.35 26.02 18.51
CA GLN A 138 -4.05 26.64 18.21
C GLN A 138 -3.88 27.00 16.74
N ILE A 139 -4.94 27.49 16.11
CA ILE A 139 -4.91 27.85 14.69
C ILE A 139 -5.17 29.34 14.55
N THR A 140 -4.23 30.05 13.95
CA THR A 140 -4.31 31.50 13.85
C THR A 140 -5.34 31.92 12.81
N PRO A 141 -6.32 32.76 13.15
CA PRO A 141 -7.24 33.27 12.14
C PRO A 141 -6.55 34.30 11.23
N PHE A 142 -6.82 34.18 9.94
CA PHE A 142 -6.32 35.12 8.92
C PHE A 142 -7.55 35.62 8.20
N VAL A 143 -8.14 36.71 8.69
CA VAL A 143 -9.52 37.06 8.36
C VAL A 143 -9.58 38.13 7.28
N SER A 144 -10.32 37.85 6.21
CA SER A 144 -10.57 38.77 5.12
C SER A 144 -11.93 39.46 5.30
N LEU A 145 -11.95 40.78 5.10
CA LEU A 145 -13.19 41.53 5.29
C LEU A 145 -14.04 41.53 4.03
N TYR A 146 -13.43 41.68 2.87
CA TYR A 146 -14.17 41.75 1.61
C TYR A 146 -13.57 40.78 0.59
N TYR A 147 -14.20 39.62 0.46
CA TYR A 147 -13.90 38.75 -0.66
C TYR A 147 -15.08 38.74 -1.63
N TRP A 148 -15.41 39.91 -2.17
CA TRP A 148 -16.35 40.15 -3.26
C TRP A 148 -17.81 40.10 -2.80
N ASP A 149 -18.07 39.76 -1.53
CA ASP A 149 -19.42 39.61 -0.98
C ASP A 149 -20.17 40.93 -0.82
N LEU A 150 -20.17 41.81 -1.82
CA LEU A 150 -20.78 43.14 -1.63
C LEU A 150 -22.28 43.01 -1.42
N PRO A 151 -22.84 43.56 -0.34
CA PRO A 151 -24.29 43.47 -0.12
C PRO A 151 -25.07 44.06 -1.27
N GLN A 152 -26.18 43.40 -1.63
CA GLN A 152 -26.97 43.85 -2.77
C GLN A 152 -27.56 45.24 -2.55
N ASP A 153 -27.87 45.59 -1.30
CA ASP A 153 -28.49 46.89 -1.05
C ASP A 153 -27.53 48.03 -1.38
N LEU A 154 -26.24 47.83 -1.12
CA LEU A 154 -25.26 48.86 -1.45
C LEU A 154 -25.05 48.95 -2.96
N GLN A 155 -25.00 47.81 -3.64
CA GLN A 155 -24.92 47.83 -5.10
C GLN A 155 -26.11 48.55 -5.69
N ASP A 156 -27.31 48.36 -5.11
CA ASP A 156 -28.50 49.03 -5.60
C ASP A 156 -28.35 50.54 -5.59
N LYS A 157 -27.42 51.07 -4.80
CA LYS A 157 -27.20 52.50 -4.69
C LYS A 157 -25.90 52.95 -5.36
N GLY A 158 -25.34 52.12 -6.24
CA GLY A 158 -24.16 52.47 -7.01
C GLY A 158 -23.00 51.52 -6.85
N GLY A 159 -22.90 50.87 -5.70
CA GLY A 159 -21.78 49.97 -5.49
C GLY A 159 -20.47 50.72 -5.38
N TRP A 160 -19.38 50.03 -5.73
CA TRP A 160 -18.04 50.60 -5.59
C TRP A 160 -17.81 51.81 -6.48
N SER A 161 -18.64 52.03 -7.50
CA SER A 161 -18.49 53.22 -8.32
C SER A 161 -18.76 54.50 -7.54
N LYS A 162 -19.46 54.40 -6.42
CA LYS A 162 -19.90 55.57 -5.69
C LYS A 162 -18.91 55.92 -4.58
N ASP A 163 -18.77 57.24 -4.34
CA ASP A 163 -17.88 57.75 -3.31
C ASP A 163 -18.38 57.41 -1.90
N GLU A 164 -19.66 57.13 -1.75
CA GLU A 164 -20.20 56.68 -0.48
C GLU A 164 -19.66 55.33 -0.06
N SER A 165 -19.04 54.57 -0.98
CA SER A 165 -18.62 53.21 -0.67
C SER A 165 -17.41 53.20 0.26
N VAL A 166 -16.59 54.25 0.24
CA VAL A 166 -15.50 54.34 1.21
C VAL A 166 -16.06 54.38 2.63
N ALA A 167 -17.13 55.16 2.85
CA ALA A 167 -17.72 55.25 4.18
C ALA A 167 -18.40 53.94 4.57
N TRP A 168 -19.21 53.36 3.66
CA TRP A 168 -19.84 52.07 3.92
C TRP A 168 -18.82 51.06 4.43
N PHE A 169 -17.71 50.93 3.72
CA PHE A 169 -16.67 49.97 4.11
C PHE A 169 -16.05 50.35 5.45
N GLY A 170 -15.82 51.64 5.69
CA GLY A 170 -15.20 52.06 6.93
C GLY A 170 -16.03 51.68 8.15
N ASP A 171 -17.34 51.95 8.10
CA ASP A 171 -18.20 51.55 9.21
C ASP A 171 -18.20 50.05 9.40
N TYR A 172 -18.16 49.31 8.29
CA TYR A 172 -18.20 47.85 8.37
C TYR A 172 -16.89 47.29 8.92
N ALA A 173 -15.75 47.80 8.45
CA ALA A 173 -14.47 47.36 8.98
C ALA A 173 -14.32 47.72 10.45
N ASP A 174 -14.73 48.94 10.82
CA ASP A 174 -14.68 49.37 12.21
C ASP A 174 -15.44 48.40 13.11
N PHE A 175 -16.56 47.87 12.61
CA PHE A 175 -17.35 46.95 13.42
C PHE A 175 -16.59 45.66 13.68
N CYS A 176 -16.03 45.04 12.63
CA CYS A 176 -15.33 43.78 12.78
C CYS A 176 -14.09 43.92 13.65
N PHE A 177 -13.40 45.05 13.55
CA PHE A 177 -12.23 45.31 14.39
C PHE A 177 -12.61 45.30 15.88
N LYS A 178 -13.67 46.02 16.26
CA LYS A 178 -14.03 46.06 17.67
C LYS A 178 -14.78 44.82 18.11
N THR A 179 -15.35 44.06 17.18
CA THR A 179 -16.09 42.86 17.59
C THR A 179 -15.20 41.62 17.62
N PHE A 180 -14.32 41.45 16.64
CA PHE A 180 -13.46 40.26 16.59
C PHE A 180 -12.00 40.55 16.84
N GLY A 181 -11.60 41.83 16.92
CA GLY A 181 -10.19 42.18 16.95
C GLY A 181 -9.45 41.75 18.21
N ASN A 182 -10.16 41.46 19.30
CA ASN A 182 -9.47 40.99 20.50
C ASN A 182 -8.89 39.59 20.30
N ARG A 183 -9.40 38.83 19.34
CA ARG A 183 -8.88 37.51 19.00
C ARG A 183 -8.22 37.45 17.63
N VAL A 184 -8.76 38.16 16.65
CA VAL A 184 -8.18 38.17 15.30
C VAL A 184 -7.02 39.17 15.27
N LYS A 185 -5.85 38.69 14.84
CA LYS A 185 -4.65 39.52 14.79
C LYS A 185 -4.06 39.66 13.39
N ARG A 186 -4.68 39.07 12.37
CA ARG A 186 -4.24 39.20 10.98
C ARG A 186 -5.46 39.55 10.13
N TRP A 187 -5.42 40.72 9.50
CA TRP A 187 -6.56 41.25 8.75
C TRP A 187 -6.21 41.46 7.30
N VAL A 188 -7.15 41.18 6.41
CA VAL A 188 -7.04 41.50 4.99
C VAL A 188 -8.23 42.38 4.64
N THR A 189 -7.96 43.65 4.29
CA THR A 189 -9.03 44.60 4.00
C THR A 189 -9.82 44.16 2.78
N ILE A 190 -9.14 43.99 1.64
CA ILE A 190 -9.77 43.71 0.36
C ILE A 190 -8.97 42.61 -0.34
N ASP A 191 -9.66 41.60 -0.87
CA ASP A 191 -9.02 40.51 -1.58
C ASP A 191 -9.14 40.74 -3.08
N ASP A 192 -8.00 40.86 -3.75
CA ASP A 192 -7.95 40.89 -5.21
C ASP A 192 -8.79 42.02 -5.79
N PRO A 193 -8.40 43.28 -5.59
CA PRO A 193 -9.17 44.39 -6.18
C PRO A 193 -9.20 44.36 -7.71
N PHE A 194 -8.21 43.73 -8.34
CA PHE A 194 -8.19 43.66 -9.79
C PHE A 194 -9.43 42.94 -10.32
N SER A 195 -9.78 41.79 -9.70
CA SER A 195 -10.96 41.07 -10.15
C SER A 195 -12.24 41.83 -9.82
N VAL A 196 -12.28 42.49 -8.66
CA VAL A 196 -13.46 43.26 -8.29
C VAL A 196 -13.71 44.36 -9.31
N ALA A 197 -12.66 45.08 -9.70
CA ALA A 197 -12.82 46.19 -10.64
C ALA A 197 -12.97 45.69 -12.07
N TYR A 198 -11.95 45.00 -12.58
CA TYR A 198 -11.94 44.63 -13.99
C TYR A 198 -12.96 43.54 -14.31
N LYS A 199 -12.88 42.39 -13.62
CA LYS A 199 -13.75 41.27 -13.95
C LYS A 199 -15.20 41.54 -13.57
N GLY A 200 -15.45 42.47 -12.63
CA GLY A 200 -16.78 42.71 -12.14
C GLY A 200 -17.47 43.90 -12.77
N HIS A 201 -16.70 44.75 -13.46
CA HIS A 201 -17.26 45.96 -14.03
C HIS A 201 -16.87 46.24 -15.47
N GLU A 202 -15.93 45.49 -16.06
CA GLU A 202 -15.54 45.68 -17.46
C GLU A 202 -16.07 44.54 -18.32
N THR A 203 -15.59 43.32 -18.12
CA THR A 203 -16.05 42.19 -18.91
C THR A 203 -17.36 41.60 -18.39
N GLY A 204 -17.68 41.83 -17.12
CA GLY A 204 -18.91 41.32 -16.55
C GLY A 204 -18.90 39.85 -16.23
N GLU A 205 -17.74 39.20 -16.22
CA GLU A 205 -17.70 37.77 -15.93
C GLU A 205 -17.89 37.48 -14.45
N GLN A 206 -17.68 38.46 -13.57
CA GLN A 206 -17.96 38.29 -12.15
C GLN A 206 -18.98 39.34 -11.71
N ALA A 207 -19.53 39.13 -10.51
CA ALA A 207 -20.52 40.05 -9.97
C ALA A 207 -19.90 41.43 -9.77
N PRO A 208 -20.66 42.51 -10.00
CA PRO A 208 -22.09 42.53 -10.34
C PRO A 208 -22.41 42.45 -11.84
N GLY A 209 -21.48 41.97 -12.65
CA GLY A 209 -21.78 41.79 -14.06
C GLY A 209 -21.87 43.08 -14.86
N VAL A 210 -21.35 44.19 -14.34
CA VAL A 210 -21.31 45.44 -15.09
C VAL A 210 -20.31 45.31 -16.23
N LYS A 211 -20.63 45.94 -17.37
CA LYS A 211 -19.75 45.95 -18.54
C LYS A 211 -19.61 47.39 -19.00
N ASN A 212 -18.64 48.11 -18.42
CA ASN A 212 -18.43 49.52 -18.74
C ASN A 212 -16.96 49.84 -18.51
N VAL A 213 -16.23 50.10 -19.59
CA VAL A 213 -14.80 50.34 -19.50
C VAL A 213 -14.45 51.61 -18.73
N SER A 214 -15.42 52.50 -18.53
CA SER A 214 -15.18 53.76 -17.83
C SER A 214 -15.43 53.65 -16.33
N VAL A 215 -15.85 52.48 -15.84
CA VAL A 215 -16.17 52.32 -14.42
C VAL A 215 -14.98 51.69 -13.71
N THR A 216 -14.22 50.86 -14.44
CA THR A 216 -13.25 49.97 -13.80
C THR A 216 -12.21 50.75 -13.01
N TYR A 217 -11.63 51.80 -13.61
CA TYR A 217 -10.60 52.56 -12.91
C TYR A 217 -11.17 53.33 -11.74
N LYS A 218 -12.44 53.73 -11.80
CA LYS A 218 -13.07 54.39 -10.66
C LYS A 218 -13.35 53.39 -9.54
N VAL A 219 -13.66 52.14 -9.88
CA VAL A 219 -13.89 51.13 -8.85
C VAL A 219 -12.58 50.78 -8.13
N GLY A 220 -11.52 50.55 -8.91
CA GLY A 220 -10.22 50.31 -8.29
C GLY A 220 -9.77 51.47 -7.43
N HIS A 221 -10.08 52.69 -7.86
CA HIS A 221 -9.76 53.88 -7.07
C HIS A 221 -10.43 53.84 -5.70
N ASN A 222 -11.73 53.52 -5.68
CA ASN A 222 -12.46 53.51 -4.42
C ASN A 222 -12.09 52.29 -3.56
N LEU A 223 -11.74 51.16 -4.19
CA LEU A 223 -11.26 50.02 -3.41
C LEU A 223 -9.97 50.39 -2.67
N LEU A 224 -9.09 51.14 -3.31
CA LEU A 224 -7.87 51.58 -2.66
C LEU A 224 -8.18 52.59 -1.56
N LEU A 225 -9.19 53.44 -1.78
CA LEU A 225 -9.58 54.40 -0.76
C LEU A 225 -10.29 53.72 0.41
N ALA A 226 -11.08 52.68 0.11
CA ALA A 226 -11.74 51.94 1.17
C ALA A 226 -10.73 51.18 2.02
N HIS A 227 -9.75 50.54 1.37
CA HIS A 227 -8.70 49.86 2.11
C HIS A 227 -7.91 50.85 2.96
N ALA A 228 -7.66 52.04 2.43
CA ALA A 228 -6.91 53.04 3.19
C ALA A 228 -7.70 53.51 4.41
N GLU A 229 -9.02 53.71 4.25
CA GLU A 229 -9.84 54.11 5.38
C GLU A 229 -9.93 53.01 6.42
N ALA A 230 -9.96 51.75 5.99
CA ALA A 230 -9.90 50.64 6.94
C ALA A 230 -8.57 50.61 7.67
N TYR A 231 -7.46 50.78 6.95
CA TYR A 231 -6.15 50.78 7.61
C TYR A 231 -6.01 51.96 8.57
N ARG A 232 -6.50 53.14 8.18
CA ARG A 232 -6.41 54.31 9.06
C ARG A 232 -7.22 54.07 10.33
N ILE A 233 -8.44 53.57 10.19
CA ILE A 233 -9.28 53.30 11.35
C ILE A 233 -8.58 52.36 12.32
N TYR A 234 -7.86 51.36 11.79
CA TYR A 234 -7.24 50.39 12.68
C TYR A 234 -6.04 50.99 13.43
N LYS A 235 -5.18 51.71 12.71
CA LYS A 235 -3.98 52.25 13.35
C LYS A 235 -4.32 53.22 14.48
N ASP A 236 -5.42 53.95 14.35
CA ASP A 236 -5.71 55.00 15.31
C ASP A 236 -6.61 54.55 16.44
N ASN A 237 -7.50 53.60 16.18
CA ASN A 237 -8.48 53.20 17.19
C ASN A 237 -8.26 51.81 17.78
N TYR A 238 -7.50 50.94 17.12
CA TYR A 238 -7.45 49.55 17.55
C TYR A 238 -6.05 48.93 17.66
N ARG A 239 -5.02 49.50 17.04
CA ARG A 239 -3.74 48.80 16.99
C ARG A 239 -3.05 48.76 18.35
N THR A 240 -3.11 49.86 19.09
CA THR A 240 -2.36 49.93 20.35
C THR A 240 -2.83 48.89 21.34
N VAL A 241 -4.13 48.64 21.39
CA VAL A 241 -4.67 47.64 22.32
C VAL A 241 -4.60 46.23 21.75
N GLN A 242 -4.88 46.07 20.45
CA GLN A 242 -5.08 44.73 19.91
C GLN A 242 -3.80 44.12 19.34
N LYS A 243 -2.84 44.95 18.92
CA LYS A 243 -1.52 44.49 18.50
C LYS A 243 -1.61 43.46 17.38
N GLY A 244 -2.42 43.78 16.37
CA GLY A 244 -2.53 42.97 15.18
C GLY A 244 -1.97 43.68 13.96
N GLU A 245 -2.03 42.97 12.84
CA GLU A 245 -1.52 43.47 11.56
C GLU A 245 -2.67 43.56 10.55
N VAL A 246 -2.55 44.51 9.63
CA VAL A 246 -3.56 44.75 8.61
C VAL A 246 -2.87 44.87 7.26
N GLY A 247 -3.32 44.07 6.29
CA GLY A 247 -2.76 44.12 4.96
C GLY A 247 -3.83 44.08 3.89
N ILE A 248 -3.36 44.10 2.64
CA ILE A 248 -4.19 43.89 1.48
C ILE A 248 -3.60 42.70 0.72
N SER A 249 -4.45 42.02 -0.04
CA SER A 249 -4.01 40.91 -0.87
C SER A 249 -4.27 41.24 -2.33
N LEU A 250 -3.28 40.99 -3.17
CA LEU A 250 -3.37 41.31 -4.59
C LEU A 250 -3.10 40.06 -5.41
N SER A 251 -3.73 40.01 -6.58
CA SER A 251 -3.54 38.89 -7.49
C SER A 251 -2.60 39.29 -8.61
N SER A 252 -1.78 38.34 -9.05
CA SER A 252 -0.88 38.62 -10.16
C SER A 252 -0.46 37.31 -10.80
N GLU A 253 -0.53 37.26 -12.13
CA GLU A 253 0.21 36.26 -12.86
C GLU A 253 1.66 36.71 -13.02
N TRP A 254 2.53 35.78 -13.42
CA TRP A 254 3.87 36.14 -13.84
C TRP A 254 3.93 36.15 -15.37
N TYR A 255 4.52 37.20 -15.94
CA TYR A 255 4.54 37.39 -17.38
C TYR A 255 5.96 37.25 -17.90
N VAL A 256 6.17 36.25 -18.74
CA VAL A 256 7.47 35.98 -19.36
C VAL A 256 7.42 36.47 -20.80
N PRO A 257 8.42 37.24 -21.26
CA PRO A 257 8.37 37.78 -22.62
C PRO A 257 8.42 36.67 -23.66
N LYS A 258 7.68 36.85 -24.76
CA LYS A 258 7.61 35.82 -25.79
C LYS A 258 8.95 35.66 -26.51
N THR A 259 9.67 36.75 -26.72
CA THR A 259 11.01 36.72 -27.29
C THR A 259 11.94 37.51 -26.38
N THR A 260 13.22 37.53 -26.73
CA THR A 260 14.19 38.34 -26.01
C THR A 260 14.25 39.78 -26.51
N GLY A 261 13.42 40.14 -27.48
CA GLY A 261 13.42 41.50 -27.98
C GLY A 261 12.94 42.49 -26.95
N VAL A 262 13.55 43.68 -26.97
CA VAL A 262 13.24 44.70 -25.97
C VAL A 262 11.76 45.05 -25.97
N SER A 263 11.13 45.05 -27.15
CA SER A 263 9.69 45.32 -27.22
C SER A 263 8.91 44.39 -26.31
N ASP A 264 9.16 43.08 -26.40
CA ASP A 264 8.38 42.10 -25.63
C ASP A 264 8.78 42.06 -24.15
N VAL A 265 10.06 42.27 -23.85
CA VAL A 265 10.50 42.31 -22.46
C VAL A 265 9.81 43.45 -21.72
N MET A 266 9.58 44.57 -22.40
CA MET A 266 8.88 45.70 -21.81
C MET A 266 7.37 45.59 -21.91
N ALA A 267 6.85 44.73 -22.80
CA ALA A 267 5.43 44.42 -22.77
C ALA A 267 5.10 43.53 -21.59
N ALA A 268 5.98 42.58 -21.27
CA ALA A 268 5.77 41.72 -20.11
C ALA A 268 5.81 42.55 -18.83
N ARG A 269 6.75 43.48 -18.75
CA ARG A 269 6.89 44.32 -17.55
C ARG A 269 5.72 45.30 -17.49
N ARG A 270 5.23 45.74 -18.64
CA ARG A 270 4.08 46.63 -18.66
C ARG A 270 2.82 45.93 -18.18
N ALA A 271 2.66 44.65 -18.52
CA ALA A 271 1.49 43.91 -18.04
C ALA A 271 1.54 43.71 -16.53
N MET A 272 2.75 43.51 -15.98
CA MET A 272 2.92 43.46 -14.53
C MET A 272 2.57 44.79 -13.90
N THR A 273 2.87 45.88 -14.59
CA THR A 273 2.53 47.20 -14.08
C THR A 273 1.01 47.44 -14.05
N PHE A 274 0.31 47.07 -15.11
CA PHE A 274 -1.11 47.37 -15.20
C PHE A 274 -1.93 46.46 -14.29
N ARG A 275 -1.39 45.29 -13.94
CA ARG A 275 -2.12 44.29 -13.17
C ARG A 275 -1.77 44.34 -11.69
N LEU A 276 -0.50 44.47 -11.36
CA LEU A 276 -0.07 44.47 -9.96
C LEU A 276 0.28 45.85 -9.45
N GLY A 277 1.00 46.66 -10.23
CA GLY A 277 1.35 48.00 -9.80
C GLY A 277 0.18 48.95 -9.75
N TRP A 278 -0.91 48.63 -10.44
CA TRP A 278 -2.15 49.40 -10.33
C TRP A 278 -2.54 49.63 -8.88
N PHE A 279 -2.27 48.65 -8.02
CA PHE A 279 -2.57 48.78 -6.60
C PHE A 279 -1.33 48.85 -5.71
N LEU A 280 -0.25 48.19 -6.10
CA LEU A 280 0.93 48.16 -5.24
C LEU A 280 1.63 49.51 -5.21
N GLU A 281 1.80 50.15 -6.37
CA GLU A 281 2.49 51.43 -6.40
C GLU A 281 1.76 52.51 -5.60
N PRO A 282 0.43 52.62 -5.64
CA PRO A 282 -0.22 53.58 -4.72
C PRO A 282 0.09 53.33 -3.26
N LEU A 283 0.20 52.07 -2.83
CA LEU A 283 0.44 51.79 -1.41
C LEU A 283 1.90 51.89 -1.02
N VAL A 284 2.82 51.86 -1.98
CA VAL A 284 4.24 51.90 -1.65
C VAL A 284 4.81 53.28 -1.93
N LYS A 285 4.63 53.75 -3.17
CA LYS A 285 5.17 55.04 -3.60
C LYS A 285 4.19 56.20 -3.42
N GLY A 286 2.89 55.92 -3.35
CA GLY A 286 1.91 56.94 -3.10
C GLY A 286 1.13 57.42 -4.31
N ASP A 287 1.21 56.73 -5.44
CA ASP A 287 0.56 57.18 -6.67
C ASP A 287 0.41 56.01 -7.61
N TYR A 288 -0.48 56.17 -8.60
CA TYR A 288 -0.56 55.21 -9.68
C TYR A 288 0.76 55.20 -10.47
N PRO A 289 1.12 54.07 -11.04
CA PRO A 289 2.38 54.02 -11.81
C PRO A 289 2.35 55.00 -12.98
N LEU A 290 3.44 55.76 -13.11
CA LEU A 290 3.50 56.80 -14.14
C LEU A 290 3.31 56.21 -15.55
N LEU A 291 3.87 55.03 -15.79
CA LEU A 291 3.66 54.36 -17.07
C LEU A 291 2.19 54.10 -17.31
N MET A 292 1.47 53.62 -16.28
CA MET A 292 0.04 53.38 -16.43
C MET A 292 -0.71 54.67 -16.71
N GLN A 293 -0.39 55.74 -15.98
CA GLN A 293 -1.07 57.02 -16.19
C GLN A 293 -0.91 57.51 -17.62
N GLN A 294 0.28 57.37 -18.19
CA GLN A 294 0.54 57.88 -19.54
C GLN A 294 -0.22 57.08 -20.60
N ARG A 295 -0.25 55.75 -20.46
CA ARG A 295 -0.86 54.90 -21.48
C ARG A 295 -2.37 55.12 -21.57
N VAL A 296 -3.04 55.32 -20.44
CA VAL A 296 -4.49 55.50 -20.48
C VAL A 296 -4.85 56.85 -21.07
N VAL A 297 -4.11 57.90 -20.74
CA VAL A 297 -4.38 59.21 -21.31
C VAL A 297 -4.05 59.21 -22.79
N ALA A 298 -3.10 58.37 -23.22
CA ALA A 298 -2.76 58.27 -24.64
C ALA A 298 -3.88 57.59 -25.43
N ALA A 299 -4.58 56.62 -24.82
CA ALA A 299 -5.58 55.84 -25.53
C ALA A 299 -7.00 56.30 -25.29
N ARG A 300 -7.24 57.23 -24.38
CA ARG A 300 -8.60 57.61 -24.01
C ARG A 300 -8.87 59.10 -24.03
N GLY A 301 -7.86 59.95 -23.96
CA GLY A 301 -8.05 61.38 -23.83
C GLY A 301 -7.77 61.85 -22.42
N THR A 302 -7.34 63.12 -22.31
CA THR A 302 -6.95 63.64 -21.01
C THR A 302 -8.13 63.74 -20.05
N ALA A 303 -9.36 63.85 -20.58
CA ALA A 303 -10.55 63.87 -19.74
C ALA A 303 -10.91 62.50 -19.19
N ASN A 304 -10.28 61.42 -19.67
CA ASN A 304 -10.65 60.06 -19.32
C ASN A 304 -9.47 59.27 -18.76
N GLY A 305 -8.54 59.94 -18.10
CA GLY A 305 -7.39 59.29 -17.50
C GLY A 305 -7.75 58.58 -16.20
N LEU A 306 -6.73 58.06 -15.54
CA LEU A 306 -6.93 57.45 -14.24
C LEU A 306 -7.33 58.53 -13.23
N PRO A 307 -8.08 58.15 -12.19
CA PRO A 307 -8.47 59.13 -11.18
C PRO A 307 -7.25 59.71 -10.47
N GLN A 308 -7.35 60.99 -10.13
CA GLN A 308 -6.29 61.66 -9.41
C GLN A 308 -6.47 61.46 -7.91
N PHE A 309 -5.36 61.25 -7.22
CA PHE A 309 -5.37 61.17 -5.76
C PHE A 309 -5.21 62.57 -5.18
N SER A 310 -6.02 62.88 -4.16
CA SER A 310 -5.83 64.14 -3.48
C SER A 310 -4.57 64.07 -2.62
N ALA A 311 -4.07 65.24 -2.24
CA ALA A 311 -2.92 65.28 -1.32
C ALA A 311 -3.24 64.50 -0.05
N GLY A 312 -4.45 64.65 0.47
CA GLY A 312 -4.90 63.83 1.59
C GLY A 312 -5.11 62.37 1.22
N ASP A 313 -5.56 62.10 -0.01
CA ASP A 313 -5.71 60.71 -0.44
C ASP A 313 -4.37 59.99 -0.47
N LYS A 314 -3.34 60.66 -1.02
CA LYS A 314 -2.02 60.06 -1.07
C LYS A 314 -1.47 59.83 0.33
N LEU A 315 -1.82 60.70 1.29
CA LEU A 315 -1.37 60.49 2.66
C LEU A 315 -2.01 59.26 3.27
N LYS A 316 -3.28 59.00 2.92
CA LYS A 316 -4.02 57.88 3.51
C LYS A 316 -3.62 56.55 2.87
N VAL A 317 -3.22 56.55 1.61
CA VAL A 317 -2.98 55.31 0.88
C VAL A 317 -1.55 54.83 1.03
N LYS A 318 -0.58 55.74 0.88
CA LYS A 318 0.82 55.36 0.93
C LYS A 318 1.18 54.75 2.29
N ASP A 319 1.87 53.61 2.26
CA ASP A 319 2.36 52.89 3.43
C ASP A 319 1.24 52.35 4.30
N SER A 320 0.06 52.11 3.73
CA SER A 320 -1.08 51.64 4.50
C SER A 320 -1.18 50.12 4.46
N TYR A 321 -0.13 49.47 4.94
CA TYR A 321 -0.08 48.02 4.98
C TYR A 321 1.00 47.59 5.96
N ASP A 322 0.76 46.46 6.61
CA ASP A 322 1.79 45.78 7.38
C ASP A 322 2.37 44.58 6.66
N PHE A 323 1.62 44.00 5.73
CA PHE A 323 2.10 42.97 4.84
C PHE A 323 1.39 43.14 3.52
N ILE A 324 1.87 42.43 2.50
CA ILE A 324 1.22 42.37 1.20
C ILE A 324 0.85 40.93 0.95
N GLY A 325 -0.45 40.67 0.79
CA GLY A 325 -0.89 39.34 0.39
C GLY A 325 -0.84 39.20 -1.12
N LEU A 326 -0.52 37.99 -1.57
CA LEU A 326 -0.42 37.69 -2.99
C LEU A 326 -1.16 36.39 -3.29
N SER A 327 -2.01 36.42 -4.31
CA SER A 327 -2.62 35.21 -4.87
C SER A 327 -2.08 35.04 -6.28
N HIS A 328 -1.53 33.86 -6.56
CA HIS A 328 -0.88 33.59 -7.83
C HIS A 328 -1.28 32.20 -8.31
N PHE A 329 -1.45 32.05 -9.61
CA PHE A 329 -1.86 30.76 -10.15
C PHE A 329 -1.12 30.38 -11.42
N THR A 330 -0.94 31.33 -12.34
CA THR A 330 -0.49 31.00 -13.68
C THR A 330 0.62 31.94 -14.14
N SER A 331 1.30 31.50 -15.19
CA SER A 331 2.22 32.33 -15.96
C SER A 331 1.79 32.32 -17.41
N ARG A 332 1.80 33.48 -18.05
CA ARG A 332 1.47 33.60 -19.46
C ARG A 332 2.60 34.29 -20.20
N LEU A 333 2.61 34.11 -21.51
CA LEU A 333 3.58 34.77 -22.38
C LEU A 333 2.99 36.08 -22.89
N VAL A 334 3.78 37.14 -22.84
CA VAL A 334 3.35 38.47 -23.27
C VAL A 334 4.26 38.93 -24.41
N SER A 335 3.65 39.52 -25.44
CA SER A 335 4.40 40.13 -26.53
C SER A 335 3.72 41.44 -26.93
N GLU A 336 4.52 42.35 -27.50
CA GLU A 336 4.00 43.64 -27.93
C GLU A 336 2.94 43.45 -29.02
N ASP A 337 1.84 44.19 -28.88
CA ASP A 337 0.74 44.11 -29.86
C ASP A 337 -0.01 45.45 -29.81
N ALA A 338 0.48 46.41 -30.60
CA ALA A 338 -0.15 47.73 -30.62
C ALA A 338 -1.57 47.67 -31.16
N GLY A 339 -1.87 46.70 -32.01
CA GLY A 339 -3.19 46.58 -32.58
C GLY A 339 -4.01 45.48 -31.94
N VAL A 340 -3.90 45.33 -30.62
CA VAL A 340 -4.70 44.33 -29.93
C VAL A 340 -6.17 44.73 -29.90
N CYS A 341 -6.46 46.01 -30.09
CA CYS A 341 -7.81 46.52 -30.28
C CYS A 341 -7.80 47.47 -31.47
N SER A 342 -8.98 47.82 -31.95
CA SER A 342 -9.11 48.64 -33.15
C SER A 342 -10.17 49.71 -32.95
N GLY A 343 -10.12 50.73 -33.81
CA GLY A 343 -11.15 51.75 -33.85
C GLY A 343 -11.34 52.51 -32.55
N ALA A 344 -10.27 52.74 -31.80
CA ALA A 344 -10.33 53.45 -30.51
C ALA A 344 -11.27 52.75 -29.52
N THR A 345 -11.37 51.42 -29.63
CA THR A 345 -12.11 50.64 -28.63
C THR A 345 -11.33 50.72 -27.32
N VAL A 346 -11.77 51.60 -26.43
CA VAL A 346 -11.10 51.73 -25.14
C VAL A 346 -11.34 50.47 -24.30
N GLY A 347 -10.47 50.28 -23.31
CA GLY A 347 -10.57 49.13 -22.44
C GLY A 347 -9.26 48.84 -21.74
N PHE A 348 -9.35 48.03 -20.69
CA PHE A 348 -8.20 47.81 -19.81
C PHE A 348 -7.02 47.19 -20.55
N PHE A 349 -7.29 46.27 -21.48
CA PHE A 349 -6.24 45.61 -22.22
C PHE A 349 -5.91 46.29 -23.55
N CYS A 350 -6.76 47.20 -24.03
CA CYS A 350 -6.39 48.03 -25.17
C CYS A 350 -5.47 49.17 -24.77
N ASP A 351 -5.49 49.58 -23.49
CA ASP A 351 -4.55 50.58 -23.00
C ASP A 351 -3.13 50.03 -22.90
N GLN A 352 -2.98 48.71 -22.83
CA GLN A 352 -1.66 48.10 -22.62
C GLN A 352 -0.94 47.79 -23.92
N GLY A 353 -1.68 47.49 -24.99
CA GLY A 353 -1.07 47.19 -26.28
C GLY A 353 -0.20 45.96 -26.25
N LEU A 354 -0.76 44.85 -25.77
CA LEU A 354 -0.01 43.60 -25.69
C LEU A 354 -1.00 42.45 -25.75
N LYS A 355 -0.48 41.28 -26.13
CA LYS A 355 -1.27 40.05 -26.18
C LYS A 355 -0.71 39.04 -25.19
N MET A 356 -1.59 38.20 -24.68
CA MET A 356 -1.23 37.13 -23.75
C MET A 356 -1.53 35.78 -24.37
N GLU A 357 -0.59 34.85 -24.25
CA GLU A 357 -0.73 33.49 -24.76
C GLU A 357 -0.34 32.51 -23.68
N THR A 358 -0.83 31.28 -23.83
CA THR A 358 -0.44 30.19 -22.96
C THR A 358 0.93 29.66 -23.38
N ASP A 359 1.77 29.36 -22.40
CA ASP A 359 3.06 28.72 -22.67
C ASP A 359 2.82 27.21 -22.69
N LEU A 360 2.61 26.67 -23.89
CA LEU A 360 2.37 25.24 -24.07
C LEU A 360 3.62 24.40 -23.85
N SER A 361 4.76 25.03 -23.57
CA SER A 361 6.01 24.36 -23.29
C SER A 361 6.04 23.68 -21.93
N TYR A 362 5.10 24.00 -21.04
CA TYR A 362 5.14 23.48 -19.68
C TYR A 362 4.06 22.43 -19.46
N PRO A 363 4.26 21.49 -18.51
CA PRO A 363 3.36 20.34 -18.40
C PRO A 363 1.89 20.76 -18.24
N LYS A 364 1.01 20.02 -18.92
CA LYS A 364 -0.41 20.26 -18.83
C LYS A 364 -1.00 19.57 -17.60
N LEU A 365 -1.89 20.26 -16.90
CA LEU A 365 -2.48 19.76 -15.66
C LEU A 365 -3.97 19.51 -15.88
N GLU A 366 -4.28 18.47 -16.65
CA GLU A 366 -5.63 17.98 -16.86
C GLU A 366 -5.69 16.52 -16.47
N TYR A 367 -6.91 15.97 -16.41
CA TYR A 367 -7.09 14.65 -15.84
C TYR A 367 -6.38 13.56 -16.64
N ARG A 368 -6.30 13.73 -17.96
CA ARG A 368 -5.72 12.74 -18.86
C ARG A 368 -4.94 13.48 -19.94
N PRO A 369 -3.99 12.80 -20.60
CA PRO A 369 -3.11 13.49 -21.54
C PRO A 369 -3.82 14.19 -22.68
N GLU A 370 -4.96 13.66 -23.13
CA GLU A 370 -5.64 14.20 -24.30
C GLU A 370 -6.76 15.18 -23.95
N VAL A 371 -6.96 15.49 -22.67
CA VAL A 371 -8.05 16.37 -22.25
C VAL A 371 -7.60 17.83 -22.38
N ASN A 372 -8.39 18.63 -23.10
CA ASN A 372 -8.18 20.06 -23.37
C ASN A 372 -6.72 20.39 -23.73
N PRO A 373 -6.34 20.27 -25.01
CA PRO A 373 -4.95 20.58 -25.38
C PRO A 373 -4.55 22.03 -25.14
N THR A 374 -5.49 22.97 -25.29
CA THR A 374 -5.26 24.40 -25.11
C THR A 374 -5.27 24.84 -23.65
N SER A 375 -5.12 23.91 -22.71
CA SER A 375 -5.36 24.22 -21.30
C SER A 375 -4.39 25.27 -20.78
N GLU A 376 -4.90 26.14 -19.91
CA GLU A 376 -4.10 27.15 -19.24
C GLU A 376 -3.55 26.66 -17.90
N ARG A 377 -4.06 25.55 -17.38
CA ARG A 377 -3.55 24.95 -16.14
C ARG A 377 -2.19 24.34 -16.43
N ARG A 378 -1.13 25.05 -16.09
CA ARG A 378 0.24 24.64 -16.39
C ARG A 378 1.07 24.58 -15.11
N LEU A 379 2.02 23.65 -15.10
CA LEU A 379 2.97 23.50 -13.99
C LEU A 379 4.12 24.49 -14.22
N MET A 380 3.96 25.71 -13.70
CA MET A 380 4.96 26.77 -13.87
C MET A 380 5.26 27.41 -12.51
N GLY A 381 5.83 26.62 -11.59
CA GLY A 381 6.16 27.14 -10.28
C GLY A 381 7.19 28.26 -10.31
N PHE A 382 8.08 28.25 -11.32
CA PHE A 382 9.08 29.30 -11.43
C PHE A 382 8.44 30.69 -11.51
N GLY A 383 7.21 30.77 -12.02
CA GLY A 383 6.51 32.04 -12.07
C GLY A 383 6.26 32.64 -10.69
N LEU A 384 6.03 31.79 -9.69
CA LEU A 384 5.83 32.30 -8.34
C LEU A 384 7.15 32.79 -7.74
N LEU A 385 8.25 32.11 -8.04
CA LEU A 385 9.55 32.56 -7.58
C LEU A 385 9.86 33.94 -8.15
N GLU A 386 9.70 34.12 -9.46
CA GLU A 386 10.01 35.39 -10.09
C GLU A 386 9.05 36.49 -9.65
N LEU A 387 7.80 36.15 -9.41
CA LEU A 387 6.84 37.13 -8.90
C LEU A 387 7.28 37.64 -7.53
N LEU A 388 7.65 36.73 -6.64
CA LEU A 388 8.08 37.14 -5.30
C LEU A 388 9.34 37.98 -5.34
N LYS A 389 10.32 37.56 -6.16
CA LYS A 389 11.56 38.34 -6.27
C LYS A 389 11.29 39.71 -6.88
N HIS A 390 10.32 39.78 -7.80
CA HIS A 390 9.96 41.07 -8.40
C HIS A 390 9.29 41.98 -7.36
N VAL A 391 8.37 41.43 -6.57
CA VAL A 391 7.71 42.23 -5.54
C VAL A 391 8.73 42.73 -4.51
N THR A 392 9.73 41.91 -4.21
CA THR A 392 10.78 42.31 -3.27
C THR A 392 11.68 43.39 -3.85
N SER A 393 11.97 43.32 -5.15
CA SER A 393 12.94 44.23 -5.76
C SER A 393 12.35 45.60 -6.05
N ASP A 394 11.13 45.64 -6.58
CA ASP A 394 10.53 46.87 -7.05
C ASP A 394 9.64 47.53 -6.01
N TYR A 395 9.41 46.89 -4.86
CA TYR A 395 8.50 47.44 -3.87
C TYR A 395 9.10 47.41 -2.46
N ASN A 396 10.43 47.55 -2.37
CA ASN A 396 11.11 47.85 -1.11
C ASN A 396 10.95 46.73 -0.08
N LYS A 397 11.04 45.47 -0.53
CA LYS A 397 11.09 44.29 0.33
C LYS A 397 10.00 44.28 1.39
N PRO A 398 8.73 44.16 1.01
CA PRO A 398 7.66 44.10 2.00
C PRO A 398 7.56 42.70 2.60
N VAL A 399 6.85 42.63 3.73
CA VAL A 399 6.45 41.33 4.25
C VAL A 399 5.39 40.75 3.33
N ILE A 400 5.60 39.51 2.88
CA ILE A 400 4.73 38.86 1.91
C ILE A 400 4.08 37.65 2.54
N TYR A 401 2.80 37.47 2.26
CA TYR A 401 2.10 36.21 2.48
C TYR A 401 1.50 35.77 1.15
N VAL A 402 1.78 34.53 0.75
CA VAL A 402 1.07 33.95 -0.38
C VAL A 402 -0.28 33.47 0.16
N THR A 403 -1.31 34.31 0.01
CA THR A 403 -2.60 34.01 0.61
C THR A 403 -3.40 32.98 -0.18
N GLU A 404 -3.09 32.77 -1.45
CA GLU A 404 -3.82 31.78 -2.25
C GLU A 404 -2.91 31.24 -3.34
N ASN A 405 -2.82 29.92 -3.43
CA ASN A 405 -2.08 29.25 -4.49
C ASN A 405 -2.57 27.82 -4.54
N GLY A 406 -3.03 27.37 -5.70
CA GLY A 406 -3.59 26.04 -5.80
C GLY A 406 -3.97 25.75 -7.24
N LEU A 407 -4.41 24.52 -7.46
CA LEU A 407 -4.75 24.03 -8.78
C LEU A 407 -6.25 23.72 -8.86
N SER A 408 -6.84 24.08 -9.99
CA SER A 408 -8.24 23.78 -10.30
C SER A 408 -8.33 22.47 -11.07
N SER A 409 -9.28 21.61 -10.66
CA SER A 409 -9.38 20.25 -11.18
C SER A 409 -10.81 19.93 -11.61
N CYS A 410 -10.95 18.84 -12.34
CA CYS A 410 -12.26 18.23 -12.54
C CYS A 410 -12.77 17.53 -11.30
N GLY A 411 -11.90 17.27 -10.31
CA GLY A 411 -12.37 16.80 -9.02
C GLY A 411 -11.85 15.47 -8.47
N THR A 412 -10.91 14.84 -9.17
CA THR A 412 -10.43 13.53 -8.75
C THR A 412 -9.73 13.60 -7.40
N LEU A 413 -9.87 12.54 -6.62
CA LEU A 413 -9.27 12.48 -5.29
C LEU A 413 -7.84 11.98 -5.32
N GLN A 414 -7.43 11.23 -6.34
CA GLN A 414 -6.03 10.85 -6.51
C GLN A 414 -5.37 11.92 -7.40
N ASP A 415 -5.16 13.08 -6.79
CA ASP A 415 -4.84 14.30 -7.53
C ASP A 415 -3.32 14.47 -7.64
N GLN A 416 -2.71 13.63 -8.48
CA GLN A 416 -1.29 13.78 -8.75
C GLN A 416 -0.99 15.18 -9.27
N ASN A 417 -1.89 15.74 -10.10
CA ASN A 417 -1.69 17.07 -10.65
C ASN A 417 -1.57 18.11 -9.53
N ARG A 418 -2.49 18.06 -8.55
CA ARG A 418 -2.41 19.01 -7.45
C ARG A 418 -1.18 18.76 -6.59
N VAL A 419 -0.82 17.49 -6.40
CA VAL A 419 0.38 17.19 -5.61
C VAL A 419 1.60 17.79 -6.28
N GLU A 420 1.73 17.62 -7.59
CA GLU A 420 2.84 18.23 -8.32
C GLU A 420 2.80 19.75 -8.20
N TYR A 421 1.61 20.35 -8.35
CA TYR A 421 1.47 21.79 -8.22
C TYR A 421 1.88 22.25 -6.82
N LEU A 422 1.33 21.62 -5.79
CA LEU A 422 1.66 22.01 -4.42
C LEU A 422 3.14 21.78 -4.13
N ARG A 423 3.72 20.71 -4.68
CA ARG A 423 5.12 20.44 -4.43
C ARG A 423 6.02 21.46 -5.11
N GLU A 424 5.77 21.75 -6.40
CA GLU A 424 6.63 22.66 -7.13
C GLU A 424 6.47 24.09 -6.63
N TYR A 425 5.23 24.55 -6.45
CA TYR A 425 5.02 25.97 -6.14
C TYR A 425 5.51 26.30 -4.73
N SER A 426 5.22 25.44 -3.76
CA SER A 426 5.75 25.71 -2.43
C SER A 426 7.26 25.62 -2.40
N ASN A 427 7.87 24.87 -3.32
CA ASN A 427 9.33 24.80 -3.40
C ASN A 427 9.91 26.09 -3.96
N ASN A 428 9.19 26.75 -4.87
CA ASN A 428 9.68 28.04 -5.36
C ASN A 428 9.53 29.13 -4.31
N VAL A 429 8.63 28.96 -3.34
CA VAL A 429 8.60 29.88 -2.20
C VAL A 429 9.90 29.77 -1.41
N LEU A 430 10.37 28.53 -1.18
CA LEU A 430 11.67 28.33 -0.55
C LEU A 430 12.77 29.06 -1.30
N ALA A 431 12.73 29.01 -2.63
CA ALA A 431 13.76 29.65 -3.42
C ALA A 431 13.71 31.17 -3.27
N ALA A 432 12.51 31.74 -3.18
CA ALA A 432 12.38 33.17 -2.98
C ALA A 432 12.96 33.60 -1.63
N ILE A 433 12.71 32.80 -0.59
CA ILE A 433 13.25 33.12 0.74
C ILE A 433 14.77 33.11 0.73
N LYS A 434 15.37 32.18 -0.03
CA LYS A 434 16.83 32.14 -0.11
C LYS A 434 17.38 33.28 -0.97
N ALA A 435 16.57 33.78 -1.92
CA ALA A 435 16.93 34.93 -2.72
C ALA A 435 16.58 36.25 -2.03
N GLY A 436 16.31 36.22 -0.73
CA GLY A 436 16.03 37.43 0.02
C GLY A 436 14.57 37.82 0.11
N GLY A 437 13.65 37.00 -0.41
CA GLY A 437 12.24 37.32 -0.29
C GLY A 437 11.76 37.13 1.15
N ASP A 438 11.08 38.15 1.68
CA ASP A 438 10.55 38.09 3.05
C ASP A 438 9.15 37.51 3.04
N VAL A 439 9.08 36.23 2.69
CA VAL A 439 7.83 35.49 2.63
C VAL A 439 7.66 34.73 3.94
N ARG A 440 6.56 34.97 4.63
CA ARG A 440 6.36 34.39 5.95
C ARG A 440 5.21 33.39 6.03
N GLY A 441 4.51 33.14 4.92
CA GLY A 441 3.42 32.19 4.94
C GLY A 441 3.08 31.68 3.56
N PHE A 442 2.44 30.51 3.54
CA PHE A 442 1.95 29.89 2.31
C PHE A 442 0.57 29.30 2.61
N PHE A 443 -0.45 29.83 1.95
CA PHE A 443 -1.83 29.39 2.16
C PHE A 443 -2.32 28.71 0.88
N VAL A 444 -2.72 27.45 1.00
CA VAL A 444 -3.18 26.65 -0.13
C VAL A 444 -4.63 26.98 -0.43
N TRP A 445 -4.93 27.15 -1.71
CA TRP A 445 -6.29 27.37 -2.20
C TRP A 445 -6.74 26.07 -2.86
N SER A 446 -7.70 25.38 -2.25
CA SER A 446 -8.37 25.80 -1.01
C SER A 446 -8.50 24.61 -0.07
N LEU A 447 -9.24 24.81 1.04
CA LEU A 447 -9.45 23.73 2.00
C LEU A 447 -10.46 22.70 1.48
N LEU A 448 -11.60 23.15 0.95
CA LEU A 448 -12.65 22.29 0.45
C LEU A 448 -13.03 22.70 -0.96
N ASP A 449 -13.76 21.80 -1.62
CA ASP A 449 -14.44 22.18 -2.85
C ASP A 449 -15.55 23.18 -2.53
N GLY A 450 -15.87 24.00 -3.51
CA GLY A 450 -16.90 24.99 -3.35
C GLY A 450 -17.47 25.42 -4.68
N PHE A 451 -18.12 26.58 -4.66
CA PHE A 451 -18.68 27.21 -5.85
C PHE A 451 -17.63 28.21 -6.33
N ASP A 452 -16.78 27.77 -7.26
CA ASP A 452 -15.66 28.58 -7.71
C ASP A 452 -16.10 29.76 -8.57
N TRP A 453 -16.88 30.67 -7.98
CA TRP A 453 -17.28 31.92 -8.64
C TRP A 453 -18.02 31.56 -9.93
N SER A 454 -17.63 32.10 -11.08
CA SER A 454 -18.36 31.89 -12.32
C SER A 454 -18.10 30.52 -12.94
N LEU A 455 -17.06 29.81 -12.49
CA LEU A 455 -16.86 28.43 -12.89
C LEU A 455 -17.80 27.47 -12.16
N GLY A 456 -18.50 27.94 -11.13
CA GLY A 456 -19.47 27.09 -10.44
C GLY A 456 -18.83 25.84 -9.86
N TYR A 457 -19.51 24.71 -10.03
CA TYR A 457 -18.97 23.45 -9.56
C TYR A 457 -18.10 22.75 -10.60
N THR A 458 -17.94 23.33 -11.79
CA THR A 458 -17.09 22.71 -12.78
C THR A 458 -15.61 22.76 -12.42
N SER A 459 -15.27 23.38 -11.30
CA SER A 459 -13.88 23.57 -10.90
C SER A 459 -13.74 23.22 -9.43
N LYS A 460 -12.94 22.20 -9.13
CA LYS A 460 -12.65 21.80 -7.77
C LYS A 460 -11.22 22.18 -7.43
N SER A 461 -11.00 22.61 -6.18
CA SER A 461 -9.68 23.08 -5.77
C SER A 461 -9.28 22.66 -4.36
N GLY A 462 -10.10 21.89 -3.65
CA GLY A 462 -9.84 21.66 -2.25
C GLY A 462 -8.83 20.55 -1.99
N LEU A 463 -8.13 20.67 -0.86
CA LEU A 463 -7.41 19.54 -0.31
C LEU A 463 -8.38 18.43 0.11
N TYR A 464 -9.63 18.80 0.36
CA TYR A 464 -10.70 17.87 0.70
C TYR A 464 -11.77 17.95 -0.38
N TYR A 465 -12.13 16.79 -0.95
CA TYR A 465 -13.27 16.72 -1.84
C TYR A 465 -14.55 16.81 -1.01
N VAL A 466 -15.58 17.40 -1.61
CA VAL A 466 -16.90 17.52 -0.99
C VAL A 466 -17.91 16.91 -1.94
N ASP A 467 -18.67 15.93 -1.44
CA ASP A 467 -19.72 15.30 -2.23
C ASP A 467 -20.95 16.20 -2.20
N MET A 468 -21.18 16.92 -3.30
CA MET A 468 -22.29 17.84 -3.39
C MET A 468 -23.61 17.15 -3.68
N GLY A 469 -23.60 15.84 -3.88
CA GLY A 469 -24.81 15.05 -4.06
C GLY A 469 -25.41 14.51 -2.79
N ARG A 470 -24.81 14.80 -1.64
CA ARG A 470 -25.27 14.32 -0.35
C ARG A 470 -25.61 15.50 0.55
N GLY A 471 -26.74 15.41 1.24
CA GLY A 471 -27.22 16.54 2.03
C GLY A 471 -26.25 16.99 3.09
N GLU A 472 -25.59 16.05 3.77
CA GLU A 472 -24.64 16.40 4.80
C GLU A 472 -23.31 16.89 4.24
N ARG A 473 -23.13 16.85 2.92
CA ARG A 473 -21.94 17.35 2.24
C ARG A 473 -20.66 16.80 2.88
N PRO A 474 -20.45 15.49 2.84
CA PRO A 474 -19.30 14.90 3.55
C PRO A 474 -17.99 15.28 2.89
N ARG A 475 -16.96 15.41 3.71
CA ARG A 475 -15.62 15.76 3.25
C ARG A 475 -14.73 14.52 3.24
N PHE A 476 -13.84 14.45 2.25
CA PHE A 476 -12.93 13.33 2.11
C PHE A 476 -11.58 13.84 1.62
N PRO A 477 -10.49 13.44 2.26
CA PRO A 477 -9.17 13.97 1.88
C PRO A 477 -8.72 13.44 0.51
N ARG A 478 -8.27 14.35 -0.33
CA ARG A 478 -7.58 13.99 -1.55
C ARG A 478 -6.13 13.65 -1.23
N SER A 479 -5.43 13.09 -2.23
CA SER A 479 -4.05 12.71 -1.99
C SER A 479 -3.20 13.92 -1.63
N SER A 480 -3.59 15.11 -2.09
CA SER A 480 -2.88 16.33 -1.74
C SER A 480 -2.99 16.64 -0.25
N ALA A 481 -4.09 16.24 0.40
CA ALA A 481 -4.17 16.43 1.84
C ALA A 481 -3.09 15.62 2.56
N THR A 482 -2.84 14.40 2.09
CA THR A 482 -1.78 13.59 2.69
C THR A 482 -0.42 14.20 2.43
N PHE A 483 -0.20 14.72 1.22
CA PHE A 483 1.07 15.36 0.92
C PHE A 483 1.29 16.59 1.81
N TYR A 484 0.33 17.51 1.83
CA TYR A 484 0.49 18.73 2.61
C TYR A 484 0.72 18.42 4.08
N LYS A 485 0.01 17.42 4.61
CA LYS A 485 0.20 17.01 6.00
C LYS A 485 1.64 16.56 6.24
N LYS A 486 2.17 15.73 5.35
CA LYS A 486 3.54 15.23 5.51
C LYS A 486 4.59 16.33 5.32
N MET A 487 4.34 17.29 4.43
CA MET A 487 5.32 18.35 4.20
C MET A 487 5.39 19.31 5.38
N ILE A 488 4.24 19.64 5.98
CA ILE A 488 4.23 20.45 7.18
C ILE A 488 4.92 19.71 8.33
N ALA A 489 4.72 18.40 8.42
CA ALA A 489 5.34 17.64 9.50
C ALA A 489 6.86 17.65 9.42
N ASN A 490 7.41 17.66 8.20
CA ASN A 490 8.86 17.67 8.01
C ASN A 490 9.42 19.08 7.79
N ASN A 491 8.58 20.11 7.86
CA ASN A 491 8.97 21.49 7.57
C ASN A 491 9.69 21.58 6.23
N GLY A 492 9.20 20.84 5.24
CA GLY A 492 9.76 20.84 3.91
C GLY A 492 9.76 19.45 3.34
N LEU A 493 10.43 19.28 2.20
CA LEU A 493 10.38 18.02 1.48
C LEU A 493 11.34 17.01 2.06
N THR A 494 10.97 15.74 1.93
CA THR A 494 11.83 14.60 2.18
C THR A 494 11.96 13.78 0.90
N ASP A 495 12.90 12.83 0.91
CA ASP A 495 13.06 11.96 -0.26
C ASP A 495 11.76 11.27 -0.62
N GLU A 496 10.99 10.84 0.38
CA GLU A 496 9.69 10.23 0.11
C GLU A 496 8.74 11.21 -0.59
N LEU A 497 8.80 12.49 -0.23
CA LEU A 497 7.89 13.49 -0.79
C LEU A 497 8.35 14.02 -2.14
N VAL A 498 9.65 13.93 -2.44
CA VAL A 498 10.14 14.33 -3.76
C VAL A 498 9.59 13.41 -4.84
N THR A 499 9.56 12.11 -4.59
CA THR A 499 9.11 11.12 -5.56
C THR A 499 7.69 10.64 -5.33
N TYR A 500 6.98 11.19 -4.34
CA TYR A 500 5.62 10.76 -4.04
C TYR A 500 4.71 10.86 -5.26
N ARG A 501 3.92 9.82 -5.49
CA ARG A 501 2.90 9.82 -6.53
C ARG A 501 1.57 9.36 -5.96
N ALA A 502 0.48 9.90 -6.52
CA ALA A 502 -0.87 9.50 -6.12
C ALA A 502 -1.37 8.26 -6.86
N TYR A 503 -0.93 8.07 -8.09
CA TYR A 503 -1.22 6.86 -8.85
C TYR A 503 0.01 6.54 -9.70
N PRO A 504 0.11 5.32 -10.22
CA PRO A 504 1.29 4.96 -11.00
C PRO A 504 1.46 5.85 -12.23
N ALA A 505 2.72 6.06 -12.61
CA ALA A 505 3.04 7.01 -13.69
C ALA A 505 2.60 6.52 -15.06
N ASP A 506 2.34 5.22 -15.22
CA ASP A 506 1.97 4.65 -16.51
C ASP A 506 0.46 4.54 -16.70
N ARG A 507 -0.33 5.05 -15.76
CA ARG A 507 -1.77 4.82 -15.77
C ARG A 507 -2.43 5.32 -17.06
N ASP A 508 -2.08 6.52 -17.50
CA ASP A 508 -2.75 7.15 -18.63
C ASP A 508 -1.90 7.17 -19.89
N VAL A 509 -0.73 6.53 -19.87
CA VAL A 509 0.11 6.48 -21.06
C VAL A 509 -0.53 5.58 -22.11
N PHE A 510 -0.69 6.09 -23.31
CA PHE A 510 -1.25 5.30 -24.40
C PHE A 510 -0.17 4.40 -25.00
N LEU A 511 -0.48 3.12 -25.16
CA LEU A 511 0.49 2.15 -25.64
C LEU A 511 0.21 1.82 -27.10
N TYR A 512 1.17 2.14 -27.97
CA TYR A 512 1.11 1.79 -29.38
C TYR A 512 1.72 0.41 -29.54
N ASP A 513 0.88 -0.59 -29.81
CA ASP A 513 1.34 -1.96 -29.91
C ASP A 513 0.22 -2.80 -30.52
N THR A 514 0.54 -4.04 -30.85
CA THR A 514 -0.43 -4.97 -31.39
C THR A 514 -0.72 -6.07 -30.38
N PHE A 515 -1.89 -6.68 -30.56
CA PHE A 515 -2.30 -7.80 -29.72
C PHE A 515 -1.53 -9.07 -30.11
N PRO A 516 -1.50 -10.07 -29.22
CA PRO A 516 -0.86 -11.34 -29.58
C PRO A 516 -1.59 -12.06 -30.70
N SER A 517 -0.85 -12.95 -31.36
CA SER A 517 -1.44 -13.71 -32.46
C SER A 517 -2.70 -14.48 -32.04
N ASP A 518 -2.75 -14.97 -30.80
CA ASP A 518 -3.86 -15.82 -30.35
C ASP A 518 -5.15 -15.05 -30.11
N PHE A 519 -5.08 -13.71 -30.07
CA PHE A 519 -6.17 -12.92 -29.52
C PHE A 519 -7.34 -12.85 -30.48
N MET A 520 -8.54 -13.01 -29.94
CA MET A 520 -9.78 -13.01 -30.70
C MET A 520 -10.59 -11.75 -30.40
N PHE A 521 -11.30 -11.26 -31.41
CA PHE A 521 -12.21 -10.14 -31.28
C PHE A 521 -13.62 -10.61 -31.62
N GLY A 522 -14.60 -10.15 -30.85
CA GLY A 522 -15.97 -10.54 -31.08
C GLY A 522 -16.94 -9.47 -30.66
N VAL A 523 -18.23 -9.75 -30.88
CA VAL A 523 -19.32 -8.94 -30.37
C VAL A 523 -20.38 -9.89 -29.84
N ALA A 524 -21.24 -9.40 -28.96
CA ALA A 524 -22.19 -10.25 -28.26
C ALA A 524 -23.62 -9.75 -28.42
N THR A 525 -24.57 -10.69 -28.31
CA THR A 525 -25.98 -10.39 -28.22
C THR A 525 -26.58 -11.26 -27.12
N SER A 526 -27.90 -11.17 -26.96
CA SER A 526 -28.63 -12.00 -26.01
C SER A 526 -29.93 -12.47 -26.67
N ALA A 527 -30.37 -13.67 -26.29
CA ALA A 527 -31.54 -14.28 -26.92
C ALA A 527 -32.78 -13.40 -26.80
N TYR A 528 -33.15 -13.02 -25.58
CA TYR A 528 -34.36 -12.22 -25.41
C TYR A 528 -34.23 -10.82 -26.00
N GLN A 529 -33.01 -10.29 -26.13
CA GLN A 529 -32.85 -8.92 -26.58
C GLN A 529 -32.90 -8.76 -28.09
N ILE A 530 -32.72 -9.82 -28.87
CA ILE A 530 -32.62 -9.66 -30.32
C ILE A 530 -33.60 -10.55 -31.08
N GLU A 531 -33.92 -11.72 -30.51
CA GLU A 531 -34.55 -12.77 -31.29
C GLU A 531 -35.99 -12.42 -31.68
N GLY A 532 -36.82 -12.12 -30.69
CA GLY A 532 -38.24 -12.02 -30.94
C GLY A 532 -38.88 -13.40 -31.01
N ALA A 533 -40.01 -13.45 -31.71
CA ALA A 533 -40.78 -14.69 -31.91
C ALA A 533 -41.00 -15.41 -30.59
N TRP A 534 -41.53 -14.67 -29.60
CA TRP A 534 -41.60 -15.17 -28.24
C TRP A 534 -42.53 -16.39 -28.10
N ASN A 535 -43.50 -16.56 -29.00
CA ASN A 535 -44.41 -17.70 -28.93
C ASN A 535 -44.60 -18.37 -30.29
N LEU A 536 -43.65 -18.22 -31.20
CA LEU A 536 -43.71 -18.84 -32.51
C LEU A 536 -42.98 -20.18 -32.49
N ASP A 537 -43.52 -21.14 -33.24
CA ASP A 537 -42.88 -22.45 -33.44
C ASP A 537 -42.70 -23.20 -32.11
N GLY A 538 -43.64 -23.06 -31.18
CA GLY A 538 -43.67 -23.88 -29.99
C GLY A 538 -42.75 -23.45 -28.87
N LYS A 539 -42.22 -22.23 -28.91
CA LYS A 539 -41.37 -21.75 -27.83
C LYS A 539 -42.22 -21.42 -26.61
N GLY A 540 -41.77 -21.85 -25.44
CA GLY A 540 -42.43 -21.52 -24.20
C GLY A 540 -42.09 -20.12 -23.75
N PRO A 541 -42.86 -19.62 -22.77
CA PRO A 541 -42.67 -18.24 -22.32
C PRO A 541 -41.55 -18.09 -21.29
N SER A 542 -40.83 -16.98 -21.39
CA SER A 542 -39.76 -16.64 -20.45
C SER A 542 -40.32 -15.89 -19.25
N ILE A 543 -39.52 -15.84 -18.18
CA ILE A 543 -39.84 -14.92 -17.09
C ILE A 543 -39.68 -13.47 -17.55
N TRP A 544 -38.97 -13.25 -18.66
CA TRP A 544 -38.90 -11.92 -19.27
C TRP A 544 -40.07 -11.65 -20.20
N ASP A 545 -40.68 -12.69 -20.78
CA ASP A 545 -41.96 -12.52 -21.46
C ASP A 545 -43.02 -12.08 -20.45
N THR A 546 -43.00 -12.65 -19.25
CA THR A 546 -43.97 -12.29 -18.23
C THR A 546 -43.70 -10.90 -17.67
N PHE A 547 -42.43 -10.58 -17.39
CA PHE A 547 -42.08 -9.23 -16.95
C PHE A 547 -42.52 -8.18 -17.95
N ALA A 548 -42.31 -8.44 -19.25
CA ALA A 548 -42.67 -7.47 -20.28
C ALA A 548 -44.17 -7.34 -20.39
N HIS A 549 -44.89 -8.46 -20.42
CA HIS A 549 -46.35 -8.42 -20.54
C HIS A 549 -47.03 -7.91 -19.27
N ASN A 550 -46.28 -7.73 -18.18
CA ASN A 550 -46.77 -7.06 -16.99
C ASN A 550 -46.42 -5.57 -16.99
N ASN A 551 -46.02 -5.06 -18.16
CA ASN A 551 -45.71 -3.61 -18.32
C ASN A 551 -44.67 -3.19 -17.30
N ARG A 552 -43.54 -3.88 -17.25
CA ARG A 552 -42.50 -3.56 -16.26
C ARG A 552 -41.31 -2.97 -17.00
N LEU A 553 -41.42 -2.92 -18.32
CA LEU A 553 -40.33 -2.34 -19.15
C LEU A 553 -40.80 -0.98 -19.63
N ALA A 554 -39.88 -0.17 -20.13
CA ALA A 554 -40.22 1.20 -20.52
C ALA A 554 -41.34 1.22 -21.56
N SER A 555 -42.25 2.18 -21.44
CA SER A 555 -43.33 2.36 -22.45
C SER A 555 -44.02 1.05 -22.77
N GLY A 556 -44.08 0.13 -21.82
CA GLY A 556 -44.67 -1.19 -22.11
C GLY A 556 -44.04 -1.79 -23.34
N GLN A 557 -42.76 -1.50 -23.54
CA GLN A 557 -42.05 -2.07 -24.69
C GLN A 557 -41.71 -3.51 -24.32
N THR A 558 -41.80 -4.41 -25.29
CA THR A 558 -41.55 -5.83 -25.06
C THR A 558 -40.42 -6.29 -25.97
N GLY A 559 -39.97 -7.53 -25.72
CA GLY A 559 -39.04 -8.19 -26.60
C GLY A 559 -39.74 -9.17 -27.52
N ASP A 560 -41.00 -8.87 -27.85
CA ASP A 560 -41.81 -9.80 -28.64
C ASP A 560 -41.26 -9.96 -30.06
N VAL A 561 -40.75 -8.87 -30.63
CA VAL A 561 -40.11 -8.91 -31.94
C VAL A 561 -38.65 -8.48 -31.85
N ALA A 562 -38.34 -7.43 -31.08
CA ALA A 562 -37.00 -6.90 -30.93
C ALA A 562 -36.34 -6.62 -32.28
N CYS A 563 -35.25 -7.32 -32.58
CA CYS A 563 -34.61 -7.21 -33.89
C CYS A 563 -34.99 -8.35 -34.82
N ASP A 564 -35.98 -9.17 -34.44
CA ASP A 564 -36.47 -10.25 -35.29
C ASP A 564 -35.34 -11.18 -35.73
N SER A 565 -34.34 -11.36 -34.85
CA SER A 565 -33.23 -12.23 -35.16
C SER A 565 -33.64 -13.70 -35.31
N TYR A 566 -34.85 -14.06 -34.92
CA TYR A 566 -35.33 -15.41 -35.23
C TYR A 566 -35.51 -15.60 -36.72
N HIS A 567 -35.90 -14.54 -37.43
CA HIS A 567 -36.07 -14.58 -38.87
C HIS A 567 -34.90 -13.97 -39.64
N LEU A 568 -34.17 -13.04 -39.02
CA LEU A 568 -33.14 -12.26 -39.72
C LEU A 568 -31.73 -12.57 -39.22
N TYR A 569 -31.52 -13.77 -38.67
CA TYR A 569 -30.18 -14.17 -38.25
C TYR A 569 -29.19 -14.15 -39.42
N MET A 570 -29.67 -14.36 -40.65
CA MET A 570 -28.79 -14.32 -41.81
C MET A 570 -28.24 -12.91 -42.03
N GLU A 571 -29.04 -11.89 -41.74
CA GLU A 571 -28.51 -10.53 -41.74
C GLU A 571 -27.43 -10.37 -40.67
N ASP A 572 -27.64 -10.99 -39.51
CA ASP A 572 -26.67 -10.88 -38.42
C ASP A 572 -25.32 -11.41 -38.83
N VAL A 573 -25.30 -12.53 -39.57
CA VAL A 573 -24.04 -13.13 -40.00
C VAL A 573 -23.32 -12.22 -40.98
N ARG A 574 -24.05 -11.58 -41.90
CA ARG A 574 -23.41 -10.68 -42.84
C ARG A 574 -22.78 -9.48 -42.13
N MET A 575 -23.49 -8.92 -41.15
CA MET A 575 -22.92 -7.84 -40.36
C MET A 575 -21.66 -8.30 -39.64
N LEU A 576 -21.70 -9.50 -39.06
CA LEU A 576 -20.52 -10.05 -38.40
C LEU A 576 -19.38 -10.25 -39.39
N GLN A 577 -19.70 -10.58 -40.64
CA GLN A 577 -18.66 -10.70 -41.66
C GLN A 577 -18.09 -9.34 -42.03
N HIS A 578 -18.94 -8.32 -42.10
CA HIS A 578 -18.48 -6.97 -42.41
C HIS A 578 -17.59 -6.41 -41.30
N LEU A 579 -17.85 -6.80 -40.04
CA LEU A 579 -16.99 -6.33 -38.96
C LEU A 579 -15.66 -7.04 -38.96
N GLY A 580 -15.62 -8.29 -39.43
CA GLY A 580 -14.38 -9.05 -39.37
C GLY A 580 -14.10 -9.67 -38.03
N VAL A 581 -15.12 -9.84 -37.19
CA VAL A 581 -14.92 -10.46 -35.88
C VAL A 581 -14.50 -11.91 -36.06
N ASN A 582 -13.69 -12.40 -35.12
CA ASN A 582 -13.31 -13.80 -35.12
C ASN A 582 -14.40 -14.69 -34.53
N PHE A 583 -15.11 -14.21 -33.51
CA PHE A 583 -16.15 -14.99 -32.85
C PHE A 583 -17.39 -14.14 -32.64
N TYR A 584 -18.50 -14.81 -32.37
CA TYR A 584 -19.78 -14.17 -32.13
C TYR A 584 -20.44 -14.83 -30.93
N ARG A 585 -20.61 -14.08 -29.85
CA ARG A 585 -21.20 -14.61 -28.62
C ARG A 585 -22.69 -14.30 -28.59
N PHE A 586 -23.50 -15.35 -28.53
CA PHE A 586 -24.94 -15.23 -28.39
C PHE A 586 -25.40 -16.21 -27.31
N SER A 587 -26.69 -16.19 -27.00
CA SER A 587 -27.22 -17.02 -25.94
C SER A 587 -28.41 -17.83 -26.44
N ILE A 588 -28.56 -19.03 -25.88
CA ILE A 588 -29.68 -19.90 -26.20
C ILE A 588 -30.82 -19.59 -25.23
N ALA A 589 -32.03 -19.51 -25.78
CA ALA A 589 -33.23 -19.30 -24.98
C ALA A 589 -33.72 -20.65 -24.48
N TRP A 590 -33.52 -20.92 -23.19
CA TRP A 590 -34.00 -22.15 -22.56
C TRP A 590 -35.42 -22.51 -22.99
N SER A 591 -36.32 -21.52 -22.94
CA SER A 591 -37.72 -21.76 -23.25
C SER A 591 -37.97 -22.05 -24.73
N ARG A 592 -36.97 -21.85 -25.59
CA ARG A 592 -37.12 -22.15 -27.02
C ARG A 592 -36.68 -23.57 -27.36
N VAL A 593 -35.75 -24.14 -26.59
CA VAL A 593 -35.39 -25.54 -26.78
C VAL A 593 -36.12 -26.46 -25.81
N MET A 594 -36.66 -25.93 -24.71
CA MET A 594 -37.53 -26.68 -23.80
C MET A 594 -38.69 -25.77 -23.44
N ALA A 595 -39.91 -26.14 -23.85
CA ALA A 595 -41.04 -25.24 -23.68
C ALA A 595 -41.30 -24.94 -22.21
N ASP A 596 -41.10 -25.93 -21.32
CA ASP A 596 -41.31 -25.74 -19.90
C ASP A 596 -40.04 -25.98 -19.08
N GLY A 597 -38.87 -25.98 -19.73
CA GLY A 597 -37.62 -26.20 -19.05
C GLY A 597 -37.27 -27.64 -18.75
N THR A 598 -38.13 -28.57 -19.12
CA THR A 598 -38.00 -30.00 -18.94
C THR A 598 -37.67 -30.67 -20.28
N PRO A 599 -36.84 -31.71 -20.28
CA PRO A 599 -36.65 -32.47 -21.52
C PRO A 599 -37.96 -33.02 -22.09
N ALA A 600 -38.99 -33.19 -21.26
CA ALA A 600 -40.28 -33.64 -21.76
C ALA A 600 -40.88 -32.68 -22.77
N THR A 601 -40.42 -31.43 -22.81
CA THR A 601 -40.93 -30.40 -23.69
C THR A 601 -39.87 -29.92 -24.66
N THR A 602 -39.03 -30.84 -25.15
CA THR A 602 -37.99 -30.46 -26.09
C THR A 602 -38.61 -30.03 -27.42
N ASN A 603 -38.24 -28.83 -27.87
CA ASN A 603 -38.79 -28.24 -29.10
C ASN A 603 -37.76 -28.38 -30.21
N GLN A 604 -37.98 -29.37 -31.09
CA GLN A 604 -37.05 -29.60 -32.19
C GLN A 604 -36.93 -28.36 -33.08
N ALA A 605 -38.00 -27.60 -33.23
CA ALA A 605 -37.92 -26.34 -33.97
C ALA A 605 -36.92 -25.39 -33.34
N GLY A 606 -36.84 -25.39 -32.01
CA GLY A 606 -35.84 -24.59 -31.34
C GLY A 606 -34.42 -25.07 -31.59
N ILE A 607 -34.23 -26.39 -31.56
CA ILE A 607 -32.94 -26.97 -31.95
C ILE A 607 -32.55 -26.52 -33.34
N ASP A 608 -33.51 -26.54 -34.28
CA ASP A 608 -33.21 -26.23 -35.67
C ASP A 608 -32.82 -24.77 -35.83
N TYR A 609 -33.46 -23.86 -35.09
CA TYR A 609 -33.11 -22.46 -35.22
C TYR A 609 -31.66 -22.21 -34.82
N TYR A 610 -31.22 -22.79 -33.71
CA TYR A 610 -29.84 -22.59 -33.29
C TYR A 610 -28.86 -23.39 -34.14
N ASN A 611 -29.30 -24.52 -34.69
CA ASN A 611 -28.45 -25.22 -35.65
C ASN A 611 -28.21 -24.35 -36.88
N LYS A 612 -29.24 -23.63 -37.33
CA LYS A 612 -29.09 -22.78 -38.50
C LYS A 612 -28.15 -21.61 -38.23
N LEU A 613 -28.25 -21.01 -37.03
CA LEU A 613 -27.39 -19.89 -36.69
C LEU A 613 -25.94 -20.35 -36.51
N ILE A 614 -25.72 -21.52 -35.92
CA ILE A 614 -24.37 -22.03 -35.74
C ILE A 614 -23.74 -22.38 -37.09
N ASP A 615 -24.52 -22.98 -37.99
CA ASP A 615 -23.95 -23.39 -39.27
C ASP A 615 -23.63 -22.20 -40.14
N ALA A 616 -24.48 -21.17 -40.13
CA ALA A 616 -24.20 -19.98 -40.93
C ALA A 616 -22.97 -19.23 -40.41
N LEU A 617 -22.73 -19.25 -39.09
CA LEU A 617 -21.53 -18.64 -38.55
C LEU A 617 -20.28 -19.41 -38.98
N LEU A 618 -20.34 -20.74 -38.95
CA LEU A 618 -19.18 -21.55 -39.30
C LEU A 618 -18.89 -21.49 -40.79
N ALA A 619 -19.93 -21.44 -41.62
CA ALA A 619 -19.74 -21.26 -43.05
C ALA A 619 -19.14 -19.91 -43.39
N ALA A 620 -19.24 -18.94 -42.48
CA ALA A 620 -18.60 -17.64 -42.64
C ALA A 620 -17.29 -17.55 -41.87
N GLY A 621 -16.82 -18.67 -41.30
CA GLY A 621 -15.57 -18.68 -40.58
C GLY A 621 -15.58 -17.99 -39.23
N ILE A 622 -16.75 -17.87 -38.61
CA ILE A 622 -16.91 -17.14 -37.36
C ILE A 622 -17.12 -18.14 -36.23
N THR A 623 -16.31 -18.02 -35.18
CA THR A 623 -16.41 -18.93 -34.05
C THR A 623 -17.66 -18.65 -33.24
N PRO A 624 -18.55 -19.63 -33.04
CA PRO A 624 -19.72 -19.40 -32.19
C PRO A 624 -19.34 -19.53 -30.72
N VAL A 625 -19.77 -18.58 -29.91
CA VAL A 625 -19.63 -18.59 -28.46
C VAL A 625 -21.03 -18.52 -27.87
N VAL A 626 -21.40 -19.51 -27.06
CA VAL A 626 -22.79 -19.66 -26.65
C VAL A 626 -22.89 -19.52 -25.14
N THR A 627 -23.71 -18.57 -24.68
CA THR A 627 -24.11 -18.45 -23.28
C THR A 627 -25.32 -19.34 -23.03
N LEU A 628 -25.24 -20.19 -22.01
CA LEU A 628 -26.31 -21.13 -21.75
C LEU A 628 -27.55 -20.43 -21.19
N TYR A 629 -27.37 -19.61 -20.15
CA TYR A 629 -28.52 -19.05 -19.45
C TYR A 629 -28.84 -17.61 -19.85
N HIS A 630 -27.89 -16.70 -19.70
CA HIS A 630 -28.20 -15.27 -19.63
C HIS A 630 -29.30 -15.08 -18.59
N TRP A 631 -30.48 -14.58 -18.96
CA TRP A 631 -31.42 -14.21 -17.92
C TRP A 631 -32.86 -14.71 -18.13
N ASP A 632 -33.11 -15.56 -19.11
CA ASP A 632 -34.50 -15.87 -19.50
C ASP A 632 -34.90 -17.27 -19.03
N LEU A 633 -35.20 -17.40 -17.74
CA LEU A 633 -35.68 -18.67 -17.20
C LEU A 633 -37.10 -18.96 -17.72
N PRO A 634 -37.42 -20.21 -18.04
CA PRO A 634 -38.78 -20.53 -18.47
C PRO A 634 -39.77 -20.40 -17.31
N GLN A 635 -40.92 -19.76 -17.60
CA GLN A 635 -41.89 -19.47 -16.54
C GLN A 635 -42.31 -20.71 -15.79
N ALA A 636 -42.35 -21.86 -16.47
CA ALA A 636 -42.74 -23.10 -15.80
C ALA A 636 -41.82 -23.42 -14.64
N LEU A 637 -40.53 -23.07 -14.74
CA LEU A 637 -39.59 -23.34 -13.66
C LEU A 637 -39.68 -22.29 -12.56
N GLU A 638 -39.92 -21.02 -12.92
CA GLU A 638 -40.15 -20.01 -11.90
C GLU A 638 -41.39 -20.33 -11.08
N ASN A 639 -42.38 -20.98 -11.70
CA ASN A 639 -43.57 -21.40 -10.97
C ASN A 639 -43.22 -22.37 -9.85
N ASP A 640 -42.28 -23.28 -10.10
CA ASP A 640 -41.86 -24.20 -9.05
C ASP A 640 -40.87 -23.60 -8.08
N GLY A 641 -40.63 -22.29 -8.14
CA GLY A 641 -39.68 -21.65 -7.26
C GLY A 641 -38.45 -21.11 -7.95
N GLY A 642 -38.27 -21.39 -9.24
CA GLY A 642 -37.17 -20.80 -9.99
C GLY A 642 -35.82 -21.18 -9.44
N TRP A 643 -34.94 -20.17 -9.32
CA TRP A 643 -33.60 -20.40 -8.80
C TRP A 643 -33.56 -20.58 -7.29
N LYS A 644 -34.70 -20.41 -6.62
CA LYS A 644 -34.82 -20.65 -5.18
C LYS A 644 -35.17 -22.08 -4.85
N ASN A 645 -35.46 -22.92 -5.86
CA ASN A 645 -36.09 -24.23 -5.71
C ASN A 645 -35.10 -25.37 -5.56
N ASP A 646 -33.82 -25.16 -5.87
CA ASP A 646 -32.73 -26.09 -5.55
C ASP A 646 -32.69 -27.31 -6.48
N SER A 647 -33.85 -27.80 -6.92
CA SER A 647 -33.82 -28.75 -8.01
C SER A 647 -33.47 -28.09 -9.34
N VAL A 648 -33.42 -26.75 -9.38
CA VAL A 648 -32.94 -26.05 -10.56
C VAL A 648 -31.53 -26.49 -10.94
N VAL A 649 -30.76 -27.00 -9.97
CA VAL A 649 -29.44 -27.54 -10.29
C VAL A 649 -29.59 -28.73 -11.23
N ASP A 650 -30.54 -29.62 -10.94
CA ASP A 650 -30.77 -30.73 -11.86
C ASP A 650 -31.44 -30.26 -13.14
N GLN A 651 -32.35 -29.29 -13.04
CA GLN A 651 -33.02 -28.79 -14.22
C GLN A 651 -32.03 -28.12 -15.17
N PHE A 652 -31.13 -27.29 -14.62
CA PHE A 652 -30.11 -26.67 -15.45
C PHE A 652 -29.15 -27.70 -16.04
N GLU A 653 -28.84 -28.76 -15.29
CA GLU A 653 -27.96 -29.79 -15.81
C GLU A 653 -28.59 -30.51 -17.00
N ALA A 654 -29.88 -30.83 -16.91
CA ALA A 654 -30.56 -31.47 -18.04
C ALA A 654 -30.66 -30.53 -19.23
N TYR A 655 -30.82 -29.23 -18.97
CA TYR A 655 -30.79 -28.25 -20.05
C TYR A 655 -29.41 -28.16 -20.68
N ALA A 656 -28.36 -28.13 -19.84
CA ALA A 656 -27.00 -28.10 -20.37
C ALA A 656 -26.71 -29.35 -21.19
N ARG A 657 -27.17 -30.51 -20.70
CA ARG A 657 -26.95 -31.75 -21.42
C ARG A 657 -27.56 -31.71 -22.81
N LEU A 658 -28.81 -31.23 -22.92
CA LEU A 658 -29.45 -31.12 -24.22
C LEU A 658 -28.65 -30.23 -25.16
N CYS A 659 -28.05 -29.16 -24.63
CA CYS A 659 -27.28 -28.26 -25.47
C CYS A 659 -25.94 -28.88 -25.86
N PHE A 660 -25.29 -29.60 -24.95
CA PHE A 660 -24.03 -30.27 -25.27
C PHE A 660 -24.24 -31.38 -26.30
N GLU A 661 -25.38 -32.06 -26.27
CA GLU A 661 -25.62 -33.13 -27.23
C GLU A 661 -25.93 -32.55 -28.61
N GLN A 662 -26.83 -31.58 -28.67
CA GLN A 662 -27.29 -31.07 -29.96
C GLN A 662 -26.24 -30.18 -30.62
N PHE A 663 -25.56 -29.34 -29.84
CA PHE A 663 -24.68 -28.33 -30.39
C PHE A 663 -23.21 -28.52 -30.04
N GLY A 664 -22.89 -29.44 -29.14
CA GLY A 664 -21.52 -29.57 -28.67
C GLY A 664 -20.53 -29.95 -29.75
N ASP A 665 -21.01 -30.52 -30.86
CA ASP A 665 -20.14 -30.95 -31.95
C ASP A 665 -19.58 -29.77 -32.74
N ARG A 666 -20.26 -28.62 -32.73
CA ARG A 666 -19.83 -27.45 -33.46
C ARG A 666 -19.52 -26.25 -32.58
N VAL A 667 -19.94 -26.27 -31.31
CA VAL A 667 -19.74 -25.14 -30.40
C VAL A 667 -18.61 -25.52 -29.45
N LYS A 668 -17.54 -24.72 -29.45
CA LYS A 668 -16.31 -25.06 -28.73
C LYS A 668 -16.05 -24.16 -27.54
N TYR A 669 -16.86 -23.12 -27.33
CA TYR A 669 -16.73 -22.25 -26.17
C TYR A 669 -18.12 -22.07 -25.57
N TRP A 670 -18.32 -22.61 -24.36
CA TRP A 670 -19.58 -22.50 -23.64
C TRP A 670 -19.43 -21.57 -22.44
N ILE A 671 -20.44 -20.75 -22.20
CA ILE A 671 -20.55 -19.97 -20.98
C ILE A 671 -21.83 -20.38 -20.28
N THR A 672 -21.70 -20.81 -19.03
CA THR A 672 -22.88 -21.29 -18.29
C THR A 672 -23.82 -20.13 -17.96
N PHE A 673 -23.33 -19.14 -17.23
CA PHE A 673 -24.15 -18.02 -16.79
C PHE A 673 -23.57 -16.70 -17.27
N ASN A 674 -24.46 -15.74 -17.50
CA ASN A 674 -24.09 -14.35 -17.75
C ASN A 674 -24.58 -13.48 -16.61
N GLU A 675 -23.65 -12.82 -15.92
CA GLU A 675 -23.94 -11.85 -14.86
C GLU A 675 -24.89 -12.45 -13.81
N ALA A 676 -24.38 -13.47 -13.13
CA ALA A 676 -25.14 -14.11 -12.06
C ALA A 676 -25.49 -13.12 -10.95
N PHE A 677 -24.73 -12.05 -10.80
CA PHE A 677 -25.08 -10.99 -9.85
C PHE A 677 -26.45 -10.40 -10.18
N VAL A 678 -26.70 -10.11 -11.45
CA VAL A 678 -27.96 -9.50 -11.85
C VAL A 678 -29.11 -10.46 -11.60
N VAL A 679 -28.95 -11.72 -12.02
CA VAL A 679 -29.99 -12.73 -11.80
C VAL A 679 -30.30 -12.86 -10.32
N SER A 680 -29.28 -12.74 -9.47
CA SER A 680 -29.46 -12.95 -8.04
C SER A 680 -30.03 -11.71 -7.36
N TRP A 681 -29.38 -10.56 -7.53
CA TRP A 681 -29.74 -9.37 -6.76
C TRP A 681 -30.85 -8.54 -7.42
N LEU A 682 -30.77 -8.33 -8.73
CA LEU A 682 -31.81 -7.54 -9.38
C LEU A 682 -33.10 -8.34 -9.57
N GLY A 683 -32.99 -9.65 -9.77
CA GLY A 683 -34.16 -10.46 -10.04
C GLY A 683 -34.85 -10.98 -8.78
N TYR A 684 -34.07 -11.28 -7.75
CA TYR A 684 -34.63 -11.85 -6.52
C TYR A 684 -34.35 -11.00 -5.28
N GLY A 685 -33.69 -9.85 -5.42
CA GLY A 685 -33.41 -9.01 -4.28
C GLY A 685 -34.28 -7.76 -4.20
N ILE A 686 -34.02 -6.78 -5.07
CA ILE A 686 -34.90 -5.62 -5.16
C ILE A 686 -35.95 -5.77 -6.26
N GLY A 687 -35.88 -6.84 -7.05
CA GLY A 687 -36.97 -7.18 -7.95
C GLY A 687 -37.23 -6.17 -9.05
N ILE A 688 -36.20 -5.44 -9.50
CA ILE A 688 -36.38 -4.54 -10.63
C ILE A 688 -36.27 -5.28 -11.97
N PHE A 689 -35.62 -6.45 -12.00
CA PHE A 689 -35.59 -7.31 -13.17
C PHE A 689 -36.41 -8.58 -12.89
N ALA A 690 -36.56 -9.40 -13.93
CA ALA A 690 -37.33 -10.62 -13.79
C ALA A 690 -36.63 -11.61 -12.85
N PRO A 691 -37.40 -12.38 -12.06
CA PRO A 691 -38.86 -12.44 -12.02
C PRO A 691 -39.54 -11.38 -11.14
N GLY A 692 -38.77 -10.45 -10.60
CA GLY A 692 -39.36 -9.34 -9.88
C GLY A 692 -39.65 -9.59 -8.43
N ILE A 693 -38.93 -10.51 -7.79
CA ILE A 693 -39.13 -10.80 -6.38
C ILE A 693 -38.33 -9.80 -5.54
N TYR A 694 -38.99 -9.20 -4.55
CA TYR A 694 -38.36 -8.27 -3.62
C TYR A 694 -38.18 -8.98 -2.28
N ASP A 695 -36.96 -9.40 -2.01
CA ASP A 695 -36.55 -10.02 -0.74
C ASP A 695 -35.06 -9.84 -0.56
N PRO A 696 -34.59 -8.61 -0.32
CA PRO A 696 -33.15 -8.33 -0.41
C PRO A 696 -32.30 -8.98 0.66
N GLY A 697 -32.88 -9.66 1.63
CA GLY A 697 -32.10 -10.24 2.71
C GLY A 697 -31.64 -11.66 2.47
N THR A 698 -32.52 -12.53 1.93
CA THR A 698 -32.25 -13.96 1.88
C THR A 698 -32.21 -14.52 0.46
N SER A 699 -33.21 -14.21 -0.36
CA SER A 699 -33.29 -14.83 -1.69
C SER A 699 -32.06 -14.60 -2.55
N PRO A 700 -31.46 -13.41 -2.62
CA PRO A 700 -30.24 -13.25 -3.45
C PRO A 700 -29.16 -14.28 -3.12
N TYR A 701 -28.99 -14.62 -1.84
CA TYR A 701 -28.00 -15.62 -1.45
C TYR A 701 -28.47 -17.01 -1.80
N MET A 702 -29.78 -17.26 -1.71
CA MET A 702 -30.31 -18.56 -2.10
C MET A 702 -30.14 -18.80 -3.59
N VAL A 703 -30.36 -17.75 -4.39
CA VAL A 703 -30.26 -17.91 -5.84
C VAL A 703 -28.81 -18.04 -6.27
N ALA A 704 -27.92 -17.21 -5.72
CA ALA A 704 -26.51 -17.30 -6.07
C ALA A 704 -25.93 -18.66 -5.70
N HIS A 705 -26.41 -19.23 -4.58
CA HIS A 705 -25.93 -20.53 -4.15
C HIS A 705 -26.23 -21.60 -5.20
N ASN A 706 -27.48 -21.63 -5.66
CA ASN A 706 -27.86 -22.61 -6.68
C ASN A 706 -27.17 -22.34 -8.01
N ILE A 707 -26.92 -21.06 -8.34
CA ILE A 707 -26.20 -20.75 -9.57
C ILE A 707 -24.80 -21.36 -9.55
N ILE A 708 -24.08 -21.14 -8.46
CA ILE A 708 -22.75 -21.74 -8.30
C ILE A 708 -22.85 -23.26 -8.41
N ARG A 709 -23.84 -23.87 -7.75
CA ARG A 709 -23.99 -25.31 -7.82
C ARG A 709 -24.45 -25.78 -9.21
N SER A 710 -25.25 -24.98 -9.90
CA SER A 710 -25.66 -25.35 -11.25
C SER A 710 -24.48 -25.28 -12.22
N HIS A 711 -23.69 -24.21 -12.14
CA HIS A 711 -22.53 -24.08 -13.03
C HIS A 711 -21.54 -25.20 -12.82
N SER A 712 -21.26 -25.55 -11.56
CA SER A 712 -20.31 -26.62 -11.29
C SER A 712 -20.77 -27.94 -11.86
N ARG A 713 -22.05 -28.28 -11.68
CA ARG A 713 -22.53 -29.54 -12.24
C ARG A 713 -22.56 -29.49 -13.76
N ALA A 714 -22.73 -28.29 -14.33
CA ALA A 714 -22.68 -28.18 -15.79
C ALA A 714 -21.27 -28.32 -16.32
N TYR A 715 -20.28 -27.79 -15.60
CA TYR A 715 -18.89 -27.96 -16.02
C TYR A 715 -18.49 -29.43 -16.00
N HIS A 716 -18.74 -30.11 -14.88
CA HIS A 716 -18.31 -31.50 -14.74
C HIS A 716 -19.04 -32.41 -15.72
N LEU A 717 -20.31 -32.13 -16.02
CA LEU A 717 -20.99 -32.87 -17.06
C LEU A 717 -20.28 -32.74 -18.40
N TYR A 718 -19.68 -31.56 -18.67
CA TYR A 718 -18.97 -31.39 -19.93
C TYR A 718 -17.63 -32.12 -19.94
N SER A 719 -16.84 -31.99 -18.88
CA SER A 719 -15.52 -32.62 -18.89
C SER A 719 -15.63 -34.14 -18.77
N ASN A 720 -16.62 -34.65 -18.03
CA ASN A 720 -16.77 -36.09 -17.87
C ASN A 720 -17.37 -36.76 -19.11
N ASN A 721 -18.23 -36.05 -19.86
CA ASN A 721 -19.01 -36.72 -20.90
C ASN A 721 -18.94 -36.06 -22.27
N PHE A 722 -18.20 -34.97 -22.44
CA PHE A 722 -18.20 -34.29 -23.73
C PHE A 722 -16.86 -33.70 -24.15
N GLN A 723 -16.00 -33.28 -23.22
CA GLN A 723 -14.76 -32.60 -23.59
C GLN A 723 -13.81 -33.51 -24.36
N ALA A 724 -13.84 -34.82 -24.09
CA ALA A 724 -12.93 -35.75 -24.75
C ALA A 724 -13.14 -35.75 -26.26
N LYS A 725 -14.38 -35.90 -26.72
CA LYS A 725 -14.67 -35.98 -28.14
C LYS A 725 -14.85 -34.62 -28.80
N TYR A 726 -15.22 -33.58 -28.04
CA TYR A 726 -15.53 -32.28 -28.62
C TYR A 726 -14.45 -31.23 -28.43
N LYS A 727 -13.60 -31.37 -27.39
CA LYS A 727 -12.44 -30.49 -27.18
C LYS A 727 -12.87 -29.02 -27.06
N GLY A 728 -13.88 -28.77 -26.25
CA GLY A 728 -14.37 -27.43 -25.99
C GLY A 728 -13.97 -26.93 -24.61
N LYS A 729 -14.28 -25.65 -24.37
CA LYS A 729 -13.98 -24.99 -23.10
C LYS A 729 -15.25 -24.39 -22.52
N VAL A 730 -15.43 -24.59 -21.21
CA VAL A 730 -16.59 -24.09 -20.49
C VAL A 730 -16.15 -23.00 -19.51
N GLY A 731 -16.88 -21.88 -19.49
CA GLY A 731 -16.58 -20.80 -18.58
C GLY A 731 -17.84 -20.23 -17.96
N ILE A 732 -17.63 -19.19 -17.14
CA ILE A 732 -18.71 -18.41 -16.55
C ILE A 732 -18.36 -16.93 -16.70
N THR A 733 -19.39 -16.11 -16.87
CA THR A 733 -19.24 -14.67 -17.09
C THR A 733 -19.81 -13.93 -15.89
N LEU A 734 -18.99 -13.09 -15.27
CA LEU A 734 -19.39 -12.32 -14.09
C LEU A 734 -19.15 -10.85 -14.35
N ASP A 735 -20.16 -10.01 -14.10
CA ASP A 735 -19.99 -8.57 -14.27
C ASP A 735 -19.41 -7.96 -13.01
N ILE A 736 -18.55 -6.97 -13.19
CA ILE A 736 -17.88 -6.35 -12.05
C ILE A 736 -17.36 -4.98 -12.45
N GLU A 737 -17.69 -3.97 -11.64
CA GLU A 737 -17.01 -2.70 -11.76
C GLU A 737 -15.71 -2.76 -10.98
N TRP A 738 -14.69 -2.04 -11.48
CA TRP A 738 -13.48 -1.90 -10.68
C TRP A 738 -13.81 -1.11 -9.43
N LYS A 739 -13.19 -1.50 -8.33
CA LYS A 739 -13.49 -0.94 -7.01
C LYS A 739 -12.24 -0.22 -6.52
N GLU A 740 -12.18 1.10 -6.74
CA GLU A 740 -11.05 1.96 -6.34
C GLU A 740 -11.32 2.56 -4.96
N PRO A 741 -10.32 2.56 -4.07
CA PRO A 741 -10.49 3.23 -2.78
C PRO A 741 -10.73 4.72 -2.98
N LEU A 742 -11.75 5.24 -2.28
CA LEU A 742 -12.01 6.69 -2.31
C LEU A 742 -10.83 7.47 -1.74
N THR A 743 -10.18 6.90 -0.73
CA THR A 743 -9.16 7.57 0.06
C THR A 743 -7.96 6.64 0.17
N ASP A 744 -6.79 7.22 0.40
CA ASP A 744 -5.60 6.40 0.58
C ASP A 744 -5.54 5.68 1.94
N SER A 745 -6.60 5.71 2.75
CA SER A 745 -6.57 5.09 4.05
C SER A 745 -6.67 3.57 3.95
N SER A 746 -6.14 2.88 4.95
CA SER A 746 -6.20 1.43 4.93
C SER A 746 -7.62 0.93 5.17
N GLU A 747 -8.47 1.72 5.83
CA GLU A 747 -9.86 1.30 6.00
C GLU A 747 -10.64 1.40 4.69
N ASP A 748 -10.22 2.29 3.80
CA ASP A 748 -10.88 2.40 2.51
C ASP A 748 -10.33 1.39 1.51
N ALA A 749 -9.06 1.01 1.65
CA ALA A 749 -8.53 -0.07 0.83
C ALA A 749 -9.18 -1.39 1.19
N ALA A 750 -9.43 -1.61 2.48
CA ALA A 750 -10.15 -2.81 2.89
C ALA A 750 -11.60 -2.75 2.43
N ALA A 751 -12.18 -1.55 2.38
CA ALA A 751 -13.54 -1.42 1.88
C ALA A 751 -13.61 -1.72 0.39
N ALA A 752 -12.64 -1.22 -0.38
CA ALA A 752 -12.65 -1.47 -1.82
C ALA A 752 -12.55 -2.96 -2.11
N ASP A 753 -11.60 -3.65 -1.46
CA ASP A 753 -11.48 -5.09 -1.64
C ASP A 753 -12.74 -5.81 -1.17
N ARG A 754 -13.36 -5.32 -0.10
CA ARG A 754 -14.61 -5.91 0.34
C ARG A 754 -15.69 -5.78 -0.72
N ALA A 755 -15.73 -4.65 -1.41
CA ALA A 755 -16.74 -4.48 -2.46
C ALA A 755 -16.45 -5.38 -3.64
N MET A 756 -15.17 -5.68 -3.90
CA MET A 756 -14.81 -6.64 -4.93
C MET A 756 -15.31 -8.04 -4.56
N GLN A 757 -15.04 -8.48 -3.33
CA GLN A 757 -15.40 -9.83 -2.91
C GLN A 757 -16.90 -10.05 -2.97
N PHE A 758 -17.68 -9.06 -2.55
CA PHE A 758 -19.12 -9.21 -2.44
C PHE A 758 -19.82 -9.25 -3.78
N LYS A 759 -19.22 -8.68 -4.84
CA LYS A 759 -19.84 -8.64 -6.15
C LYS A 759 -19.24 -9.63 -7.13
N LEU A 760 -17.91 -9.74 -7.16
CA LEU A 760 -17.22 -10.67 -8.03
C LEU A 760 -16.85 -11.95 -7.31
N GLY A 761 -16.18 -11.84 -6.15
CA GLY A 761 -15.83 -12.99 -5.35
C GLY A 761 -17.02 -13.83 -4.92
N TRP A 762 -18.19 -13.22 -4.75
CA TRP A 762 -19.45 -13.91 -4.50
C TRP A 762 -19.58 -15.20 -5.32
N PHE A 763 -19.23 -15.12 -6.61
CA PHE A 763 -19.25 -16.28 -7.48
C PHE A 763 -17.87 -16.80 -7.83
N ALA A 764 -16.91 -15.89 -8.08
CA ALA A 764 -15.61 -16.29 -8.58
C ALA A 764 -14.78 -17.04 -7.54
N ASN A 765 -15.00 -16.77 -6.25
CA ASN A 765 -14.13 -17.36 -5.24
C ASN A 765 -14.31 -18.87 -5.18
N ALA A 766 -15.55 -19.34 -5.15
CA ALA A 766 -15.77 -20.78 -5.05
C ALA A 766 -15.31 -21.52 -6.30
N ILE A 767 -15.26 -20.85 -7.45
CA ILE A 767 -14.89 -21.52 -8.68
C ILE A 767 -13.40 -21.38 -8.96
N PHE A 768 -12.81 -20.21 -8.70
CA PHE A 768 -11.46 -19.92 -9.16
C PHE A 768 -10.43 -19.78 -8.05
N ALA A 769 -10.82 -19.41 -6.84
CA ALA A 769 -9.83 -19.06 -5.82
C ALA A 769 -9.08 -20.27 -5.30
N GLY A 770 -9.75 -21.42 -5.15
CA GLY A 770 -9.06 -22.62 -4.72
C GLY A 770 -9.72 -23.36 -3.58
N SER A 771 -10.49 -22.65 -2.75
CA SER A 771 -11.12 -23.26 -1.60
C SER A 771 -12.53 -23.78 -1.88
N GLY A 772 -13.07 -23.51 -3.07
CA GLY A 772 -14.42 -23.96 -3.38
C GLY A 772 -15.50 -23.34 -2.53
N ASP A 773 -15.19 -22.25 -1.84
CA ASP A 773 -16.10 -21.66 -0.86
C ASP A 773 -16.20 -20.16 -1.10
N TYR A 774 -17.18 -19.55 -0.44
CA TYR A 774 -17.35 -18.10 -0.53
C TYR A 774 -16.13 -17.38 0.04
N PRO A 775 -15.97 -16.10 -0.28
CA PRO A 775 -14.89 -15.32 0.35
C PRO A 775 -15.07 -15.24 1.86
N GLN A 776 -13.96 -15.36 2.59
CA GLN A 776 -14.02 -15.32 4.05
C GLN A 776 -14.69 -14.06 4.57
N VAL A 777 -14.57 -12.94 3.85
CA VAL A 777 -15.18 -11.70 4.30
C VAL A 777 -16.70 -11.80 4.25
N MET A 778 -17.24 -12.46 3.22
CA MET A 778 -18.68 -12.62 3.14
C MET A 778 -19.21 -13.51 4.25
N ARG A 779 -18.51 -14.62 4.54
CA ARG A 779 -18.98 -15.50 5.59
C ARG A 779 -18.90 -14.83 6.95
N GLN A 780 -17.78 -14.16 7.24
CA GLN A 780 -17.66 -13.46 8.52
C GLN A 780 -18.76 -12.40 8.67
N LEU A 781 -18.97 -11.59 7.64
CA LEU A 781 -19.85 -10.43 7.77
C LEU A 781 -21.33 -10.81 7.77
N VAL A 782 -21.74 -11.75 6.93
CA VAL A 782 -23.16 -12.08 6.88
C VAL A 782 -23.56 -12.91 8.09
N ASP A 783 -22.67 -13.80 8.56
CA ASP A 783 -22.92 -14.55 9.78
C ASP A 783 -23.14 -13.62 10.96
N GLU A 784 -22.19 -12.68 11.19
CA GLU A 784 -22.28 -11.81 12.36
C GLU A 784 -23.54 -10.95 12.31
N LYS A 785 -23.87 -10.43 11.14
CA LYS A 785 -25.06 -9.59 11.04
C LYS A 785 -26.33 -10.44 11.17
N SER A 786 -26.31 -11.65 10.61
CA SER A 786 -27.46 -12.54 10.78
C SER A 786 -27.71 -12.84 12.24
N LYS A 787 -26.64 -12.99 13.03
CA LYS A 787 -26.81 -13.31 14.44
C LYS A 787 -27.40 -12.14 15.22
N ARG A 788 -26.95 -10.92 14.91
CA ARG A 788 -27.51 -9.75 15.57
C ARG A 788 -28.99 -9.60 15.23
N GLN A 789 -29.36 -9.88 13.98
CA GLN A 789 -30.73 -9.72 13.52
C GLN A 789 -31.66 -10.80 14.06
N GLY A 790 -31.16 -11.75 14.84
CA GLY A 790 -32.01 -12.75 15.46
C GLY A 790 -32.40 -13.91 14.58
N LEU A 791 -31.57 -14.25 13.60
CA LEU A 791 -31.90 -15.30 12.65
C LEU A 791 -31.33 -16.64 13.12
N ALA A 792 -32.15 -17.68 13.00
CA ALA A 792 -31.72 -19.01 13.43
C ALA A 792 -30.49 -19.48 12.67
N LYS A 793 -30.49 -19.29 11.35
CA LYS A 793 -29.33 -19.61 10.51
C LYS A 793 -28.86 -18.36 9.78
N SER A 794 -27.63 -18.41 9.31
CA SER A 794 -27.09 -17.30 8.54
C SER A 794 -27.75 -17.21 7.17
N ARG A 795 -27.87 -15.99 6.65
CA ARG A 795 -28.54 -15.81 5.37
C ARG A 795 -27.68 -16.26 4.20
N LEU A 796 -26.36 -16.40 4.40
CA LEU A 796 -25.49 -16.96 3.38
C LEU A 796 -25.38 -18.47 3.56
N PRO A 797 -25.83 -19.27 2.61
CA PRO A 797 -25.80 -20.73 2.80
C PRO A 797 -24.37 -21.26 2.90
N SER A 798 -24.27 -22.49 3.39
CA SER A 798 -22.98 -23.14 3.60
C SER A 798 -22.83 -24.30 2.63
N PHE A 799 -21.68 -24.36 1.96
CA PHE A 799 -21.40 -25.49 1.08
C PHE A 799 -21.00 -26.71 1.91
N THR A 800 -21.42 -27.89 1.46
CA THR A 800 -20.86 -29.11 2.03
C THR A 800 -19.44 -29.31 1.50
N GLN A 801 -18.64 -30.07 2.26
CA GLN A 801 -17.28 -30.34 1.81
C GLN A 801 -17.26 -31.01 0.44
N ALA A 802 -18.25 -31.86 0.15
CA ALA A 802 -18.37 -32.43 -1.18
C ALA A 802 -18.69 -31.37 -2.22
N GLU A 803 -19.54 -30.40 -1.86
CA GLU A 803 -19.89 -29.34 -2.79
C GLU A 803 -18.70 -28.42 -3.08
N LYS A 804 -17.93 -28.07 -2.04
CA LYS A 804 -16.73 -27.28 -2.25
C LYS A 804 -15.78 -27.96 -3.22
N ASN A 805 -15.61 -29.28 -3.07
CA ASN A 805 -14.68 -30.01 -3.93
C ASN A 805 -15.16 -30.05 -5.38
N LEU A 806 -16.48 -30.08 -5.59
CA LEU A 806 -16.99 -29.99 -6.96
C LEU A 806 -16.83 -28.58 -7.52
N ASN A 807 -16.76 -27.57 -6.66
CA ASN A 807 -16.54 -26.21 -7.12
C ASN A 807 -15.08 -25.97 -7.51
N LYS A 808 -14.16 -26.71 -6.91
CA LYS A 808 -12.73 -26.42 -7.09
C LYS A 808 -12.30 -26.66 -8.53
N GLY A 809 -11.73 -25.63 -9.15
CA GLY A 809 -11.26 -25.74 -10.52
C GLY A 809 -12.31 -26.04 -11.55
N ALA A 810 -13.58 -25.74 -11.27
CA ALA A 810 -14.68 -26.07 -12.18
C ALA A 810 -14.79 -24.99 -13.27
N TYR A 811 -13.76 -24.94 -14.10
CA TYR A 811 -13.71 -23.92 -15.14
C TYR A 811 -12.60 -24.25 -16.12
N ASP A 812 -12.71 -23.67 -17.31
CA ASP A 812 -11.60 -23.59 -18.25
C ASP A 812 -11.10 -22.16 -18.45
N PHE A 813 -11.99 -21.18 -18.37
CA PHE A 813 -11.59 -19.79 -18.46
C PHE A 813 -12.52 -18.95 -17.59
N LEU A 814 -12.04 -17.77 -17.24
CA LEU A 814 -12.84 -16.76 -16.55
C LEU A 814 -13.31 -15.72 -17.56
N ALA A 815 -14.55 -15.27 -17.42
CA ALA A 815 -15.10 -14.29 -18.33
C ALA A 815 -15.65 -13.11 -17.52
N LEU A 816 -15.26 -11.89 -17.88
CA LEU A 816 -15.63 -10.69 -17.14
C LEU A 816 -16.40 -9.73 -18.03
N ASN A 817 -17.51 -9.20 -17.49
CA ASN A 817 -18.22 -8.06 -18.07
C ASN A 817 -17.81 -6.81 -17.31
N HIS A 818 -17.29 -5.83 -18.03
CA HIS A 818 -16.77 -4.62 -17.39
C HIS A 818 -17.21 -3.40 -18.17
N TYR A 819 -17.77 -2.43 -17.48
CA TYR A 819 -18.25 -1.20 -18.07
C TYR A 819 -17.70 0.05 -17.41
N THR A 820 -17.60 0.06 -16.08
CA THR A 820 -17.32 1.28 -15.34
C THR A 820 -16.64 0.92 -14.03
N THR A 821 -16.35 1.92 -13.21
CA THR A 821 -15.75 1.71 -11.90
C THR A 821 -16.42 2.63 -10.87
N ASN A 822 -16.17 2.37 -9.57
CA ASN A 822 -16.65 3.21 -8.45
C ASN A 822 -15.56 3.44 -7.41
N PRO A 823 -15.40 4.65 -6.88
CA PRO A 823 -14.68 4.83 -5.62
C PRO A 823 -15.49 4.30 -4.45
N VAL A 824 -14.82 3.55 -3.57
CA VAL A 824 -15.44 2.88 -2.44
C VAL A 824 -14.85 3.45 -1.16
N ASN A 825 -15.66 3.50 -0.10
CA ASN A 825 -15.15 3.89 1.20
C ASN A 825 -15.86 3.08 2.27
N ASN A 826 -15.20 2.95 3.42
CA ASN A 826 -15.73 2.18 4.53
C ASN A 826 -16.92 2.90 5.16
N GLN A 827 -17.96 2.15 5.50
CA GLN A 827 -19.20 2.71 6.04
C GLN A 827 -19.87 1.69 6.94
N PRO A 828 -19.48 1.64 8.22
CA PRO A 828 -20.12 0.70 9.14
C PRO A 828 -21.61 0.97 9.27
N ARG A 829 -22.40 -0.10 9.34
CA ARG A 829 -23.86 -0.02 9.48
C ARG A 829 -24.30 -0.98 10.57
N PRO A 830 -24.03 -0.64 11.84
CA PRO A 830 -24.25 -1.61 12.91
C PRO A 830 -25.72 -1.91 13.19
N ASN A 831 -26.65 -1.15 12.60
CA ASN A 831 -28.07 -1.41 12.76
C ASN A 831 -28.75 -1.76 11.45
N SER A 832 -27.97 -2.22 10.47
CA SER A 832 -28.50 -2.54 9.15
C SER A 832 -29.50 -3.70 9.22
N GLN A 833 -30.53 -3.61 8.40
CA GLN A 833 -31.49 -4.69 8.27
C GLN A 833 -31.01 -5.72 7.25
N PRO A 834 -31.55 -6.96 7.28
CA PRO A 834 -31.15 -7.95 6.28
C PRO A 834 -31.26 -7.45 4.86
N ASN A 835 -30.12 -7.37 4.16
CA ASN A 835 -30.02 -6.74 2.85
C ASN A 835 -28.63 -6.99 2.27
N TYR A 836 -28.57 -7.61 1.09
CA TYR A 836 -27.28 -8.00 0.50
C TYR A 836 -26.34 -6.81 0.37
N GLU A 837 -26.87 -5.63 0.05
CA GLU A 837 -26.00 -4.47 -0.08
C GLU A 837 -25.64 -3.87 1.28
N GLN A 838 -26.59 -3.85 2.21
CA GLN A 838 -26.29 -3.35 3.56
C GLN A 838 -25.32 -4.24 4.30
N ASP A 839 -25.19 -5.52 3.91
CA ASP A 839 -24.29 -6.43 4.59
C ASP A 839 -22.83 -6.06 4.42
N GLN A 840 -22.50 -5.21 3.44
CA GLN A 840 -21.12 -5.05 3.02
C GLN A 840 -20.37 -3.95 3.76
N ASN A 841 -21.07 -3.02 4.43
CA ASN A 841 -20.46 -1.91 5.15
C ASN A 841 -19.59 -1.05 4.23
N ILE A 842 -20.15 -0.70 3.07
CA ILE A 842 -19.44 0.14 2.11
C ILE A 842 -20.35 1.29 1.67
N ASP A 843 -19.75 2.19 0.91
CA ASP A 843 -20.44 3.29 0.26
C ASP A 843 -19.70 3.61 -1.03
N THR A 844 -20.44 4.03 -2.05
CA THR A 844 -19.91 4.20 -3.39
C THR A 844 -20.19 5.61 -3.90
N ARG A 845 -19.30 6.08 -4.77
CA ARG A 845 -19.40 7.38 -5.44
C ARG A 845 -18.86 7.24 -6.84
N TYR A 846 -18.85 8.34 -7.58
CA TYR A 846 -18.20 8.39 -8.89
C TYR A 846 -17.17 9.52 -8.89
N ASP A 847 -16.01 9.25 -9.46
CA ASP A 847 -15.02 10.29 -9.65
C ASP A 847 -15.59 11.37 -10.56
N PRO A 848 -15.59 12.64 -10.13
CA PRO A 848 -16.17 13.70 -10.97
C PRO A 848 -15.47 13.91 -12.31
N CYS A 849 -14.26 13.35 -12.48
CA CYS A 849 -13.50 13.48 -13.72
C CYS A 849 -13.91 12.45 -14.77
N TRP A 850 -14.52 11.35 -14.37
CA TRP A 850 -14.93 10.33 -15.33
C TRP A 850 -16.13 10.85 -16.11
N PRO A 851 -16.06 10.90 -17.45
CA PRO A 851 -17.19 11.44 -18.22
C PRO A 851 -18.45 10.61 -18.07
N ASP A 852 -19.57 11.24 -18.40
CA ASP A 852 -20.88 10.60 -18.32
C ASP A 852 -21.22 9.88 -19.62
N THR A 853 -22.14 8.93 -19.52
CA THR A 853 -22.76 8.29 -20.68
C THR A 853 -24.27 8.46 -20.59
N ASP A 854 -24.99 7.87 -21.55
CA ASP A 854 -26.45 7.92 -21.53
C ASP A 854 -27.04 7.14 -20.36
N ALA A 855 -26.24 6.38 -19.62
CA ALA A 855 -26.70 5.65 -18.45
C ALA A 855 -26.09 6.26 -17.19
N SER A 856 -26.93 6.53 -16.20
CA SER A 856 -26.47 7.23 -14.99
C SER A 856 -25.42 6.43 -14.21
N TRP A 857 -25.39 5.10 -14.38
CA TRP A 857 -24.50 4.23 -13.64
C TRP A 857 -23.18 3.95 -14.37
N LEU A 858 -23.06 4.32 -15.64
CA LEU A 858 -21.88 4.01 -16.44
C LEU A 858 -21.06 5.30 -16.61
N LYS A 859 -19.87 5.32 -16.02
CA LYS A 859 -18.90 6.40 -16.24
C LYS A 859 -17.67 5.86 -16.96
N VAL A 860 -17.06 6.71 -17.78
CA VAL A 860 -15.94 6.30 -18.61
C VAL A 860 -14.66 6.37 -17.79
N ASN A 861 -14.08 5.20 -17.49
CA ASN A 861 -12.78 5.13 -16.80
C ASN A 861 -11.97 4.00 -17.40
N PRO A 862 -11.21 4.29 -18.46
CA PRO A 862 -10.50 3.21 -19.17
C PRO A 862 -9.59 2.37 -18.28
N TRP A 863 -8.85 2.98 -17.36
CA TRP A 863 -7.88 2.18 -16.62
C TRP A 863 -8.54 1.25 -15.60
N GLY A 864 -9.86 1.35 -15.40
CA GLY A 864 -10.53 0.41 -14.52
C GLY A 864 -10.42 -1.03 -15.00
N ILE A 865 -10.49 -1.23 -16.32
CA ILE A 865 -10.42 -2.59 -16.85
C ILE A 865 -9.02 -3.17 -16.62
N ARG A 866 -7.99 -2.33 -16.60
CA ARG A 866 -6.65 -2.84 -16.38
C ARG A 866 -6.47 -3.27 -14.92
N LYS A 867 -6.87 -2.44 -13.97
CA LYS A 867 -6.76 -2.83 -12.57
C LYS A 867 -7.64 -4.04 -12.27
N LEU A 868 -8.82 -4.12 -12.89
CA LEU A 868 -9.68 -5.29 -12.71
C LEU A 868 -9.00 -6.56 -13.21
N LEU A 869 -8.28 -6.46 -14.34
CA LEU A 869 -7.66 -7.64 -14.92
C LEU A 869 -6.53 -8.17 -14.05
N ARG A 870 -5.73 -7.28 -13.45
CA ARG A 870 -4.68 -7.74 -12.55
C ARG A 870 -5.26 -8.30 -11.26
N TRP A 871 -6.37 -7.73 -10.79
CA TRP A 871 -7.02 -8.28 -9.61
C TRP A 871 -7.48 -9.71 -9.88
N ALA A 872 -8.16 -9.93 -11.00
CA ALA A 872 -8.60 -11.28 -11.35
C ALA A 872 -7.41 -12.20 -11.51
N ARG A 873 -6.31 -11.69 -12.09
CA ARG A 873 -5.12 -12.52 -12.29
C ARG A 873 -4.51 -12.95 -10.97
N ASP A 874 -4.40 -12.01 -10.02
CA ASP A 874 -3.74 -12.31 -8.75
C ASP A 874 -4.59 -13.23 -7.87
N HIS A 875 -5.90 -13.09 -7.90
CA HIS A 875 -6.77 -13.79 -6.97
C HIS A 875 -7.27 -15.13 -7.48
N TYR A 876 -7.15 -15.40 -8.79
CA TYR A 876 -7.81 -16.56 -9.36
C TYR A 876 -6.84 -17.46 -10.12
N HIS A 877 -5.59 -17.54 -9.65
CA HIS A 877 -4.61 -18.51 -10.14
C HIS A 877 -4.32 -18.32 -11.64
N ASN A 878 -4.11 -17.08 -12.03
CA ASN A 878 -3.68 -16.73 -13.38
C ASN A 878 -4.48 -17.47 -14.45
N PRO A 879 -5.78 -17.29 -14.51
CA PRO A 879 -6.61 -18.03 -15.47
C PRO A 879 -6.56 -17.40 -16.86
N GLU A 880 -7.05 -18.17 -17.84
CA GLU A 880 -7.39 -17.59 -19.12
C GLU A 880 -8.62 -16.72 -18.95
N ILE A 881 -8.55 -15.48 -19.42
CA ILE A 881 -9.61 -14.51 -19.21
C ILE A 881 -10.11 -14.01 -20.56
N ILE A 882 -11.43 -13.93 -20.70
CA ILE A 882 -12.08 -13.26 -21.82
C ILE A 882 -12.93 -12.14 -21.26
N ILE A 883 -12.86 -10.96 -21.89
CA ILE A 883 -13.79 -9.89 -21.60
C ILE A 883 -15.04 -10.14 -22.44
N SER A 884 -16.15 -10.51 -21.80
CA SER A 884 -17.36 -10.93 -22.51
C SER A 884 -18.29 -9.78 -22.84
N GLU A 885 -18.09 -8.60 -22.27
CA GLU A 885 -18.97 -7.47 -22.57
C GLU A 885 -18.22 -6.20 -22.23
N SER A 886 -18.26 -5.23 -23.16
CA SER A 886 -17.59 -3.96 -22.96
C SER A 886 -18.21 -2.97 -23.94
N GLY A 887 -18.65 -1.83 -23.42
CA GLY A 887 -19.30 -0.84 -24.25
C GLY A 887 -20.01 0.20 -23.40
N ARG A 888 -20.79 1.04 -24.09
CA ARG A 888 -21.52 2.14 -23.48
C ARG A 888 -22.65 2.53 -24.42
N PRO A 889 -23.70 3.17 -23.91
CA PRO A 889 -24.72 3.72 -24.79
C PRO A 889 -24.27 5.03 -25.42
N ASP A 890 -24.87 5.34 -26.57
CA ASP A 890 -24.63 6.61 -27.24
C ASP A 890 -25.95 7.09 -27.82
N GLY A 891 -25.89 8.14 -28.64
CA GLY A 891 -27.08 8.64 -29.29
C GLY A 891 -27.52 7.80 -30.48
N GLU A 892 -28.67 8.17 -31.03
CA GLU A 892 -29.26 7.43 -32.13
C GLU A 892 -28.63 7.77 -33.48
N ASP A 893 -27.99 8.92 -33.62
CA ASP A 893 -27.33 9.26 -34.87
C ASP A 893 -26.18 8.28 -35.14
N LEU A 894 -25.76 8.24 -36.40
CA LEU A 894 -24.74 7.28 -36.84
C LEU A 894 -23.33 7.66 -36.40
N THR A 895 -23.11 8.88 -35.91
CA THR A 895 -21.78 9.35 -35.51
C THR A 895 -21.67 9.25 -33.99
N ASP A 896 -21.23 8.08 -33.52
CA ASP A 896 -21.11 7.77 -32.10
C ASP A 896 -19.66 7.93 -31.67
N ASP A 897 -19.23 9.19 -31.53
CA ASP A 897 -17.86 9.46 -31.12
C ASP A 897 -17.60 9.04 -29.68
N GLY A 898 -18.64 9.04 -28.83
CA GLY A 898 -18.47 8.54 -27.48
C GLY A 898 -18.13 7.07 -27.45
N ARG A 899 -18.83 6.27 -28.25
CA ARG A 899 -18.52 4.84 -28.35
C ARG A 899 -17.10 4.64 -28.88
N ILE A 900 -16.68 5.44 -29.86
CA ILE A 900 -15.33 5.32 -30.42
C ILE A 900 -14.29 5.68 -29.37
N TYR A 901 -14.51 6.81 -28.66
CA TYR A 901 -13.58 7.18 -27.60
C TYR A 901 -13.51 6.08 -26.53
N TYR A 902 -14.65 5.48 -26.20
CA TYR A 902 -14.68 4.43 -25.20
C TYR A 902 -13.88 3.22 -25.64
N TYR A 903 -14.16 2.72 -26.85
CA TYR A 903 -13.46 1.54 -27.33
C TYR A 903 -11.98 1.83 -27.55
N LYS A 904 -11.65 3.02 -28.04
CA LYS A 904 -10.25 3.35 -28.29
C LYS A 904 -9.41 3.20 -27.03
N TYR A 905 -9.95 3.59 -25.88
CA TYR A 905 -9.13 3.65 -24.68
C TYR A 905 -9.33 2.47 -23.74
N TYR A 906 -10.49 1.84 -23.73
CA TYR A 906 -10.65 0.63 -22.93
C TYR A 906 -9.85 -0.54 -23.54
N ILE A 907 -9.96 -0.70 -24.87
CA ILE A 907 -9.20 -1.73 -25.57
C ILE A 907 -7.70 -1.46 -25.46
N ASN A 908 -7.30 -0.20 -25.43
CA ASN A 908 -5.90 0.11 -25.19
C ASN A 908 -5.48 -0.26 -23.77
N GLU A 909 -6.34 -0.01 -22.79
CA GLU A 909 -6.04 -0.44 -21.44
C GLU A 909 -6.03 -1.96 -21.34
N LEU A 910 -6.94 -2.62 -22.06
CA LEU A 910 -6.91 -4.07 -22.15
C LEU A 910 -5.58 -4.56 -22.72
N LEU A 911 -5.13 -3.95 -23.82
CA LEU A 911 -3.83 -4.26 -24.41
C LEU A 911 -2.71 -4.06 -23.40
N LYS A 912 -2.82 -3.03 -22.56
CA LYS A 912 -1.80 -2.80 -21.54
C LYS A 912 -1.79 -3.94 -20.52
N ALA A 913 -2.96 -4.45 -20.14
CA ALA A 913 -2.99 -5.56 -19.19
C ALA A 913 -2.32 -6.79 -19.77
N ILE A 914 -2.35 -6.97 -21.10
CA ILE A 914 -1.65 -8.09 -21.71
C ILE A 914 -0.15 -7.81 -21.80
N LYS A 915 0.23 -6.78 -22.56
CA LYS A 915 1.64 -6.58 -22.87
C LYS A 915 2.41 -6.10 -21.65
N LEU A 916 1.87 -5.12 -20.92
CA LEU A 916 2.60 -4.56 -19.79
C LEU A 916 2.44 -5.40 -18.52
N ASP A 917 1.31 -6.08 -18.34
CA ASP A 917 1.02 -6.75 -17.08
C ASP A 917 1.00 -8.27 -17.17
N GLY A 918 1.01 -8.84 -18.37
CA GLY A 918 1.10 -10.29 -18.50
C GLY A 918 -0.17 -11.06 -18.24
N VAL A 919 -1.32 -10.38 -18.11
CA VAL A 919 -2.58 -11.08 -17.85
C VAL A 919 -2.98 -11.86 -19.08
N ARG A 920 -3.42 -13.11 -18.87
CA ARG A 920 -3.78 -14.03 -19.95
C ARG A 920 -5.18 -13.69 -20.48
N VAL A 921 -5.28 -12.56 -21.16
CA VAL A 921 -6.52 -12.17 -21.84
C VAL A 921 -6.50 -12.74 -23.24
N LYS A 922 -7.51 -13.55 -23.57
CA LYS A 922 -7.56 -14.23 -24.86
C LYS A 922 -8.61 -13.68 -25.81
N GLY A 923 -9.47 -12.78 -25.35
CA GLY A 923 -10.51 -12.27 -26.23
C GLY A 923 -11.15 -11.02 -25.68
N TYR A 924 -11.83 -10.30 -26.56
CA TYR A 924 -12.51 -9.06 -26.21
C TYR A 924 -13.84 -9.00 -26.96
N THR A 925 -14.91 -8.75 -26.22
CA THR A 925 -16.27 -8.79 -26.74
C THR A 925 -16.91 -7.42 -26.58
N ALA A 926 -17.39 -6.85 -27.68
CA ALA A 926 -17.99 -5.52 -27.68
C ALA A 926 -19.51 -5.64 -27.60
N TRP A 927 -20.11 -5.01 -26.59
CA TRP A 927 -21.56 -4.95 -26.45
C TRP A 927 -22.04 -3.60 -26.99
N SER A 928 -22.87 -3.63 -28.03
CA SER A 928 -23.35 -4.88 -28.62
C SER A 928 -23.14 -4.86 -30.13
N LEU A 929 -23.56 -5.92 -30.81
CA LEU A 929 -23.50 -5.94 -32.27
C LEU A 929 -24.48 -4.94 -32.86
N MET A 930 -25.64 -4.76 -32.24
CA MET A 930 -26.68 -3.89 -32.76
C MET A 930 -27.52 -3.38 -31.60
N ASP A 931 -28.25 -2.31 -31.86
CA ASP A 931 -29.26 -1.86 -30.90
C ASP A 931 -30.20 -3.02 -30.59
N ASN A 932 -30.55 -3.14 -29.31
CA ASN A 932 -31.42 -4.22 -28.87
C ASN A 932 -32.24 -3.72 -27.68
N LEU A 933 -32.99 -4.63 -27.08
CA LEU A 933 -33.83 -4.31 -25.94
C LEU A 933 -32.97 -4.28 -24.67
N GLU A 934 -32.78 -3.10 -24.10
CA GLU A 934 -31.94 -2.94 -22.93
C GLU A 934 -32.76 -3.11 -21.65
N TRP A 935 -33.39 -4.29 -21.56
CA TRP A 935 -34.11 -4.72 -20.36
C TRP A 935 -35.14 -3.67 -19.93
N THR A 936 -35.06 -3.18 -18.69
CA THR A 936 -36.09 -2.25 -18.23
C THR A 936 -36.04 -0.91 -18.95
N SER A 937 -34.87 -0.54 -19.50
CA SER A 937 -34.74 0.71 -20.24
C SER A 937 -35.31 0.63 -21.66
N GLY A 938 -35.87 -0.50 -22.07
CA GLY A 938 -36.49 -0.60 -23.38
C GLY A 938 -35.52 -0.40 -24.52
N TYR A 939 -36.03 0.17 -25.61
CA TYR A 939 -35.21 0.50 -26.78
C TYR A 939 -34.68 1.94 -26.73
N TYR A 940 -34.77 2.62 -25.59
CA TYR A 940 -34.30 3.99 -25.50
C TYR A 940 -32.78 4.06 -25.32
N ALA A 941 -32.13 2.96 -24.98
CA ALA A 941 -30.68 2.90 -24.76
C ALA A 941 -30.05 2.16 -25.93
N LYS A 942 -29.36 2.89 -26.80
CA LYS A 942 -28.76 2.34 -28.01
C LYS A 942 -27.33 1.92 -27.71
N PHE A 943 -27.08 0.60 -27.69
CA PHE A 943 -25.79 0.06 -27.26
C PHE A 943 -24.96 -0.50 -28.42
N GLY A 944 -25.44 -0.43 -29.65
CA GLY A 944 -24.91 -1.24 -30.73
C GLY A 944 -23.98 -0.55 -31.72
N LEU A 945 -23.09 -1.35 -32.32
CA LEU A 945 -22.31 -0.89 -33.46
C LEU A 945 -23.18 -0.71 -34.70
N TYR A 946 -24.35 -1.33 -34.72
CA TYR A 946 -25.34 -1.12 -35.77
C TYR A 946 -26.58 -0.46 -35.17
N HIS A 947 -27.13 0.50 -35.91
CA HIS A 947 -28.42 1.08 -35.55
C HIS A 947 -29.53 0.18 -36.08
N VAL A 948 -30.57 -0.02 -35.28
CA VAL A 948 -31.70 -0.86 -35.65
C VAL A 948 -32.95 0.01 -35.64
N ASP A 949 -33.63 0.07 -36.79
CA ASP A 949 -34.90 0.77 -36.91
C ASP A 949 -35.98 -0.14 -36.36
N PHE A 950 -36.45 0.16 -35.14
CA PHE A 950 -37.45 -0.67 -34.49
C PHE A 950 -38.87 -0.31 -34.89
N ASN A 951 -39.06 0.71 -35.71
CA ASN A 951 -40.34 0.99 -36.34
C ASN A 951 -40.47 0.30 -37.70
N SER A 952 -39.39 -0.25 -38.22
CA SER A 952 -39.43 -1.02 -39.46
C SER A 952 -39.86 -2.45 -39.19
N PRO A 953 -40.80 -3.01 -39.96
CA PRO A 953 -41.07 -4.46 -39.82
C PRO A 953 -39.89 -5.30 -40.24
N ASN A 954 -39.12 -4.85 -41.24
CA ASN A 954 -37.89 -5.52 -41.67
C ASN A 954 -36.71 -5.23 -40.74
N ARG A 955 -36.88 -4.31 -39.80
CA ARG A 955 -35.91 -4.04 -38.74
C ARG A 955 -34.50 -3.82 -39.30
N THR A 956 -34.41 -2.88 -40.24
CA THR A 956 -33.18 -2.65 -40.98
C THR A 956 -32.03 -2.34 -40.02
N ARG A 957 -30.84 -2.85 -40.34
CA ARG A 957 -29.64 -2.62 -39.57
C ARG A 957 -28.69 -1.70 -40.35
N THR A 958 -28.15 -0.70 -39.68
CA THR A 958 -27.37 0.36 -40.32
C THR A 958 -26.05 0.54 -39.57
N PRO A 959 -24.90 0.41 -40.25
CA PRO A 959 -23.62 0.53 -39.53
C PRO A 959 -23.31 1.96 -39.13
N ARG A 960 -22.76 2.12 -37.92
CA ARG A 960 -22.36 3.41 -37.39
C ARG A 960 -20.87 3.64 -37.66
N THR A 961 -20.37 4.79 -37.20
CA THR A 961 -18.94 5.07 -37.27
C THR A 961 -18.15 4.04 -36.47
N SER A 962 -18.71 3.63 -35.32
CA SER A 962 -18.03 2.70 -34.43
C SER A 962 -17.74 1.36 -35.11
N ALA A 963 -18.66 0.90 -35.95
CA ALA A 963 -18.44 -0.35 -36.68
C ALA A 963 -17.18 -0.26 -37.53
N THR A 964 -16.99 0.86 -38.24
CA THR A 964 -15.77 1.02 -39.02
C THR A 964 -14.55 1.08 -38.11
N PHE A 965 -14.62 1.86 -37.04
CA PHE A 965 -13.50 1.93 -36.11
C PHE A 965 -13.15 0.55 -35.56
N TYR A 966 -14.17 -0.23 -35.18
CA TYR A 966 -13.91 -1.57 -34.65
C TYR A 966 -13.38 -2.49 -35.73
N GLN A 967 -13.99 -2.46 -36.92
CA GLN A 967 -13.47 -3.27 -38.03
C GLN A 967 -12.02 -2.93 -38.33
N GLN A 968 -11.69 -1.63 -38.34
CA GLN A 968 -10.31 -1.23 -38.64
C GLN A 968 -9.35 -1.67 -37.55
N LEU A 969 -9.81 -1.66 -36.29
CA LEU A 969 -8.95 -2.04 -35.17
C LEU A 969 -8.61 -3.53 -35.21
N ILE A 970 -9.53 -4.37 -35.68
CA ILE A 970 -9.24 -5.79 -35.84
C ILE A 970 -8.18 -6.00 -36.92
N LYS A 971 -8.34 -5.35 -38.07
CA LYS A 971 -7.34 -5.42 -39.13
C LYS A 971 -5.96 -5.05 -38.60
N ASP A 972 -5.87 -3.88 -37.95
CA ASP A 972 -4.60 -3.42 -37.38
C ASP A 972 -4.09 -4.35 -36.28
N ARG A 973 -4.98 -5.15 -35.68
CA ARG A 973 -4.65 -6.03 -34.56
C ARG A 973 -4.07 -5.28 -33.37
N GLY A 974 -4.48 -4.04 -33.17
CA GLY A 974 -4.00 -3.26 -32.06
C GLY A 974 -3.95 -1.78 -32.42
N PHE A 975 -2.87 -1.14 -32.02
CA PHE A 975 -2.68 0.30 -32.24
C PHE A 975 -1.29 0.57 -32.80
N PRO A 976 -1.17 0.89 -34.09
CA PRO A 976 0.16 1.05 -34.69
C PRO A 976 0.69 2.47 -34.53
N LYS A 977 1.90 2.74 -35.05
CA LYS A 977 2.54 4.07 -34.95
C LYS A 977 2.62 4.49 -33.48
N LEU B 26 -15.35 -14.96 15.23
CA LEU B 26 -14.75 -13.67 15.59
C LEU B 26 -15.83 -12.62 15.88
N LEU B 27 -15.71 -11.96 17.04
CA LEU B 27 -16.70 -11.01 17.51
C LEU B 27 -16.27 -9.58 17.18
N THR B 28 -17.17 -8.81 16.57
CA THR B 28 -16.95 -7.39 16.33
C THR B 28 -17.53 -6.52 17.44
N ASP B 29 -18.01 -7.13 18.52
CA ASP B 29 -18.57 -6.38 19.63
C ASP B 29 -17.48 -5.56 20.32
N LYS B 30 -17.90 -4.52 21.03
CA LYS B 30 -16.98 -3.57 21.63
C LYS B 30 -16.60 -4.00 23.04
N PHE B 31 -15.35 -3.69 23.42
CA PHE B 31 -14.88 -3.98 24.77
C PHE B 31 -15.56 -3.07 25.78
N PRO B 32 -15.66 -3.50 27.06
CA PRO B 32 -16.40 -2.70 28.06
C PRO B 32 -15.84 -1.30 28.30
N ALA B 33 -16.57 -0.54 29.12
CA ALA B 33 -16.34 0.88 29.34
C ALA B 33 -14.90 1.20 29.74
N ASN B 34 -14.53 0.87 30.97
CA ASN B 34 -13.22 1.23 31.51
C ASN B 34 -12.19 0.13 31.28
N PHE B 35 -12.25 -0.57 30.15
CA PHE B 35 -11.34 -1.69 29.94
C PHE B 35 -9.93 -1.19 29.72
N THR B 36 -8.97 -1.90 30.31
CA THR B 36 -7.56 -1.55 30.23
C THR B 36 -6.90 -2.37 29.13
N PHE B 37 -6.47 -1.69 28.07
CA PHE B 37 -5.58 -2.28 27.08
C PHE B 37 -4.14 -1.94 27.46
N GLY B 38 -3.34 -2.97 27.72
CA GLY B 38 -1.97 -2.71 28.12
C GLY B 38 -0.91 -3.54 27.43
N VAL B 39 0.33 -3.41 27.90
CA VAL B 39 1.47 -4.15 27.38
C VAL B 39 2.50 -4.23 28.49
N SER B 40 3.33 -5.26 28.46
CA SER B 40 4.15 -5.60 29.62
C SER B 40 5.60 -5.85 29.25
N THR B 41 6.48 -5.58 30.21
CA THR B 41 7.85 -6.07 30.20
C THR B 41 8.19 -6.61 31.58
N SER B 42 9.33 -7.27 31.67
CA SER B 42 9.94 -7.65 32.93
C SER B 42 11.32 -7.03 33.00
N ALA B 43 11.78 -6.76 34.23
CA ALA B 43 13.05 -6.09 34.45
C ALA B 43 14.24 -6.80 33.78
N PHE B 44 14.57 -8.01 34.25
CA PHE B 44 15.79 -8.67 33.78
C PHE B 44 15.81 -8.91 32.28
N PRO B 45 14.71 -9.31 31.61
CA PRO B 45 14.78 -9.50 30.16
C PRO B 45 15.01 -8.23 29.36
N THR B 46 14.74 -7.05 29.91
CA THR B 46 14.76 -5.84 29.10
C THR B 46 15.71 -4.76 29.58
N GLU B 47 16.00 -4.69 30.89
CA GLU B 47 16.57 -3.46 31.45
C GLU B 47 18.04 -3.28 31.08
N GLY B 48 18.82 -4.35 31.07
CA GLY B 48 20.26 -4.17 30.96
C GLY B 48 20.77 -3.47 32.20
N ALA B 49 21.87 -2.73 32.05
CA ALA B 49 22.50 -2.00 33.15
C ALA B 49 22.62 -2.90 34.39
N TRP B 50 23.11 -4.12 34.15
CA TRP B 50 23.05 -5.17 35.16
C TRP B 50 23.90 -4.87 36.39
N ASP B 51 24.85 -3.93 36.28
CA ASP B 51 25.68 -3.56 37.43
C ASP B 51 26.00 -2.07 37.42
N ALA B 52 25.16 -1.26 36.78
CA ALA B 52 25.34 0.17 36.74
C ALA B 52 24.64 0.82 37.93
N ASP B 53 25.26 1.88 38.45
CA ASP B 53 24.65 2.73 39.47
C ASP B 53 24.31 1.93 40.74
N GLY B 54 25.26 1.12 41.18
CA GLY B 54 25.15 0.44 42.45
C GLY B 54 24.32 -0.82 42.43
N LYS B 55 23.74 -1.18 41.29
CA LYS B 55 22.91 -2.37 41.19
C LYS B 55 23.70 -3.61 41.58
N GLY B 56 23.11 -4.43 42.45
CA GLY B 56 23.71 -5.67 42.88
C GLY B 56 23.24 -6.86 42.06
N PRO B 57 23.99 -7.96 42.10
CA PRO B 57 23.68 -9.09 41.23
C PRO B 57 22.39 -9.79 41.64
N SER B 58 21.71 -10.37 40.64
CA SER B 58 20.53 -11.18 40.84
C SER B 58 20.86 -12.65 40.59
N ILE B 59 19.93 -13.53 40.98
CA ILE B 59 20.12 -14.94 40.67
C ILE B 59 20.11 -15.18 39.17
N TRP B 60 19.47 -14.30 38.40
CA TRP B 60 19.49 -14.45 36.95
C TRP B 60 20.79 -13.92 36.35
N ASP B 61 21.39 -12.89 36.94
CA ASP B 61 22.73 -12.50 36.51
C ASP B 61 23.72 -13.64 36.69
N THR B 62 23.56 -14.41 37.78
CA THR B 62 24.42 -15.55 38.01
C THR B 62 24.02 -16.75 37.14
N PHE B 63 22.72 -16.98 36.99
CA PHE B 63 22.24 -18.12 36.20
C PHE B 63 22.73 -18.03 34.75
N THR B 64 22.60 -16.85 34.15
CA THR B 64 22.98 -16.66 32.75
C THR B 64 24.49 -16.63 32.54
N SER B 65 25.29 -16.56 33.60
CA SER B 65 26.74 -16.52 33.43
C SER B 65 27.30 -17.86 32.97
N ASP B 66 26.49 -18.91 32.99
CA ASP B 66 26.86 -20.24 32.51
C ASP B 66 26.01 -20.51 31.27
N SER B 67 26.65 -20.52 30.11
CA SER B 67 25.90 -20.50 28.85
C SER B 67 25.06 -21.76 28.66
N SER B 68 25.44 -22.87 29.29
CA SER B 68 24.67 -24.09 29.13
C SER B 68 23.25 -23.96 29.67
N HIS B 69 22.98 -22.94 30.49
CA HIS B 69 21.62 -22.70 30.97
C HIS B 69 20.76 -21.97 29.94
N VAL B 70 21.37 -21.30 28.97
CA VAL B 70 20.67 -20.37 28.08
C VAL B 70 20.72 -20.92 26.66
N THR B 71 19.55 -21.09 26.05
CA THR B 71 19.47 -21.51 24.66
C THR B 71 20.08 -20.44 23.75
N GLY B 72 21.05 -20.83 22.94
CA GLY B 72 21.72 -19.91 22.06
C GLY B 72 22.76 -19.03 22.71
N GLY B 73 23.17 -19.33 23.95
CA GLY B 73 24.15 -18.53 24.65
C GLY B 73 23.71 -17.07 24.83
N GLY B 74 24.69 -16.22 25.13
CA GLY B 74 24.43 -14.81 25.34
C GLY B 74 24.05 -14.50 26.78
N ASP B 75 23.81 -13.22 27.01
CA ASP B 75 23.47 -12.74 28.36
C ASP B 75 22.69 -11.43 28.23
N ALA B 76 22.05 -11.04 29.32
CA ALA B 76 21.19 -9.87 29.35
C ALA B 76 21.88 -8.66 29.99
N LYS B 77 23.22 -8.60 29.91
CA LYS B 77 23.94 -7.51 30.56
C LYS B 77 23.51 -6.16 30.00
N GLN B 78 23.18 -6.10 28.71
CA GLN B 78 22.61 -4.92 28.08
C GLN B 78 21.19 -5.15 27.60
N SER B 79 20.95 -6.27 26.90
CA SER B 79 19.63 -6.66 26.38
C SER B 79 19.04 -5.49 25.60
N ALA B 80 17.77 -5.12 25.81
CA ALA B 80 17.16 -3.99 25.11
C ALA B 80 17.51 -2.66 25.74
N ASP B 81 18.27 -2.65 26.84
CA ASP B 81 18.78 -1.43 27.47
C ASP B 81 17.64 -0.49 27.86
N THR B 82 16.58 -1.06 28.43
CA THR B 82 15.45 -0.27 28.93
C THR B 82 15.93 0.86 29.82
N TYR B 83 16.95 0.60 30.65
CA TYR B 83 17.48 1.57 31.59
C TYR B 83 17.90 2.89 30.94
N ASN B 84 18.19 2.89 29.64
CA ASN B 84 18.70 4.07 28.96
C ASN B 84 17.77 4.53 27.83
N HIS B 85 16.54 4.05 27.78
CA HIS B 85 15.62 4.37 26.70
C HIS B 85 14.23 4.66 27.23
N VAL B 86 14.14 5.26 28.42
CA VAL B 86 12.84 5.52 29.03
C VAL B 86 12.04 6.49 28.18
N ASP B 87 12.67 7.60 27.75
CA ASP B 87 11.98 8.57 26.92
C ASP B 87 11.49 7.96 25.61
N ASP B 88 12.32 7.12 24.99
CA ASP B 88 11.91 6.49 23.74
C ASP B 88 10.81 5.47 23.97
N ASP B 89 10.88 4.73 25.08
CA ASP B 89 9.92 3.65 25.28
C ASP B 89 8.54 4.18 25.67
N VAL B 90 8.48 5.31 26.38
CA VAL B 90 7.17 5.90 26.69
C VAL B 90 6.54 6.45 25.41
N THR B 91 7.35 6.96 24.48
CA THR B 91 6.82 7.42 23.20
C THR B 91 6.17 6.27 22.44
N LEU B 92 6.79 5.09 22.45
CA LEU B 92 6.17 3.91 21.86
C LEU B 92 4.84 3.59 22.52
N LEU B 93 4.78 3.74 23.85
CA LEU B 93 3.55 3.43 24.58
C LEU B 93 2.42 4.36 24.15
N LYS B 94 2.72 5.64 23.95
CA LYS B 94 1.69 6.57 23.48
C LYS B 94 1.39 6.37 22.00
N ASP B 95 2.36 5.92 21.21
CA ASP B 95 2.08 5.50 19.84
C ASP B 95 1.08 4.35 19.83
N LEU B 96 1.30 3.36 20.70
CA LEU B 96 0.38 2.23 20.77
C LEU B 96 -1.00 2.67 21.22
N GLY B 97 -1.06 3.66 22.11
CA GLY B 97 -2.32 4.07 22.69
C GLY B 97 -2.76 3.27 23.90
N VAL B 98 -1.87 2.46 24.49
CA VAL B 98 -2.22 1.75 25.71
C VAL B 98 -2.58 2.74 26.81
N SER B 99 -3.47 2.31 27.70
CA SER B 99 -3.82 3.09 28.89
C SER B 99 -3.02 2.68 30.11
N SER B 100 -2.29 1.56 30.05
CA SER B 100 -1.50 1.11 31.18
C SER B 100 -0.33 0.27 30.69
N TYR B 101 0.72 0.25 31.49
CA TYR B 101 1.97 -0.42 31.11
C TYR B 101 2.48 -1.20 32.30
N LYS B 102 2.59 -2.52 32.15
CA LYS B 102 3.06 -3.38 33.22
C LYS B 102 4.58 -3.53 33.14
N PHE B 103 5.27 -3.20 34.22
CA PHE B 103 6.70 -3.46 34.35
C PHE B 103 6.98 -3.98 35.75
N SER B 104 8.22 -4.39 35.98
CA SER B 104 8.61 -4.92 37.28
C SER B 104 9.82 -4.16 37.80
N ILE B 105 9.84 -3.92 39.11
CA ILE B 105 10.99 -3.30 39.76
C ILE B 105 12.01 -4.38 40.07
N SER B 106 13.29 -4.07 39.81
CA SER B 106 14.37 -5.01 40.11
C SER B 106 14.76 -4.89 41.58
N TRP B 107 14.48 -5.93 42.36
CA TRP B 107 14.83 -5.99 43.77
C TRP B 107 16.29 -5.62 44.00
N PRO B 108 17.28 -6.29 43.37
CA PRO B 108 18.67 -5.92 43.63
C PRO B 108 19.06 -4.55 43.11
N ARG B 109 18.22 -3.90 42.28
CA ARG B 109 18.51 -2.52 41.92
C ARG B 109 18.09 -1.56 43.01
N ILE B 110 17.10 -1.95 43.82
CA ILE B 110 16.69 -1.14 44.97
C ILE B 110 17.55 -1.46 46.19
N PHE B 111 17.68 -2.74 46.54
CA PHE B 111 18.50 -3.20 47.67
C PHE B 111 19.62 -4.08 47.12
N PRO B 112 20.77 -3.49 46.76
CA PRO B 112 21.88 -4.29 46.20
C PRO B 112 22.28 -5.53 46.98
N ASN B 113 21.95 -5.66 48.26
CA ASN B 113 22.16 -6.90 48.97
C ASN B 113 20.89 -7.52 49.52
N GLY B 114 19.72 -6.99 49.19
CA GLY B 114 18.45 -7.55 49.57
C GLY B 114 17.84 -6.93 50.82
N THR B 115 18.65 -6.41 51.73
CA THR B 115 18.16 -5.76 52.93
C THR B 115 18.01 -4.26 52.70
N LYS B 116 17.20 -3.62 53.55
CA LYS B 116 16.86 -2.21 53.37
C LYS B 116 18.03 -1.29 53.70
N GLU B 117 19.03 -1.77 54.44
CA GLU B 117 20.19 -0.94 54.74
C GLU B 117 20.94 -0.55 53.47
N SER B 118 20.75 -1.26 52.37
CA SER B 118 21.47 -1.03 51.12
C SER B 118 20.76 -0.11 50.15
N VAL B 119 19.74 0.62 50.60
CA VAL B 119 18.88 1.37 49.68
C VAL B 119 19.73 2.22 48.74
N ASN B 120 19.51 2.03 47.43
CA ASN B 120 20.31 2.66 46.38
C ASN B 120 19.48 3.78 45.75
N GLN B 121 19.85 5.03 46.02
CA GLN B 121 19.07 6.17 45.54
C GLN B 121 19.04 6.23 44.03
N LYS B 122 20.16 5.87 43.38
CA LYS B 122 20.18 5.87 41.93
C LYS B 122 19.24 4.82 41.35
N GLY B 123 19.09 3.68 42.04
CA GLY B 123 18.09 2.71 41.62
C GLY B 123 16.68 3.21 41.83
N VAL B 124 16.43 3.86 42.97
CA VAL B 124 15.13 4.45 43.23
C VAL B 124 14.78 5.50 42.18
N ASN B 125 15.77 6.29 41.76
CA ASN B 125 15.49 7.40 40.85
C ASN B 125 15.13 6.92 39.46
N PHE B 126 15.62 5.74 39.06
CA PHE B 126 15.29 5.22 37.73
C PHE B 126 13.83 4.81 37.64
N TYR B 127 13.26 4.29 38.72
CA TYR B 127 11.84 3.95 38.65
C TYR B 127 10.97 5.17 38.88
N ASN B 128 11.49 6.19 39.57
CA ASN B 128 10.77 7.46 39.68
C ASN B 128 10.66 8.14 38.32
N THR B 129 11.74 8.16 37.52
CA THR B 129 11.64 8.81 36.23
C THR B 129 10.68 8.06 35.32
N LEU B 130 10.64 6.73 35.43
CA LEU B 130 9.71 5.95 34.61
C LEU B 130 8.27 6.17 35.03
N ILE B 131 7.98 6.10 36.34
CA ILE B 131 6.63 6.34 36.84
C ILE B 131 6.17 7.76 36.49
N ASP B 132 7.03 8.75 36.76
CA ASP B 132 6.66 10.14 36.47
C ASP B 132 6.42 10.35 34.99
N LYS B 133 7.31 9.83 34.14
CA LYS B 133 7.12 9.95 32.70
C LYS B 133 5.92 9.17 32.23
N LEU B 134 5.62 8.03 32.88
CA LEU B 134 4.43 7.27 32.54
C LEU B 134 3.15 7.99 32.90
N LEU B 135 3.20 8.97 33.80
CA LEU B 135 2.02 9.72 34.21
C LEU B 135 1.89 11.06 33.51
N ALA B 136 3.00 11.72 33.17
CA ALA B 136 2.93 12.92 32.35
C ALA B 136 2.15 12.66 31.06
N ASN B 137 2.40 11.52 30.43
CA ASN B 137 1.48 10.95 29.45
C ASN B 137 0.51 10.03 30.21
N GLN B 138 -0.72 9.92 29.70
CA GLN B 138 -1.78 9.39 30.56
C GLN B 138 -1.80 7.86 30.52
N ILE B 139 -0.82 7.27 31.22
CA ILE B 139 -0.61 5.83 31.20
C ILE B 139 -0.45 5.35 32.64
N THR B 140 -1.39 4.58 33.13
CA THR B 140 -1.29 4.15 34.52
C THR B 140 -0.25 3.03 34.64
N PRO B 141 0.68 3.13 35.59
CA PRO B 141 1.65 2.05 35.76
C PRO B 141 1.06 0.86 36.49
N PHE B 142 1.47 -0.33 36.07
CA PHE B 142 1.06 -1.60 36.64
C PHE B 142 2.34 -2.31 37.05
N VAL B 143 2.71 -2.19 38.32
CA VAL B 143 4.09 -2.47 38.75
C VAL B 143 4.16 -3.79 39.51
N SER B 144 5.06 -4.66 39.07
CA SER B 144 5.33 -5.94 39.72
C SER B 144 6.53 -5.80 40.66
N LEU B 145 6.38 -6.28 41.88
CA LEU B 145 7.47 -6.19 42.84
C LEU B 145 8.56 -7.22 42.57
N TYR B 146 8.17 -8.44 42.18
CA TYR B 146 9.13 -9.54 42.04
C TYR B 146 8.82 -10.32 40.77
N TYR B 147 9.61 -10.08 39.73
CA TYR B 147 9.57 -10.93 38.54
C TYR B 147 10.87 -11.69 38.43
N TRP B 148 11.15 -12.53 39.43
CA TRP B 148 12.12 -13.62 39.44
C TRP B 148 13.54 -13.18 39.76
N ASP B 149 13.84 -11.88 39.85
CA ASP B 149 15.23 -11.45 40.01
C ASP B 149 15.56 -11.26 41.50
N LEU B 150 15.55 -12.39 42.22
CA LEU B 150 15.94 -12.38 43.62
C LEU B 150 17.40 -11.96 43.75
N PRO B 151 17.72 -11.06 44.70
CA PRO B 151 19.12 -10.65 44.88
C PRO B 151 20.00 -11.83 45.25
N GLN B 152 21.19 -11.85 44.63
CA GLN B 152 22.10 -12.99 44.84
C GLN B 152 22.47 -13.14 46.31
N ASP B 153 22.69 -12.04 47.02
CA ASP B 153 23.05 -12.13 48.42
C ASP B 153 22.03 -12.91 49.22
N LEU B 154 20.75 -12.79 48.86
CA LEU B 154 19.71 -13.53 49.56
C LEU B 154 19.68 -15.00 49.17
N GLN B 155 20.02 -15.31 47.92
CA GLN B 155 20.11 -16.71 47.53
C GLN B 155 21.29 -17.41 48.21
N ASP B 156 22.37 -16.68 48.48
CA ASP B 156 23.50 -17.26 49.20
C ASP B 156 23.14 -17.60 50.64
N LYS B 157 22.09 -16.98 51.18
CA LYS B 157 21.57 -17.27 52.51
C LYS B 157 20.45 -18.29 52.48
N GLY B 158 20.16 -18.89 51.34
CA GLY B 158 19.16 -19.93 51.22
C GLY B 158 18.00 -19.59 50.30
N GLY B 159 17.83 -18.32 49.93
CA GLY B 159 16.80 -17.97 48.98
C GLY B 159 15.39 -18.22 49.51
N TRP B 160 14.49 -18.54 48.58
CA TRP B 160 13.07 -18.63 48.89
C TRP B 160 12.74 -19.82 49.78
N SER B 161 13.64 -20.78 49.96
CA SER B 161 13.36 -21.92 50.84
C SER B 161 13.58 -21.60 52.31
N LYS B 162 14.19 -20.46 52.62
CA LYS B 162 14.38 -20.04 54.00
C LYS B 162 13.16 -19.28 54.49
N ASP B 163 12.76 -19.54 55.73
CA ASP B 163 11.63 -18.82 56.31
C ASP B 163 11.94 -17.34 56.50
N GLU B 164 13.21 -16.96 56.52
CA GLU B 164 13.60 -15.55 56.57
C GLU B 164 13.16 -14.77 55.33
N SER B 165 12.79 -15.45 54.24
CA SER B 165 12.50 -14.77 53.00
C SER B 165 11.19 -13.99 53.04
N VAL B 166 10.28 -14.34 53.95
CA VAL B 166 9.05 -13.57 54.11
C VAL B 166 9.37 -12.17 54.62
N ALA B 167 10.30 -12.06 55.57
CA ALA B 167 10.67 -10.75 56.09
C ALA B 167 11.51 -9.98 55.08
N TRP B 168 12.40 -10.67 54.36
CA TRP B 168 13.13 -10.01 53.27
C TRP B 168 12.17 -9.36 52.29
N PHE B 169 11.10 -10.06 51.93
CA PHE B 169 10.15 -9.52 50.98
C PHE B 169 9.33 -8.39 51.62
N GLY B 170 8.90 -8.58 52.87
CA GLY B 170 8.13 -7.55 53.54
C GLY B 170 8.84 -6.22 53.62
N ASP B 171 10.13 -6.24 53.98
CA ASP B 171 10.90 -5.00 54.01
C ASP B 171 11.00 -4.39 52.62
N TYR B 172 11.21 -5.23 51.60
CA TYR B 172 11.32 -4.74 50.24
C TYR B 172 9.99 -4.15 49.77
N ALA B 173 8.89 -4.85 50.00
CA ALA B 173 7.58 -4.36 49.58
C ALA B 173 7.21 -3.09 50.34
N ASP B 174 7.53 -3.04 51.64
CA ASP B 174 7.25 -1.85 52.42
C ASP B 174 7.96 -0.63 51.83
N PHE B 175 9.19 -0.81 51.34
CA PHE B 175 9.92 0.34 50.80
C PHE B 175 9.26 0.90 49.55
N CYS B 176 8.81 0.02 48.63
CA CYS B 176 8.25 0.47 47.37
C CYS B 176 6.88 1.12 47.57
N PHE B 177 6.04 0.49 48.39
CA PHE B 177 4.77 1.11 48.79
C PHE B 177 5.01 2.51 49.35
N LYS B 178 6.01 2.64 50.22
CA LYS B 178 6.33 3.94 50.79
C LYS B 178 6.87 4.89 49.73
N THR B 179 7.76 4.41 48.87
CA THR B 179 8.50 5.29 47.98
C THR B 179 7.71 5.61 46.70
N PHE B 180 6.94 4.66 46.17
CA PHE B 180 6.21 4.88 44.92
C PHE B 180 4.70 4.86 45.07
N GLY B 181 4.15 4.47 46.22
CA GLY B 181 2.72 4.25 46.34
C GLY B 181 1.87 5.49 46.13
N ASN B 182 2.45 6.69 46.26
CA ASN B 182 1.67 7.91 46.04
C ASN B 182 1.32 8.11 44.57
N ARG B 183 2.05 7.48 43.66
CA ARG B 183 1.75 7.51 42.24
C ARG B 183 1.29 6.17 41.68
N VAL B 184 1.87 5.07 42.16
CA VAL B 184 1.54 3.74 41.70
C VAL B 184 0.31 3.23 42.46
N LYS B 185 -0.70 2.77 41.70
CA LYS B 185 -1.96 2.34 42.29
C LYS B 185 -2.33 0.90 41.92
N ARG B 186 -1.50 0.20 41.15
CA ARG B 186 -1.74 -1.19 40.80
C ARG B 186 -0.45 -1.96 41.04
N TRP B 187 -0.44 -2.83 42.05
CA TRP B 187 0.73 -3.62 42.39
C TRP B 187 0.48 -5.10 42.15
N VAL B 188 1.52 -5.80 41.74
CA VAL B 188 1.54 -7.26 41.74
C VAL B 188 2.71 -7.70 42.61
N THR B 189 2.42 -8.52 43.62
CA THR B 189 3.45 -8.90 44.58
C THR B 189 4.43 -9.90 43.97
N ILE B 190 3.93 -11.06 43.56
CA ILE B 190 4.73 -12.11 42.96
C ILE B 190 4.17 -12.41 41.57
N ASP B 191 5.07 -12.58 40.60
CA ASP B 191 4.68 -12.96 39.25
C ASP B 191 4.99 -14.44 39.01
N ASP B 192 3.94 -15.22 38.74
CA ASP B 192 4.10 -16.62 38.34
C ASP B 192 4.94 -17.37 39.37
N PRO B 193 4.42 -17.57 40.58
CA PRO B 193 5.17 -18.36 41.57
C PRO B 193 5.39 -19.79 41.16
N PHE B 194 4.58 -20.33 40.24
CA PHE B 194 4.74 -21.72 39.82
C PHE B 194 6.12 -21.96 39.23
N SER B 195 6.58 -21.06 38.35
CA SER B 195 7.90 -21.21 37.75
C SER B 195 9.00 -20.91 38.75
N VAL B 196 8.80 -19.93 39.62
CA VAL B 196 9.79 -19.61 40.65
C VAL B 196 10.11 -20.86 41.45
N ALA B 197 9.07 -21.63 41.80
CA ALA B 197 9.26 -22.86 42.56
C ALA B 197 9.69 -24.01 41.65
N TYR B 198 8.84 -24.38 40.68
CA TYR B 198 9.08 -25.60 39.92
C TYR B 198 10.26 -25.45 38.96
N LYS B 199 10.27 -24.40 38.13
CA LYS B 199 11.31 -24.28 37.12
C LYS B 199 12.64 -23.84 37.72
N GLY B 200 12.61 -23.13 38.85
CA GLY B 200 13.83 -22.64 39.48
C GLY B 200 14.38 -23.52 40.57
N HIS B 201 13.62 -24.50 41.07
CA HIS B 201 14.13 -25.33 42.14
C HIS B 201 13.89 -26.82 41.94
N GLU B 202 13.10 -27.25 40.96
CA GLU B 202 12.92 -28.68 40.69
C GLU B 202 13.68 -29.11 39.44
N THR B 203 13.30 -28.59 38.28
CA THR B 203 13.97 -28.93 37.03
C THR B 203 15.20 -28.09 36.75
N GLY B 204 15.30 -26.90 37.36
CA GLY B 204 16.46 -26.06 37.18
C GLY B 204 16.59 -25.38 35.84
N GLU B 205 15.49 -25.28 35.07
CA GLU B 205 15.55 -24.52 33.82
C GLU B 205 15.74 -23.03 34.08
N GLN B 206 15.26 -22.54 35.21
CA GLN B 206 15.35 -21.14 35.54
C GLN B 206 16.17 -20.97 36.81
N ALA B 207 16.53 -19.72 37.10
CA ALA B 207 17.33 -19.42 38.26
C ALA B 207 16.58 -19.80 39.55
N PRO B 208 17.30 -20.26 40.58
CA PRO B 208 18.76 -20.38 40.64
C PRO B 208 19.33 -21.72 40.17
N GLY B 209 18.55 -22.49 39.41
CA GLY B 209 19.04 -23.76 38.90
C GLY B 209 19.15 -24.87 39.91
N VAL B 210 18.46 -24.76 41.05
CA VAL B 210 18.42 -25.86 42.01
C VAL B 210 17.60 -27.00 41.42
N LYS B 211 18.06 -28.23 41.64
CA LYS B 211 17.37 -29.43 41.14
C LYS B 211 17.08 -30.37 42.30
N ASN B 212 16.26 -29.88 43.23
CA ASN B 212 15.75 -30.76 44.28
C ASN B 212 14.41 -31.32 43.82
N VAL B 213 13.45 -31.40 44.73
CA VAL B 213 12.11 -31.91 44.48
C VAL B 213 11.37 -31.77 45.81
N SER B 214 12.14 -31.85 46.90
CA SER B 214 11.64 -31.66 48.24
C SER B 214 11.69 -30.21 48.69
N VAL B 215 12.16 -29.29 47.85
CA VAL B 215 12.11 -27.86 48.11
C VAL B 215 11.06 -27.15 47.28
N THR B 216 10.53 -27.78 46.23
CA THR B 216 9.57 -27.11 45.36
C THR B 216 8.39 -26.59 46.15
N TYR B 217 7.79 -27.44 46.98
CA TYR B 217 6.60 -27.06 47.71
C TYR B 217 6.89 -26.11 48.86
N LYS B 218 8.08 -26.19 49.45
CA LYS B 218 8.47 -25.22 50.47
C LYS B 218 8.68 -23.83 49.87
N VAL B 219 9.26 -23.76 48.68
CA VAL B 219 9.49 -22.48 48.01
C VAL B 219 8.16 -21.83 47.65
N GLY B 220 7.25 -22.61 47.05
CA GLY B 220 5.93 -22.07 46.76
C GLY B 220 5.19 -21.64 48.02
N HIS B 221 5.42 -22.34 49.14
CA HIS B 221 4.77 -21.99 50.40
C HIS B 221 5.22 -20.63 50.89
N ASN B 222 6.53 -20.40 50.89
CA ASN B 222 7.04 -19.10 51.33
C ASN B 222 6.66 -17.98 50.37
N LEU B 223 6.55 -18.29 49.07
CA LEU B 223 6.09 -17.28 48.12
C LEU B 223 4.67 -16.82 48.45
N LEU B 224 3.80 -17.76 48.82
CA LEU B 224 2.46 -17.41 49.26
C LEU B 224 2.51 -16.58 50.55
N LEU B 225 3.35 -16.99 51.50
CA LEU B 225 3.47 -16.23 52.74
C LEU B 225 4.07 -14.85 52.49
N ALA B 226 5.12 -14.78 51.67
CA ALA B 226 5.71 -13.49 51.32
C ALA B 226 4.69 -12.59 50.65
N HIS B 227 3.86 -13.17 49.79
CA HIS B 227 2.81 -12.38 49.14
C HIS B 227 1.82 -11.86 50.17
N ALA B 228 1.38 -12.72 51.08
CA ALA B 228 0.40 -12.30 52.07
C ALA B 228 0.95 -11.18 52.94
N GLU B 229 2.22 -11.29 53.35
CA GLU B 229 2.83 -10.24 54.15
C GLU B 229 2.87 -8.92 53.39
N ALA B 230 3.08 -8.96 52.08
CA ALA B 230 3.00 -7.73 51.30
C ALA B 230 1.58 -7.16 51.32
N TYR B 231 0.58 -8.01 51.08
CA TYR B 231 -0.80 -7.53 51.09
C TYR B 231 -1.20 -7.03 52.47
N ARG B 232 -0.71 -7.66 53.53
CA ARG B 232 -1.02 -7.20 54.89
C ARG B 232 -0.41 -5.84 55.17
N ILE B 233 0.86 -5.64 54.78
CA ILE B 233 1.50 -4.34 54.99
C ILE B 233 0.73 -3.25 54.26
N TYR B 234 0.19 -3.56 53.07
CA TYR B 234 -0.48 -2.52 52.30
C TYR B 234 -1.84 -2.18 52.91
N LYS B 235 -2.60 -3.21 53.32
CA LYS B 235 -3.89 -2.96 53.94
C LYS B 235 -3.74 -2.21 55.25
N ASP B 236 -2.66 -2.48 55.98
CA ASP B 236 -2.48 -1.90 57.31
C ASP B 236 -1.91 -0.49 57.24
N ASN B 237 -0.91 -0.25 56.39
CA ASN B 237 -0.13 0.97 56.48
C ASN B 237 -0.26 1.93 55.30
N TYR B 238 -0.85 1.52 54.17
CA TYR B 238 -0.83 2.38 52.99
C TYR B 238 -2.15 2.49 52.24
N ARG B 239 -3.08 1.53 52.34
CA ARG B 239 -4.26 1.56 51.49
C ARG B 239 -5.15 2.77 51.80
N THR B 240 -5.26 3.14 53.07
CA THR B 240 -6.18 4.21 53.43
C THR B 240 -5.80 5.54 52.81
N VAL B 241 -4.50 5.80 52.67
CA VAL B 241 -4.03 7.06 52.08
C VAL B 241 -3.82 6.93 50.58
N GLN B 242 -3.26 5.81 50.11
CA GLN B 242 -2.89 5.69 48.70
C GLN B 242 -4.05 5.23 47.83
N LYS B 243 -5.03 4.55 48.40
CA LYS B 243 -6.25 4.16 47.69
C LYS B 243 -5.92 3.41 46.40
N GLY B 244 -5.06 2.40 46.53
CA GLY B 244 -4.68 1.57 45.41
C GLY B 244 -5.07 0.12 45.61
N GLU B 245 -4.62 -0.74 44.71
CA GLU B 245 -4.97 -2.16 44.73
C GLU B 245 -3.71 -3.01 44.62
N VAL B 246 -3.76 -4.18 45.24
CA VAL B 246 -2.64 -5.11 45.32
C VAL B 246 -3.14 -6.50 45.00
N GLY B 247 -2.48 -7.18 44.07
CA GLY B 247 -2.86 -8.54 43.72
C GLY B 247 -1.67 -9.44 43.47
N ILE B 248 -1.94 -10.62 42.91
CA ILE B 248 -0.90 -11.56 42.50
C ILE B 248 -1.25 -12.06 41.09
N SER B 249 -0.23 -12.45 40.34
CA SER B 249 -0.40 -12.94 38.98
C SER B 249 0.11 -14.36 38.87
N LEU B 250 -0.75 -15.25 38.40
CA LEU B 250 -0.42 -16.67 38.26
C LEU B 250 -0.45 -17.09 36.81
N SER B 251 0.40 -18.05 36.46
CA SER B 251 0.41 -18.63 35.14
C SER B 251 -0.43 -19.90 35.11
N SER B 252 -1.03 -20.17 33.96
CA SER B 252 -1.78 -21.40 33.79
C SER B 252 -2.03 -21.69 32.32
N GLU B 253 -1.75 -22.91 31.88
CA GLU B 253 -2.25 -23.36 30.60
C GLU B 253 -3.71 -23.77 30.76
N TRP B 254 -4.36 -24.06 29.64
CA TRP B 254 -5.68 -24.68 29.67
C TRP B 254 -5.53 -26.12 29.22
N TYR B 255 -6.12 -27.03 29.99
CA TYR B 255 -5.93 -28.46 29.77
C TYR B 255 -7.24 -29.06 29.24
N VAL B 256 -7.17 -29.66 28.07
CA VAL B 256 -8.32 -30.28 27.41
C VAL B 256 -8.14 -31.78 27.48
N PRO B 257 -9.17 -32.54 27.89
CA PRO B 257 -9.00 -33.99 27.99
C PRO B 257 -8.74 -34.61 26.64
N LYS B 258 -7.84 -35.60 26.62
CA LYS B 258 -7.55 -36.30 25.37
C LYS B 258 -8.81 -36.95 24.80
N THR B 259 -9.48 -37.78 25.59
CA THR B 259 -10.76 -38.36 25.23
C THR B 259 -11.83 -37.86 26.20
N THR B 260 -13.08 -38.21 25.90
CA THR B 260 -14.21 -37.83 26.74
C THR B 260 -14.44 -38.81 27.89
N GLY B 261 -13.51 -39.74 28.12
CA GLY B 261 -13.65 -40.67 29.22
C GLY B 261 -13.50 -39.98 30.56
N VAL B 262 -14.17 -40.54 31.56
CA VAL B 262 -14.25 -39.88 32.87
C VAL B 262 -12.86 -39.69 33.46
N SER B 263 -11.97 -40.65 33.23
CA SER B 263 -10.66 -40.62 33.86
C SER B 263 -9.74 -39.57 33.20
N ASP B 264 -9.82 -39.45 31.88
CA ASP B 264 -9.08 -38.40 31.19
C ASP B 264 -9.64 -37.02 31.53
N VAL B 265 -10.96 -36.91 31.67
CA VAL B 265 -11.57 -35.60 31.96
C VAL B 265 -11.13 -35.10 33.32
N MET B 266 -11.02 -36.00 34.29
CA MET B 266 -10.55 -35.61 35.61
C MET B 266 -9.04 -35.40 35.65
N ALA B 267 -8.30 -35.97 34.70
CA ALA B 267 -6.88 -35.68 34.62
C ALA B 267 -6.63 -34.23 34.23
N ALA B 268 -7.33 -33.74 33.20
CA ALA B 268 -7.21 -32.34 32.83
C ALA B 268 -7.63 -31.44 33.99
N ARG B 269 -8.69 -31.80 34.69
CA ARG B 269 -9.10 -31.01 35.87
C ARG B 269 -8.02 -31.11 36.94
N ARG B 270 -7.46 -32.30 37.16
CA ARG B 270 -6.44 -32.44 38.18
C ARG B 270 -5.18 -31.63 37.85
N ALA B 271 -4.88 -31.46 36.56
CA ALA B 271 -3.70 -30.67 36.18
C ALA B 271 -3.93 -29.19 36.43
N MET B 272 -5.16 -28.70 36.25
CA MET B 272 -5.48 -27.33 36.63
C MET B 272 -5.30 -27.12 38.12
N THR B 273 -5.65 -28.13 38.92
CA THR B 273 -5.54 -28.01 40.37
C THR B 273 -4.08 -27.85 40.80
N PHE B 274 -3.19 -28.62 40.19
CA PHE B 274 -1.78 -28.57 40.57
C PHE B 274 -1.09 -27.32 40.02
N ARG B 275 -1.48 -26.87 38.83
CA ARG B 275 -0.80 -25.74 38.21
C ARG B 275 -1.34 -24.41 38.74
N LEU B 276 -2.65 -24.30 38.92
CA LEU B 276 -3.29 -23.05 39.29
C LEU B 276 -3.83 -23.06 40.72
N GLY B 277 -4.61 -24.08 41.09
CA GLY B 277 -5.16 -24.19 42.42
C GLY B 277 -4.12 -24.24 43.53
N TRP B 278 -2.93 -24.75 43.23
CA TRP B 278 -1.77 -24.70 44.12
C TRP B 278 -1.68 -23.34 44.81
N PHE B 279 -1.85 -22.26 44.05
CA PHE B 279 -1.75 -20.91 44.58
C PHE B 279 -3.09 -20.19 44.71
N LEU B 280 -4.07 -20.53 43.88
CA LEU B 280 -5.35 -19.82 43.93
C LEU B 280 -6.19 -20.24 45.12
N GLU B 281 -6.26 -21.53 45.41
CA GLU B 281 -7.11 -21.99 46.51
C GLU B 281 -6.69 -21.44 47.86
N PRO B 282 -5.39 -21.39 48.22
CA PRO B 282 -5.03 -20.71 49.47
C PRO B 282 -5.46 -19.25 49.52
N LEU B 283 -5.48 -18.56 48.37
CA LEU B 283 -5.92 -17.17 48.36
C LEU B 283 -7.43 -17.04 48.46
N VAL B 284 -8.18 -18.01 47.94
CA VAL B 284 -9.64 -17.92 47.91
C VAL B 284 -10.27 -18.61 49.11
N LYS B 285 -9.88 -19.85 49.38
CA LYS B 285 -10.49 -20.67 50.42
C LYS B 285 -9.59 -20.89 51.63
N GLY B 286 -8.33 -20.46 51.58
CA GLY B 286 -7.46 -20.47 52.74
C GLY B 286 -6.63 -21.72 52.97
N ASP B 287 -6.62 -22.65 52.02
CA ASP B 287 -5.82 -23.85 52.16
C ASP B 287 -5.39 -24.33 50.78
N TYR B 288 -4.38 -25.19 50.74
CA TYR B 288 -4.08 -25.90 49.51
C TYR B 288 -5.28 -26.77 49.12
N PRO B 289 -5.47 -27.04 47.83
CA PRO B 289 -6.56 -27.92 47.42
C PRO B 289 -6.42 -29.29 48.06
N LEU B 290 -7.54 -29.81 48.56
CA LEU B 290 -7.54 -31.11 49.24
C LEU B 290 -7.11 -32.22 48.29
N LEU B 291 -7.51 -32.12 47.02
CA LEU B 291 -7.07 -33.10 46.03
C LEU B 291 -5.55 -33.13 45.92
N MET B 292 -4.92 -31.96 45.88
CA MET B 292 -3.48 -31.88 45.79
C MET B 292 -2.81 -32.41 47.05
N GLN B 293 -3.36 -32.09 48.22
CA GLN B 293 -2.79 -32.60 49.47
C GLN B 293 -2.79 -34.13 49.49
N GLN B 294 -3.92 -34.73 49.08
CA GLN B 294 -4.04 -36.18 49.10
C GLN B 294 -3.04 -36.83 48.15
N ARG B 295 -2.91 -36.30 46.92
CA ARG B 295 -2.11 -36.96 45.90
C ARG B 295 -0.61 -36.92 46.23
N VAL B 296 -0.14 -35.84 46.85
CA VAL B 296 1.28 -35.74 47.18
C VAL B 296 1.65 -36.68 48.33
N VAL B 297 0.79 -36.79 49.34
CA VAL B 297 1.07 -37.74 50.42
C VAL B 297 0.96 -39.17 49.92
N ALA B 298 0.06 -39.43 48.98
CA ALA B 298 -0.05 -40.75 48.37
C ALA B 298 1.27 -41.18 47.71
N ALA B 299 2.01 -40.25 47.11
CA ALA B 299 3.24 -40.60 46.42
C ALA B 299 4.49 -40.38 47.25
N ARG B 300 4.40 -39.74 48.41
CA ARG B 300 5.59 -39.40 49.18
C ARG B 300 5.53 -39.71 50.66
N GLY B 301 4.35 -39.94 51.25
CA GLY B 301 4.24 -40.12 52.68
C GLY B 301 3.95 -38.82 53.40
N THR B 302 3.35 -38.95 54.59
CA THR B 302 2.90 -37.76 55.31
C THR B 302 4.07 -36.87 55.72
N ALA B 303 5.23 -37.46 56.05
CA ALA B 303 6.39 -36.67 56.40
C ALA B 303 6.92 -35.83 55.25
N ASN B 304 6.44 -36.08 54.02
CA ASN B 304 6.91 -35.36 52.84
C ASN B 304 5.75 -34.74 52.06
N GLY B 305 4.60 -34.56 52.70
CA GLY B 305 3.46 -33.95 52.05
C GLY B 305 3.59 -32.44 51.94
N LEU B 306 2.47 -31.80 51.61
CA LEU B 306 2.46 -30.36 51.48
C LEU B 306 2.63 -29.71 52.85
N PRO B 307 3.26 -28.53 52.90
CA PRO B 307 3.34 -27.81 54.17
C PRO B 307 1.95 -27.41 54.65
N GLN B 308 1.84 -27.25 55.96
CA GLN B 308 0.57 -26.85 56.59
C GLN B 308 0.62 -25.37 56.93
N PHE B 309 -0.45 -24.66 56.58
CA PHE B 309 -0.64 -23.29 57.03
C PHE B 309 -1.06 -23.28 58.48
N SER B 310 -0.37 -22.47 59.29
CA SER B 310 -0.82 -22.24 60.65
C SER B 310 -2.13 -21.45 60.63
N ALA B 311 -2.80 -21.41 61.79
CA ALA B 311 -4.05 -20.65 61.89
C ALA B 311 -3.84 -19.20 61.46
N GLY B 312 -2.72 -18.59 61.88
CA GLY B 312 -2.41 -17.24 61.44
C GLY B 312 -1.95 -17.18 60.00
N ASP B 313 -1.38 -18.28 59.49
CA ASP B 313 -1.03 -18.33 58.07
C ASP B 313 -2.28 -18.24 57.21
N LYS B 314 -3.31 -19.05 57.52
CA LYS B 314 -4.55 -19.01 56.76
C LYS B 314 -5.21 -17.65 56.87
N LEU B 315 -5.12 -17.03 58.04
CA LEU B 315 -5.71 -15.71 58.21
C LEU B 315 -5.08 -14.70 57.25
N LYS B 316 -3.78 -14.82 57.01
CA LYS B 316 -3.08 -13.83 56.19
C LYS B 316 -3.27 -14.08 54.70
N VAL B 317 -3.25 -15.35 54.26
CA VAL B 317 -3.26 -15.61 52.82
C VAL B 317 -4.68 -15.60 52.24
N LYS B 318 -5.69 -15.89 53.06
CA LYS B 318 -7.06 -15.93 52.58
C LYS B 318 -7.54 -14.52 52.23
N ASP B 319 -8.06 -14.37 51.00
CA ASP B 319 -8.58 -13.09 50.51
C ASP B 319 -7.54 -11.98 50.56
N SER B 320 -6.27 -12.34 50.41
CA SER B 320 -5.20 -11.36 50.34
C SER B 320 -4.96 -10.88 48.91
N TYR B 321 -6.03 -10.47 48.24
CA TYR B 321 -5.94 -10.01 46.86
C TYR B 321 -7.07 -9.04 46.57
N ASP B 322 -6.78 -8.05 45.73
CA ASP B 322 -7.80 -7.20 45.15
C ASP B 322 -8.13 -7.57 43.71
N PHE B 323 -7.18 -8.18 43.00
CA PHE B 323 -7.41 -8.73 41.67
C PHE B 323 -6.54 -9.98 41.54
N ILE B 324 -6.78 -10.74 40.47
CA ILE B 324 -5.99 -11.91 40.16
C ILE B 324 -5.39 -11.72 38.78
N GLY B 325 -4.07 -11.64 38.70
CA GLY B 325 -3.40 -11.62 37.42
C GLY B 325 -3.25 -13.01 36.85
N LEU B 326 -3.37 -13.11 35.52
CA LEU B 326 -3.20 -14.37 34.83
C LEU B 326 -2.27 -14.16 33.64
N SER B 327 -1.20 -14.95 33.57
CA SER B 327 -0.42 -15.08 32.36
C SER B 327 -0.77 -16.41 31.72
N HIS B 328 -1.06 -16.39 30.42
CA HIS B 328 -1.48 -17.60 29.72
C HIS B 328 -0.92 -17.57 28.31
N PHE B 329 -0.49 -18.73 27.80
CA PHE B 329 0.11 -18.81 26.49
C PHE B 329 -0.40 -19.99 25.67
N THR B 330 -0.43 -21.18 26.25
CA THR B 330 -0.64 -22.41 25.51
C THR B 330 -1.74 -23.26 26.13
N SER B 331 -2.17 -24.26 25.35
CA SER B 331 -3.13 -25.27 25.78
C SER B 331 -2.60 -26.63 25.39
N ARG B 332 -2.81 -27.63 26.25
CA ARG B 332 -2.28 -28.96 26.01
C ARG B 332 -3.35 -30.00 26.33
N LEU B 333 -3.22 -31.16 25.67
CA LEU B 333 -4.08 -32.30 25.95
C LEU B 333 -3.55 -33.06 27.17
N VAL B 334 -4.45 -33.55 27.99
CA VAL B 334 -4.10 -34.29 29.20
C VAL B 334 -4.84 -35.63 29.19
N SER B 335 -4.14 -36.68 29.59
CA SER B 335 -4.74 -37.99 29.78
C SER B 335 -4.20 -38.60 31.07
N GLU B 336 -4.98 -39.50 31.65
CA GLU B 336 -4.51 -40.23 32.81
C GLU B 336 -3.31 -41.11 32.44
N ASP B 337 -2.34 -41.17 33.34
CA ASP B 337 -1.15 -41.99 33.14
C ASP B 337 -0.88 -42.85 34.36
N ALA B 338 -0.34 -42.24 35.42
CA ALA B 338 -0.09 -42.90 36.70
C ALA B 338 1.16 -43.77 36.61
N GLY B 339 1.68 -43.96 35.40
CA GLY B 339 2.79 -44.88 35.24
C GLY B 339 4.08 -44.22 34.79
N VAL B 340 4.14 -42.89 34.83
CA VAL B 340 5.33 -42.18 34.34
C VAL B 340 6.53 -42.47 35.22
N CYS B 341 6.39 -42.27 36.52
CA CYS B 341 7.50 -42.32 37.46
C CYS B 341 7.36 -43.54 38.37
N SER B 342 7.51 -44.71 37.77
CA SER B 342 7.55 -45.93 38.58
C SER B 342 8.89 -46.00 39.31
N GLY B 343 8.84 -46.48 40.55
CA GLY B 343 10.04 -46.66 41.35
C GLY B 343 10.21 -45.64 42.45
N ALA B 344 9.09 -45.15 42.98
CA ALA B 344 9.09 -44.11 44.03
C ALA B 344 9.86 -42.87 43.59
N THR B 345 9.82 -42.57 42.30
CA THR B 345 10.46 -41.37 41.76
C THR B 345 9.65 -40.16 42.16
N VAL B 346 10.14 -39.43 43.17
CA VAL B 346 9.49 -38.20 43.59
C VAL B 346 9.49 -37.20 42.44
N GLY B 347 8.47 -36.35 42.40
CA GLY B 347 8.40 -35.33 41.37
C GLY B 347 7.09 -34.57 41.36
N PHE B 348 7.10 -33.34 40.86
CA PHE B 348 5.89 -32.54 40.84
C PHE B 348 4.83 -33.13 39.92
N PHE B 349 5.25 -33.65 38.77
CA PHE B 349 4.32 -34.21 37.79
C PHE B 349 4.05 -35.68 38.00
N CYS B 350 4.79 -36.34 38.89
CA CYS B 350 4.51 -37.73 39.23
C CYS B 350 3.49 -37.85 40.36
N ASP B 351 3.29 -36.80 41.15
CA ASP B 351 2.15 -36.76 42.05
C ASP B 351 0.83 -36.71 41.28
N GLN B 352 0.86 -36.24 40.02
CA GLN B 352 -0.35 -36.03 39.25
C GLN B 352 -0.74 -37.23 38.40
N GLY B 353 0.20 -38.11 38.06
CA GLY B 353 -0.12 -39.31 37.30
C GLY B 353 -0.80 -39.03 35.98
N LEU B 354 -0.42 -37.94 35.32
CA LEU B 354 -0.99 -37.59 34.02
C LEU B 354 0.14 -37.27 33.05
N LYS B 355 -0.24 -37.14 31.78
CA LYS B 355 0.70 -36.83 30.70
C LYS B 355 0.13 -35.69 29.86
N MET B 356 1.02 -34.84 29.37
CA MET B 356 0.65 -33.68 28.56
C MET B 356 1.25 -33.80 27.16
N GLU B 357 0.41 -33.58 26.15
CA GLU B 357 0.81 -33.63 24.75
C GLU B 357 0.34 -32.37 24.04
N THR B 358 1.04 -32.06 22.95
CA THR B 358 0.65 -30.97 22.07
C THR B 358 -0.51 -31.37 21.19
N ASP B 359 -1.47 -30.47 21.01
CA ASP B 359 -2.64 -30.70 20.15
C ASP B 359 -2.26 -30.23 18.74
N LEU B 360 -1.85 -31.19 17.90
CA LEU B 360 -1.40 -30.87 16.54
C LEU B 360 -2.55 -30.50 15.61
N SER B 361 -3.80 -30.63 16.04
CA SER B 361 -4.93 -30.20 15.22
C SER B 361 -4.84 -28.71 14.91
N TYR B 362 -4.55 -27.91 15.93
CA TYR B 362 -4.68 -26.46 15.81
C TYR B 362 -3.52 -25.88 14.99
N PRO B 363 -3.73 -24.71 14.37
CA PRO B 363 -2.70 -24.16 13.48
C PRO B 363 -1.36 -23.92 14.18
N LYS B 364 -0.28 -24.19 13.44
CA LYS B 364 1.07 -24.05 13.94
C LYS B 364 1.60 -22.65 13.65
N LEU B 365 2.07 -21.97 14.70
CA LEU B 365 2.55 -20.59 14.60
C LEU B 365 4.07 -20.60 14.50
N GLU B 366 4.56 -20.90 13.31
CA GLU B 366 5.98 -20.87 13.02
C GLU B 366 6.19 -20.06 11.73
N TYR B 367 7.46 -19.80 11.41
CA TYR B 367 7.75 -18.85 10.36
C TYR B 367 7.27 -19.34 9.00
N ARG B 368 7.53 -20.61 8.69
CA ARG B 368 7.14 -21.24 7.44
C ARG B 368 6.46 -22.56 7.75
N PRO B 369 5.63 -23.07 6.83
CA PRO B 369 4.87 -24.29 7.14
C PRO B 369 5.73 -25.51 7.44
N GLU B 370 6.90 -25.63 6.83
CA GLU B 370 7.77 -26.78 7.04
C GLU B 370 8.67 -26.62 8.27
N VAL B 371 8.50 -25.56 9.05
CA VAL B 371 9.36 -25.27 10.18
C VAL B 371 8.76 -25.88 11.45
N ASN B 372 9.53 -26.75 12.12
CA ASN B 372 9.19 -27.34 13.41
C ASN B 372 7.79 -27.93 13.44
N PRO B 373 7.56 -29.06 12.77
CA PRO B 373 6.21 -29.66 12.76
C PRO B 373 5.70 -30.07 14.14
N THR B 374 6.61 -30.22 15.10
CA THR B 374 6.30 -30.62 16.48
C THR B 374 6.03 -29.43 17.40
N SER B 375 5.83 -28.23 16.84
CA SER B 375 5.88 -27.02 17.65
C SER B 375 4.72 -26.93 18.63
N GLU B 376 5.01 -26.40 19.82
CA GLU B 376 4.00 -26.12 20.83
C GLU B 376 3.34 -24.75 20.65
N ARG B 377 3.86 -23.91 19.76
CA ARG B 377 3.29 -22.59 19.50
C ARG B 377 2.05 -22.77 18.62
N ARG B 378 0.87 -22.85 19.24
CA ARG B 378 -0.36 -23.15 18.53
C ARG B 378 -1.37 -22.02 18.69
N LEU B 379 -2.21 -21.86 17.67
CA LEU B 379 -3.28 -20.85 17.68
C LEU B 379 -4.49 -21.46 18.36
N MET B 380 -4.55 -21.31 19.70
CA MET B 380 -5.59 -21.93 20.51
C MET B 380 -6.18 -20.90 21.49
N GLY B 381 -6.83 -19.87 20.93
CA GLY B 381 -7.38 -18.82 21.76
C GLY B 381 -8.51 -19.26 22.67
N PHE B 382 -9.22 -20.33 22.28
CA PHE B 382 -10.31 -20.82 23.10
C PHE B 382 -9.83 -21.22 24.50
N GLY B 383 -8.56 -21.61 24.63
CA GLY B 383 -8.04 -21.98 25.93
C GLY B 383 -8.05 -20.84 26.93
N LEU B 384 -7.89 -19.61 26.46
CA LEU B 384 -7.99 -18.46 27.36
C LEU B 384 -9.43 -18.22 27.77
N LEU B 385 -10.37 -18.33 26.83
CA LEU B 385 -11.79 -18.22 27.16
C LEU B 385 -12.18 -19.22 28.25
N GLU B 386 -11.80 -20.49 28.07
CA GLU B 386 -12.15 -21.52 29.05
C GLU B 386 -11.42 -21.32 30.38
N LEU B 387 -10.20 -20.80 30.34
CA LEU B 387 -9.49 -20.51 31.58
C LEU B 387 -10.18 -19.40 32.36
N LEU B 388 -10.61 -18.34 31.66
CA LEU B 388 -11.29 -17.24 32.36
C LEU B 388 -12.63 -17.70 32.92
N LYS B 389 -13.34 -18.56 32.20
CA LYS B 389 -14.58 -19.12 32.73
C LYS B 389 -14.31 -20.00 33.94
N HIS B 390 -13.23 -20.78 33.87
CA HIS B 390 -12.88 -21.65 34.98
C HIS B 390 -12.56 -20.85 36.23
N VAL B 391 -11.71 -19.83 36.10
CA VAL B 391 -11.35 -19.01 37.25
C VAL B 391 -12.56 -18.27 37.79
N THR B 392 -13.52 -17.94 36.93
CA THR B 392 -14.70 -17.22 37.42
C THR B 392 -15.64 -18.14 38.18
N SER B 393 -15.93 -19.31 37.65
CA SER B 393 -16.90 -20.21 38.28
C SER B 393 -16.32 -20.96 39.47
N ASP B 394 -15.01 -21.15 39.54
CA ASP B 394 -14.42 -21.97 40.58
C ASP B 394 -13.77 -21.16 41.69
N TYR B 395 -13.58 -19.86 41.51
CA TYR B 395 -12.97 -19.04 42.55
C TYR B 395 -13.77 -17.76 42.76
N ASN B 396 -15.10 -17.85 42.65
CA ASN B 396 -16.03 -16.83 43.13
C ASN B 396 -15.81 -15.49 42.45
N LYS B 397 -15.91 -15.50 41.12
CA LYS B 397 -15.82 -14.34 40.23
C LYS B 397 -14.84 -13.29 40.73
N PRO B 398 -13.53 -13.58 40.72
CA PRO B 398 -12.55 -12.55 41.08
C PRO B 398 -12.39 -11.53 39.97
N VAL B 399 -11.90 -10.34 40.35
CA VAL B 399 -11.49 -9.35 39.37
C VAL B 399 -10.22 -9.86 38.68
N ILE B 400 -10.26 -9.96 37.36
CA ILE B 400 -9.22 -10.64 36.60
C ILE B 400 -8.54 -9.64 35.67
N TYR B 401 -7.21 -9.65 35.68
CA TYR B 401 -6.39 -8.99 34.68
C TYR B 401 -5.55 -10.05 33.99
N VAL B 402 -5.61 -10.08 32.66
CA VAL B 402 -4.67 -10.89 31.89
C VAL B 402 -3.38 -10.07 31.80
N THR B 403 -2.39 -10.45 32.60
CA THR B 403 -1.19 -9.61 32.71
C THR B 403 -0.14 -9.95 31.67
N GLU B 404 -0.13 -11.17 31.15
CA GLU B 404 0.79 -11.53 30.07
C GLU B 404 0.05 -12.46 29.11
N ASN B 405 0.00 -12.08 27.84
CA ASN B 405 -0.46 -12.96 26.79
C ASN B 405 0.22 -12.54 25.50
N GLY B 406 0.91 -13.46 24.85
CA GLY B 406 1.61 -13.13 23.64
C GLY B 406 2.17 -14.36 22.98
N LEU B 407 2.91 -14.13 21.90
CA LEU B 407 3.49 -15.21 21.12
C LEU B 407 5.00 -15.03 20.98
N SER B 408 5.71 -16.13 21.17
CA SER B 408 7.14 -16.18 20.92
C SER B 408 7.39 -16.51 19.45
N SER B 409 8.43 -15.90 18.87
CA SER B 409 8.70 -16.08 17.45
C SER B 409 10.20 -15.91 17.18
N CYS B 410 10.60 -16.22 15.95
CA CYS B 410 12.01 -16.04 15.57
C CYS B 410 12.35 -14.58 15.28
N GLY B 411 11.36 -13.71 15.20
CA GLY B 411 11.58 -12.28 15.26
C GLY B 411 11.17 -11.47 14.03
N THR B 412 10.50 -12.04 13.04
CA THR B 412 10.17 -11.29 11.82
C THR B 412 9.23 -10.12 12.15
N LEU B 413 9.45 -9.00 11.46
CA LEU B 413 8.64 -7.81 11.71
C LEU B 413 7.29 -7.85 10.99
N GLN B 414 7.15 -8.67 9.95
CA GLN B 414 5.85 -8.88 9.30
C GLN B 414 5.21 -10.12 9.93
N ASP B 415 4.79 -9.94 11.19
CA ASP B 415 4.46 -11.07 12.06
C ASP B 415 2.97 -11.37 11.97
N GLN B 416 2.58 -12.04 10.88
CA GLN B 416 1.20 -12.47 10.74
C GLN B 416 0.81 -13.42 11.87
N ASN B 417 1.73 -14.30 12.30
CA ASN B 417 1.43 -15.22 13.38
C ASN B 417 1.08 -14.49 14.66
N ARG B 418 1.87 -13.46 15.02
CA ARG B 418 1.56 -12.71 16.23
C ARG B 418 0.28 -11.91 16.09
N VAL B 419 -0.01 -11.39 14.89
CA VAL B 419 -1.29 -10.70 14.66
C VAL B 419 -2.44 -11.67 14.84
N GLU B 420 -2.33 -12.86 14.24
CA GLU B 420 -3.34 -13.88 14.44
C GLU B 420 -3.53 -14.21 15.92
N TYR B 421 -2.41 -14.37 16.63
CA TYR B 421 -2.47 -14.69 18.05
C TYR B 421 -3.07 -13.54 18.84
N LEU B 422 -2.63 -12.32 18.56
CA LEU B 422 -3.16 -11.18 19.29
C LEU B 422 -4.64 -10.98 19.00
N ARG B 423 -5.06 -11.21 17.76
CA ARG B 423 -6.45 -10.97 17.40
C ARG B 423 -7.37 -11.99 18.07
N GLU B 424 -6.99 -13.27 18.03
CA GLU B 424 -7.90 -14.32 18.49
C GLU B 424 -7.98 -14.37 20.01
N TYR B 425 -6.83 -14.31 20.69
CA TYR B 425 -6.84 -14.45 22.15
C TYR B 425 -7.57 -13.28 22.81
N SER B 426 -7.30 -12.05 22.37
CA SER B 426 -8.03 -10.91 22.89
C SER B 426 -9.52 -11.04 22.60
N ASN B 427 -9.87 -11.61 21.45
CA ASN B 427 -11.27 -11.84 21.14
C ASN B 427 -11.90 -12.84 22.09
N ASN B 428 -11.14 -13.82 22.57
CA ASN B 428 -11.67 -14.76 23.54
C ASN B 428 -11.82 -14.13 24.92
N VAL B 429 -11.02 -13.10 25.23
CA VAL B 429 -11.27 -12.30 26.42
C VAL B 429 -12.65 -11.66 26.35
N LEU B 430 -13.01 -11.14 25.17
CA LEU B 430 -14.31 -10.51 25.01
C LEU B 430 -15.44 -11.53 25.21
N ALA B 431 -15.25 -12.75 24.70
CA ALA B 431 -16.24 -13.80 24.91
C ALA B 431 -16.35 -14.15 26.39
N ALA B 432 -15.23 -14.18 27.11
CA ALA B 432 -15.27 -14.45 28.54
C ALA B 432 -16.10 -13.41 29.28
N ILE B 433 -15.97 -12.14 28.89
CA ILE B 433 -16.75 -11.08 29.52
C ILE B 433 -18.24 -11.28 29.28
N LYS B 434 -18.62 -11.73 28.08
CA LYS B 434 -20.02 -12.05 27.81
C LYS B 434 -20.50 -13.22 28.65
N ALA B 435 -19.60 -14.14 29.01
CA ALA B 435 -19.96 -15.29 29.82
C ALA B 435 -19.92 -14.98 31.32
N GLY B 436 -19.73 -13.71 31.68
CA GLY B 436 -19.73 -13.31 33.07
C GLY B 436 -18.37 -13.19 33.71
N GLY B 437 -17.30 -13.41 32.94
CA GLY B 437 -15.95 -13.19 33.47
C GLY B 437 -15.74 -11.71 33.74
N ASP B 438 -15.18 -11.40 34.91
CA ASP B 438 -14.93 -10.01 35.30
C ASP B 438 -13.49 -9.64 34.98
N VAL B 439 -13.21 -9.58 33.68
CA VAL B 439 -11.88 -9.26 33.17
C VAL B 439 -11.86 -7.78 32.82
N ARG B 440 -11.01 -7.02 33.50
CA ARG B 440 -10.96 -5.58 33.32
C ARG B 440 -9.72 -5.09 32.58
N GLY B 441 -8.84 -5.99 32.18
CA GLY B 441 -7.62 -5.57 31.50
C GLY B 441 -7.02 -6.69 30.70
N PHE B 442 -6.31 -6.31 29.64
CA PHE B 442 -5.59 -7.25 28.79
C PHE B 442 -4.23 -6.64 28.48
N PHE B 443 -3.16 -7.32 28.89
CA PHE B 443 -1.79 -6.83 28.71
C PHE B 443 -1.06 -7.76 27.74
N VAL B 444 -0.53 -7.20 26.64
CA VAL B 444 0.18 -7.98 25.64
C VAL B 444 1.61 -8.21 26.11
N TRP B 445 2.10 -9.43 25.90
CA TRP B 445 3.49 -9.79 26.15
C TRP B 445 4.17 -10.00 24.80
N SER B 446 5.17 -9.18 24.49
CA SER B 446 5.65 -8.09 25.35
C SER B 446 5.70 -6.79 24.55
N LEU B 447 6.34 -5.76 25.10
CA LEU B 447 6.43 -4.47 24.40
C LEU B 447 7.54 -4.47 23.38
N LEU B 448 8.71 -4.97 23.76
CA LEU B 448 9.85 -5.04 22.85
C LEU B 448 10.60 -6.35 23.10
N ASP B 449 11.42 -6.73 22.12
CA ASP B 449 12.22 -7.93 22.24
C ASP B 449 13.14 -7.84 23.45
N GLY B 450 13.49 -9.00 24.00
CA GLY B 450 14.35 -9.04 25.16
C GLY B 450 15.04 -10.38 25.33
N PHE B 451 15.51 -10.61 26.55
CA PHE B 451 16.19 -11.85 26.92
C PHE B 451 15.16 -12.76 27.59
N ASP B 452 14.54 -13.62 26.79
CA ASP B 452 13.39 -14.41 27.24
C ASP B 452 13.84 -15.55 28.14
N TRP B 453 14.33 -15.17 29.31
CA TRP B 453 14.68 -16.10 30.39
C TRP B 453 15.64 -17.15 29.85
N SER B 454 15.39 -18.45 30.04
CA SER B 454 16.33 -19.48 29.62
C SER B 454 16.36 -19.66 28.11
N LEU B 455 15.50 -18.98 27.37
CA LEU B 455 15.52 -19.05 25.92
C LEU B 455 16.40 -17.97 25.30
N GLY B 456 16.91 -17.03 26.10
CA GLY B 456 17.83 -16.03 25.58
C GLY B 456 17.22 -15.16 24.50
N TYR B 457 18.00 -14.90 23.46
CA TYR B 457 17.53 -14.09 22.34
C TYR B 457 16.91 -14.92 21.23
N THR B 458 16.83 -16.25 21.38
CA THR B 458 16.21 -17.07 20.35
C THR B 458 14.71 -16.87 20.28
N SER B 459 14.12 -16.25 21.30
CA SER B 459 12.67 -16.04 21.38
C SER B 459 12.39 -14.55 21.35
N LYS B 460 11.60 -14.10 20.38
CA LYS B 460 11.18 -12.71 20.27
C LYS B 460 9.67 -12.63 20.51
N SER B 461 9.25 -11.63 21.27
CA SER B 461 7.84 -11.53 21.66
C SER B 461 7.28 -10.12 21.61
N GLY B 462 8.05 -9.12 21.19
CA GLY B 462 7.61 -7.75 21.29
C GLY B 462 6.75 -7.28 20.14
N LEU B 463 5.86 -6.33 20.44
CA LEU B 463 5.26 -5.55 19.38
C LEU B 463 6.30 -4.71 18.69
N TYR B 464 7.41 -4.44 19.37
CA TYR B 464 8.52 -3.69 18.79
C TYR B 464 9.72 -4.62 18.68
N TYR B 465 10.26 -4.73 17.47
CA TYR B 465 11.53 -5.41 17.25
C TYR B 465 12.65 -4.54 17.80
N VAL B 466 13.68 -5.18 18.37
CA VAL B 466 14.87 -4.49 18.86
C VAL B 466 16.07 -5.08 18.15
N ASP B 467 16.81 -4.24 17.43
CA ASP B 467 18.05 -4.69 16.79
C ASP B 467 19.09 -4.81 17.90
N MET B 468 19.30 -6.04 18.37
CA MET B 468 20.25 -6.32 19.43
C MET B 468 21.69 -6.20 18.97
N GLY B 469 21.95 -5.86 17.70
CA GLY B 469 23.30 -5.80 17.19
C GLY B 469 23.84 -4.40 17.00
N ARG B 470 23.01 -3.39 17.25
CA ARG B 470 23.41 -2.00 17.18
C ARG B 470 23.47 -1.41 18.59
N GLY B 471 24.54 -0.67 18.88
CA GLY B 471 24.79 -0.20 20.23
C GLY B 471 23.65 0.61 20.81
N GLU B 472 22.93 1.35 19.97
CA GLU B 472 21.83 2.18 20.44
C GLU B 472 20.55 1.38 20.67
N ARG B 473 20.54 0.10 20.30
CA ARG B 473 19.38 -0.76 20.49
C ARG B 473 18.11 -0.13 19.93
N PRO B 474 18.05 0.14 18.63
CA PRO B 474 16.87 0.81 18.08
C PRO B 474 15.65 -0.11 18.05
N ARG B 475 14.48 0.48 18.26
CA ARG B 475 13.21 -0.22 18.24
C ARG B 475 12.48 0.05 16.93
N PHE B 476 11.76 -0.97 16.46
CA PHE B 476 11.02 -0.85 15.22
C PHE B 476 9.69 -1.56 15.38
N PRO B 477 8.57 -0.93 15.01
CA PRO B 477 7.27 -1.59 15.18
C PRO B 477 7.06 -2.71 14.18
N ARG B 478 6.68 -3.88 14.69
CA ARG B 478 6.19 -4.96 13.88
C ARG B 478 4.73 -4.69 13.47
N SER B 479 4.25 -5.48 12.49
CA SER B 479 2.88 -5.29 12.03
C SER B 479 1.89 -5.40 13.18
N SER B 480 2.16 -6.30 14.14
CA SER B 480 1.28 -6.44 15.29
C SER B 480 1.13 -5.14 16.05
N ALA B 481 2.17 -4.30 16.08
CA ALA B 481 2.04 -3.00 16.73
C ALA B 481 1.02 -2.12 16.03
N THR B 482 0.99 -2.18 14.70
CA THR B 482 -0.03 -1.45 13.96
C THR B 482 -1.41 -2.04 14.24
N PHE B 483 -1.52 -3.37 14.26
CA PHE B 483 -2.80 -4.00 14.57
C PHE B 483 -3.28 -3.59 15.96
N TYR B 484 -2.43 -3.72 16.97
CA TYR B 484 -2.85 -3.42 18.32
C TYR B 484 -3.23 -1.95 18.47
N LYS B 485 -2.46 -1.04 17.84
CA LYS B 485 -2.82 0.38 17.87
C LYS B 485 -4.21 0.61 17.29
N LYS B 486 -4.50 -0.04 16.16
CA LYS B 486 -5.79 0.15 15.49
C LYS B 486 -6.93 -0.45 16.31
N MET B 487 -6.69 -1.59 16.97
CA MET B 487 -7.75 -2.22 17.75
C MET B 487 -8.07 -1.44 19.01
N ILE B 488 -7.05 -0.88 19.67
CA ILE B 488 -7.29 -0.04 20.83
C ILE B 488 -8.10 1.19 20.44
N ALA B 489 -7.77 1.80 19.30
CA ALA B 489 -8.46 3.01 18.87
C ALA B 489 -9.93 2.74 18.56
N ASN B 490 -10.22 1.58 17.98
CA ASN B 490 -11.60 1.21 17.67
C ASN B 490 -12.30 0.50 18.82
N ASN B 491 -11.61 0.30 19.95
CA ASN B 491 -12.18 -0.40 21.10
C ASN B 491 -12.68 -1.79 20.73
N GLY B 492 -12.01 -2.44 19.80
CA GLY B 492 -12.39 -3.76 19.37
C GLY B 492 -12.09 -3.93 17.90
N LEU B 493 -12.68 -4.97 17.32
CA LEU B 493 -12.39 -5.31 15.93
C LEU B 493 -13.30 -4.54 14.99
N THR B 494 -12.79 -4.31 13.79
CA THR B 494 -13.56 -3.78 12.68
C THR B 494 -13.43 -4.76 11.51
N ASP B 495 -14.22 -4.52 10.46
CA ASP B 495 -14.11 -5.35 9.26
C ASP B 495 -12.68 -5.34 8.73
N GLU B 496 -11.99 -4.20 8.85
CA GLU B 496 -10.60 -4.13 8.43
C GLU B 496 -9.72 -5.04 9.26
N LEU B 497 -9.83 -4.95 10.59
CA LEU B 497 -9.00 -5.72 11.49
C LEU B 497 -9.32 -7.22 11.46
N VAL B 498 -10.52 -7.59 11.02
CA VAL B 498 -10.87 -9.01 10.98
C VAL B 498 -10.07 -9.73 9.89
N THR B 499 -9.82 -9.05 8.79
CA THR B 499 -9.09 -9.66 7.67
C THR B 499 -7.68 -9.10 7.49
N TYR B 500 -7.21 -8.26 8.43
CA TYR B 500 -5.86 -7.71 8.35
C TYR B 500 -4.83 -8.82 8.17
N ARG B 501 -3.90 -8.61 7.23
CA ARG B 501 -2.79 -9.52 6.99
C ARG B 501 -1.49 -8.76 6.96
N ALA B 502 -0.44 -9.35 7.54
CA ALA B 502 0.89 -8.75 7.49
C ALA B 502 1.58 -9.01 6.15
N TYR B 503 1.27 -10.14 5.52
CA TYR B 503 1.76 -10.48 4.20
C TYR B 503 0.71 -11.33 3.51
N PRO B 504 0.76 -11.45 2.18
CA PRO B 504 -0.26 -12.22 1.46
C PRO B 504 -0.29 -13.69 1.86
N ALA B 505 -1.47 -14.30 1.69
CA ALA B 505 -1.69 -15.67 2.14
C ALA B 505 -1.00 -16.72 1.26
N ASP B 506 -0.49 -16.35 0.09
CA ASP B 506 0.19 -17.29 -0.78
C ASP B 506 1.71 -17.29 -0.59
N ARG B 507 2.21 -16.51 0.37
CA ARG B 507 3.65 -16.26 0.47
C ARG B 507 4.44 -17.56 0.63
N ASP B 508 3.99 -18.43 1.53
CA ASP B 508 4.75 -19.63 1.85
C ASP B 508 4.06 -20.91 1.40
N VAL B 509 2.99 -20.81 0.62
CA VAL B 509 2.30 -21.99 0.10
C VAL B 509 3.14 -22.61 -1.01
N PHE B 510 3.47 -23.89 -0.86
CA PHE B 510 4.28 -24.60 -1.84
C PHE B 510 3.42 -25.01 -3.03
N LEU B 511 3.87 -24.66 -4.23
CA LEU B 511 3.13 -24.91 -5.46
C LEU B 511 3.63 -26.20 -6.11
N TYR B 512 2.71 -27.13 -6.34
CA TYR B 512 3.00 -28.40 -7.01
C TYR B 512 2.52 -28.27 -8.45
N ASP B 513 3.41 -27.85 -9.34
CA ASP B 513 3.06 -27.65 -10.75
C ASP B 513 4.30 -27.92 -11.60
N THR B 514 4.16 -27.69 -12.91
CA THR B 514 5.22 -27.93 -13.87
C THR B 514 5.63 -26.62 -14.53
N PHE B 515 6.90 -26.54 -14.93
CA PHE B 515 7.39 -25.39 -15.66
C PHE B 515 6.81 -25.40 -17.09
N PRO B 516 6.81 -24.25 -17.75
CA PRO B 516 6.46 -24.23 -19.18
C PRO B 516 7.43 -25.08 -20.00
N SER B 517 6.95 -25.55 -21.15
CA SER B 517 7.74 -26.47 -21.95
C SER B 517 9.00 -25.81 -22.51
N ASP B 518 8.94 -24.53 -22.85
CA ASP B 518 10.11 -23.82 -23.37
C ASP B 518 11.03 -23.31 -22.26
N PHE B 519 10.81 -23.71 -21.00
CA PHE B 519 11.68 -23.30 -19.92
C PHE B 519 12.95 -24.13 -19.94
N MET B 520 14.09 -23.47 -19.69
CA MET B 520 15.39 -24.12 -19.79
C MET B 520 16.16 -23.95 -18.50
N PHE B 521 16.85 -25.02 -18.08
CA PHE B 521 17.65 -25.05 -16.87
C PHE B 521 19.13 -25.04 -17.23
N GLY B 522 19.93 -24.42 -16.37
CA GLY B 522 21.34 -24.27 -16.64
C GLY B 522 22.19 -24.18 -15.39
N VAL B 523 23.50 -24.21 -15.61
CA VAL B 523 24.50 -24.01 -14.58
C VAL B 523 25.51 -23.00 -15.10
N ALA B 524 26.08 -22.23 -14.19
CA ALA B 524 26.97 -21.14 -14.58
C ALA B 524 28.34 -21.32 -13.96
N THR B 525 29.37 -20.97 -14.72
CA THR B 525 30.72 -20.78 -14.18
C THR B 525 31.22 -19.42 -14.64
N SER B 526 32.50 -19.12 -14.44
CA SER B 526 33.10 -17.93 -15.01
C SER B 526 34.57 -18.20 -15.27
N ALA B 527 35.18 -17.34 -16.09
CA ALA B 527 36.49 -17.65 -16.66
C ALA B 527 37.58 -17.71 -15.57
N TYR B 528 37.74 -16.63 -14.80
CA TYR B 528 38.83 -16.59 -13.86
C TYR B 528 38.67 -17.64 -12.75
N GLN B 529 37.42 -18.03 -12.44
CA GLN B 529 37.17 -18.94 -11.34
C GLN B 529 37.42 -20.41 -11.67
N ILE B 530 37.37 -20.79 -12.95
CA ILE B 530 37.52 -22.20 -13.30
C ILE B 530 38.62 -22.48 -14.32
N GLU B 531 39.05 -21.51 -15.14
CA GLU B 531 39.91 -21.83 -16.28
C GLU B 531 41.34 -22.12 -15.84
N GLY B 532 41.92 -21.27 -14.99
CA GLY B 532 43.33 -21.40 -14.75
C GLY B 532 44.11 -21.06 -16.01
N ALA B 533 45.31 -21.64 -16.11
CA ALA B 533 46.21 -21.42 -17.25
C ALA B 533 46.33 -19.94 -17.59
N TRP B 534 46.73 -19.16 -16.58
CA TRP B 534 46.66 -17.71 -16.66
C TRP B 534 47.69 -17.12 -17.62
N ASN B 535 48.79 -17.82 -17.89
CA ASN B 535 49.85 -17.30 -18.75
C ASN B 535 50.28 -18.33 -19.79
N LEU B 536 49.37 -19.23 -20.15
CA LEU B 536 49.67 -20.31 -21.09
C LEU B 536 49.09 -19.99 -22.46
N ASP B 537 49.85 -20.32 -23.50
CA ASP B 537 49.42 -20.17 -24.89
C ASP B 537 49.05 -18.71 -25.21
N GLY B 538 49.83 -17.78 -24.68
CA GLY B 538 49.72 -16.38 -25.07
C GLY B 538 48.61 -15.59 -24.43
N LYS B 539 48.11 -16.03 -23.27
CA LYS B 539 47.08 -15.27 -22.58
C LYS B 539 47.70 -14.10 -21.83
N GLY B 540 47.06 -12.94 -21.91
CA GLY B 540 47.54 -11.75 -21.26
C GLY B 540 47.10 -11.64 -19.82
N PRO B 541 47.83 -10.86 -19.03
CA PRO B 541 47.51 -10.73 -17.59
C PRO B 541 46.17 -10.02 -17.38
N SER B 542 45.35 -10.59 -16.51
CA SER B 542 44.09 -9.96 -16.12
C SER B 542 44.30 -9.05 -14.92
N ILE B 543 43.28 -8.26 -14.60
CA ILE B 543 43.36 -7.45 -13.38
C ILE B 543 43.20 -8.33 -12.14
N TRP B 544 42.60 -9.52 -12.29
CA TRP B 544 42.53 -10.48 -11.19
C TRP B 544 43.80 -11.30 -11.07
N ASP B 545 44.55 -11.46 -12.17
CA ASP B 545 45.89 -12.01 -12.04
C ASP B 545 46.77 -11.06 -11.23
N THR B 546 46.58 -9.76 -11.39
CA THR B 546 47.34 -8.78 -10.61
C THR B 546 46.86 -8.75 -9.16
N PHE B 547 45.55 -8.76 -8.95
CA PHE B 547 45.00 -8.81 -7.59
C PHE B 547 45.50 -10.04 -6.84
N ALA B 548 45.51 -11.20 -7.50
CA ALA B 548 45.88 -12.45 -6.82
C ALA B 548 47.37 -12.52 -6.55
N HIS B 549 48.19 -12.01 -7.47
CA HIS B 549 49.62 -12.01 -7.27
C HIS B 549 50.08 -10.90 -6.32
N ASN B 550 49.14 -10.14 -5.75
CA ASN B 550 49.43 -9.19 -4.68
C ASN B 550 48.99 -9.72 -3.32
N ASN B 551 48.63 -11.01 -3.23
CA ASN B 551 48.19 -11.64 -1.99
C ASN B 551 47.01 -10.89 -1.37
N ARG B 552 45.97 -10.68 -2.18
CA ARG B 552 44.74 -10.05 -1.72
C ARG B 552 43.57 -11.03 -1.63
N LEU B 553 43.78 -12.28 -2.03
CA LEU B 553 42.76 -13.33 -1.96
C LEU B 553 43.12 -14.32 -0.86
N ALA B 554 42.28 -14.40 0.17
CA ALA B 554 42.33 -15.46 1.19
C ALA B 554 43.74 -15.75 1.67
N SER B 555 44.13 -17.02 1.67
CA SER B 555 45.46 -17.44 2.10
C SER B 555 46.48 -17.34 0.97
N GLY B 556 46.48 -16.24 0.22
CA GLY B 556 47.39 -16.11 -0.90
C GLY B 556 47.05 -16.95 -2.10
N GLN B 557 45.85 -17.53 -2.14
CA GLN B 557 45.48 -18.43 -3.22
C GLN B 557 45.26 -17.67 -4.51
N THR B 558 45.46 -18.37 -5.62
CA THR B 558 45.40 -17.78 -6.95
C THR B 558 44.43 -18.57 -7.81
N GLY B 559 44.07 -17.96 -8.94
CA GLY B 559 43.33 -18.65 -9.97
C GLY B 559 44.25 -19.11 -11.08
N ASP B 560 45.52 -19.35 -10.73
CA ASP B 560 46.52 -19.73 -11.73
C ASP B 560 46.21 -21.07 -12.35
N VAL B 561 45.73 -22.03 -11.54
CA VAL B 561 45.22 -23.30 -12.03
C VAL B 561 43.74 -23.47 -11.71
N ALA B 562 43.35 -23.23 -10.45
CA ALA B 562 41.97 -23.33 -10.01
C ALA B 562 41.36 -24.68 -10.36
N CYS B 563 40.54 -24.74 -11.41
CA CYS B 563 39.91 -25.97 -11.82
C CYS B 563 40.52 -26.56 -13.09
N ASP B 564 41.48 -25.86 -13.71
CA ASP B 564 42.16 -26.35 -14.91
C ASP B 564 41.16 -26.70 -16.01
N SER B 565 40.12 -25.88 -16.14
CA SER B 565 39.14 -26.10 -17.20
C SER B 565 39.63 -25.64 -18.57
N TYR B 566 40.81 -25.00 -18.64
CA TYR B 566 41.45 -24.84 -19.94
C TYR B 566 41.86 -26.20 -20.51
N HIS B 567 42.28 -27.12 -19.65
CA HIS B 567 42.61 -28.48 -20.06
C HIS B 567 41.49 -29.48 -19.81
N LEU B 568 40.69 -29.29 -18.76
CA LEU B 568 39.68 -30.26 -18.35
C LEU B 568 38.28 -29.88 -18.84
N TYR B 569 38.16 -29.10 -19.92
CA TYR B 569 36.84 -28.70 -20.41
C TYR B 569 36.02 -29.91 -20.86
N MET B 570 36.69 -30.98 -21.30
CA MET B 570 35.97 -32.18 -21.71
C MET B 570 35.29 -32.84 -20.51
N GLU B 571 35.98 -32.86 -19.36
CA GLU B 571 35.34 -33.30 -18.12
C GLU B 571 34.12 -32.45 -17.81
N ASP B 572 34.25 -31.13 -17.97
CA ASP B 572 33.12 -30.24 -17.68
C ASP B 572 31.90 -30.59 -18.52
N VAL B 573 32.11 -30.77 -19.83
CA VAL B 573 30.99 -31.06 -20.73
C VAL B 573 30.24 -32.30 -20.28
N ARG B 574 30.97 -33.35 -19.90
CA ARG B 574 30.35 -34.60 -19.48
C ARG B 574 29.69 -34.51 -18.11
N MET B 575 30.17 -33.62 -17.23
CA MET B 575 29.42 -33.33 -16.00
C MET B 575 28.11 -32.64 -16.32
N LEU B 576 28.12 -31.71 -17.27
CA LEU B 576 26.90 -31.05 -17.72
C LEU B 576 25.90 -32.06 -18.30
N GLN B 577 26.40 -33.11 -18.96
CA GLN B 577 25.50 -34.13 -19.50
C GLN B 577 24.86 -34.94 -18.38
N HIS B 578 25.61 -35.19 -17.30
CA HIS B 578 25.06 -35.95 -16.17
C HIS B 578 23.88 -35.23 -15.54
N LEU B 579 23.98 -33.91 -15.38
CA LEU B 579 22.86 -33.14 -14.85
C LEU B 579 21.70 -33.09 -15.83
N GLY B 580 21.99 -33.14 -17.13
CA GLY B 580 20.95 -32.94 -18.13
C GLY B 580 20.49 -31.50 -18.23
N VAL B 581 21.43 -30.55 -18.13
CA VAL B 581 21.08 -29.14 -18.25
C VAL B 581 20.79 -28.81 -19.70
N ASN B 582 19.97 -27.78 -19.91
CA ASN B 582 19.67 -27.31 -21.26
C ASN B 582 20.74 -26.35 -21.79
N PHE B 583 21.26 -25.48 -20.92
CA PHE B 583 22.29 -24.53 -21.32
C PHE B 583 23.39 -24.48 -20.28
N TYR B 584 24.54 -23.96 -20.72
CA TYR B 584 25.72 -23.80 -19.89
C TYR B 584 26.20 -22.37 -20.04
N ARG B 585 26.29 -21.65 -18.92
CA ARG B 585 26.65 -20.24 -18.91
C ARG B 585 28.10 -20.11 -18.42
N PHE B 586 28.99 -19.76 -19.34
CA PHE B 586 30.40 -19.59 -19.02
C PHE B 586 30.85 -18.22 -19.52
N SER B 587 32.01 -17.79 -19.03
CA SER B 587 32.59 -16.51 -19.39
C SER B 587 33.70 -16.69 -20.42
N ILE B 588 33.89 -15.67 -21.24
CA ILE B 588 35.05 -15.56 -22.12
C ILE B 588 36.01 -14.57 -21.50
N ALA B 589 37.27 -14.97 -21.33
CA ALA B 589 38.29 -14.08 -20.81
C ALA B 589 38.71 -13.13 -21.93
N TRP B 590 38.43 -11.84 -21.73
CA TRP B 590 38.90 -10.82 -22.66
C TRP B 590 40.41 -10.96 -22.90
N SER B 591 41.17 -11.16 -21.82
CA SER B 591 42.63 -11.24 -21.91
C SER B 591 43.12 -12.54 -22.54
N ARG B 592 42.24 -13.49 -22.85
CA ARG B 592 42.69 -14.69 -23.54
C ARG B 592 42.56 -14.60 -25.04
N VAL B 593 41.61 -13.80 -25.54
CA VAL B 593 41.47 -13.57 -26.98
C VAL B 593 42.15 -12.28 -27.42
N MET B 594 42.55 -11.45 -26.49
CA MET B 594 43.27 -10.21 -26.84
C MET B 594 44.10 -9.84 -25.61
N ALA B 595 45.41 -9.99 -25.70
CA ALA B 595 46.30 -9.78 -24.54
C ALA B 595 46.46 -8.32 -24.19
N ASP B 596 45.78 -7.41 -24.87
CA ASP B 596 45.94 -6.01 -24.43
C ASP B 596 44.58 -5.36 -24.59
N GLY B 597 43.61 -6.16 -25.01
CA GLY B 597 42.25 -5.65 -25.21
C GLY B 597 42.14 -5.02 -26.56
N THR B 598 43.28 -4.81 -27.19
CA THR B 598 43.31 -4.21 -28.55
C THR B 598 43.32 -5.32 -29.57
N PRO B 599 42.48 -5.25 -30.62
CA PRO B 599 42.44 -6.27 -31.65
C PRO B 599 43.84 -6.53 -32.23
N ALA B 600 44.84 -5.78 -31.78
CA ALA B 600 46.21 -5.93 -32.28
C ALA B 600 46.91 -7.08 -31.58
N THR B 601 46.22 -7.75 -30.66
CA THR B 601 46.84 -8.84 -29.87
C THR B 601 45.89 -10.03 -29.88
N THR B 602 45.05 -10.12 -30.90
CA THR B 602 44.11 -11.25 -31.04
C THR B 602 44.88 -12.57 -30.95
N ASN B 603 44.62 -13.36 -29.91
CA ASN B 603 45.30 -14.66 -29.72
C ASN B 603 44.42 -15.78 -30.26
N GLN B 604 44.84 -16.41 -31.35
CA GLN B 604 44.05 -17.48 -31.97
C GLN B 604 44.04 -18.69 -31.03
N ALA B 605 45.06 -18.84 -30.21
CA ALA B 605 44.90 -19.99 -29.32
C ALA B 605 43.72 -19.82 -28.38
N GLY B 606 43.43 -18.59 -27.97
CA GLY B 606 42.22 -18.35 -27.19
C GLY B 606 40.96 -18.55 -28.01
N ILE B 607 40.96 -18.05 -29.26
CA ILE B 607 39.88 -18.36 -30.19
C ILE B 607 39.76 -19.87 -30.36
N ASP B 608 40.91 -20.55 -30.51
CA ASP B 608 40.89 -22.01 -30.62
C ASP B 608 40.20 -22.65 -29.42
N TYR B 609 40.56 -22.21 -28.22
CA TYR B 609 40.05 -22.85 -27.00
C TYR B 609 38.54 -22.73 -26.89
N TYR B 610 38.01 -21.52 -27.06
CA TYR B 610 36.57 -21.33 -26.89
C TYR B 610 35.78 -21.99 -28.02
N ASN B 611 36.39 -22.15 -29.19
CA ASN B 611 35.73 -22.88 -30.26
C ASN B 611 35.60 -24.37 -29.92
N LYS B 612 36.63 -24.94 -29.28
CA LYS B 612 36.53 -26.33 -28.83
C LYS B 612 35.46 -26.48 -27.77
N LEU B 613 35.33 -25.50 -26.87
CA LEU B 613 34.32 -25.59 -25.81
C LEU B 613 32.91 -25.45 -26.38
N ILE B 614 32.70 -24.47 -27.26
CA ILE B 614 31.40 -24.30 -27.90
C ILE B 614 31.02 -25.56 -28.69
N ASP B 615 31.97 -26.10 -29.45
CA ASP B 615 31.68 -27.27 -30.28
C ASP B 615 31.38 -28.50 -29.43
N ALA B 616 32.12 -28.67 -28.34
CA ALA B 616 31.87 -29.81 -27.45
C ALA B 616 30.51 -29.69 -26.79
N LEU B 617 30.12 -28.49 -26.35
CA LEU B 617 28.81 -28.31 -25.74
C LEU B 617 27.69 -28.56 -26.75
N LEU B 618 27.88 -28.10 -28.00
CA LEU B 618 26.83 -28.30 -29.01
C LEU B 618 26.74 -29.76 -29.43
N ALA B 619 27.88 -30.47 -29.47
CA ALA B 619 27.84 -31.90 -29.72
C ALA B 619 27.09 -32.63 -28.62
N ALA B 620 27.19 -32.15 -27.38
CA ALA B 620 26.48 -32.77 -26.27
C ALA B 620 25.02 -32.34 -26.19
N GLY B 621 24.54 -31.56 -27.16
CA GLY B 621 23.17 -31.09 -27.15
C GLY B 621 22.89 -30.05 -26.09
N ILE B 622 23.89 -29.24 -25.74
CA ILE B 622 23.79 -28.25 -24.67
C ILE B 622 23.97 -26.86 -25.28
N THR B 623 23.09 -25.92 -24.89
CA THR B 623 23.12 -24.56 -25.42
C THR B 623 24.24 -23.76 -24.75
N PRO B 624 25.10 -23.09 -25.52
CA PRO B 624 26.07 -22.19 -24.90
C PRO B 624 25.48 -20.81 -24.65
N VAL B 625 25.70 -20.26 -23.46
CA VAL B 625 25.30 -18.90 -23.12
C VAL B 625 26.55 -18.20 -22.58
N VAL B 626 27.06 -17.22 -23.31
CA VAL B 626 28.39 -16.67 -23.08
C VAL B 626 28.28 -15.28 -22.49
N THR B 627 28.98 -15.04 -21.39
CA THR B 627 29.14 -13.71 -20.81
C THR B 627 30.42 -13.09 -21.35
N LEU B 628 30.33 -11.83 -21.79
CA LEU B 628 31.48 -11.17 -22.39
C LEU B 628 32.46 -10.66 -21.34
N TYR B 629 31.95 -9.99 -20.31
CA TYR B 629 32.80 -9.42 -19.27
C TYR B 629 32.36 -9.94 -17.90
N HIS B 630 33.14 -10.84 -17.33
CA HIS B 630 32.93 -11.30 -15.96
C HIS B 630 34.11 -10.89 -15.08
N TRP B 631 34.43 -9.59 -15.09
CA TRP B 631 35.31 -8.88 -14.16
C TRP B 631 36.79 -9.03 -14.49
N ASP B 632 37.18 -9.82 -15.49
CA ASP B 632 38.61 -10.05 -15.74
C ASP B 632 39.09 -9.15 -16.89
N LEU B 633 39.12 -7.84 -16.60
CA LEU B 633 39.61 -6.87 -17.56
C LEU B 633 41.12 -7.00 -17.74
N PRO B 634 41.62 -6.91 -18.97
CA PRO B 634 43.08 -6.99 -19.19
C PRO B 634 43.83 -5.89 -18.47
N GLN B 635 45.06 -6.22 -18.05
CA GLN B 635 45.86 -5.26 -17.27
C GLN B 635 46.29 -4.08 -18.12
N ALA B 636 46.59 -4.33 -19.41
CA ALA B 636 47.02 -3.24 -20.27
C ALA B 636 45.95 -2.15 -20.37
N LEU B 637 44.67 -2.55 -20.31
CA LEU B 637 43.59 -1.56 -20.37
C LEU B 637 43.42 -0.84 -19.03
N GLU B 638 43.62 -1.55 -17.92
CA GLU B 638 43.62 -0.88 -16.63
C GLU B 638 44.73 0.16 -16.54
N ASN B 639 45.83 -0.08 -17.26
CA ASN B 639 46.97 0.84 -17.22
C ASN B 639 46.61 2.19 -17.82
N ASP B 640 45.78 2.20 -18.86
CA ASP B 640 45.31 3.46 -19.41
C ASP B 640 44.14 4.06 -18.64
N GLY B 641 43.67 3.38 -17.60
CA GLY B 641 42.63 3.96 -16.77
C GLY B 641 41.46 3.03 -16.57
N GLY B 642 41.46 1.89 -17.27
CA GLY B 642 40.41 0.91 -17.08
C GLY B 642 39.05 1.46 -17.45
N TRP B 643 38.03 1.07 -16.67
CA TRP B 643 36.68 1.52 -16.94
C TRP B 643 36.46 2.98 -16.60
N LYS B 644 37.44 3.64 -15.98
CA LYS B 644 37.38 5.09 -15.77
C LYS B 644 37.84 5.87 -17.00
N ASN B 645 38.37 5.18 -18.00
CA ASN B 645 38.75 5.79 -19.27
C ASN B 645 37.58 5.64 -20.23
N ASP B 646 37.08 6.78 -20.74
CA ASP B 646 35.91 6.73 -21.60
C ASP B 646 36.19 6.00 -22.92
N SER B 647 37.46 5.82 -23.27
CA SER B 647 37.82 5.00 -24.41
C SER B 647 37.47 3.53 -24.22
N VAL B 648 37.17 3.10 -22.99
CA VAL B 648 36.78 1.72 -22.75
C VAL B 648 35.54 1.36 -23.54
N VAL B 649 34.71 2.33 -23.90
CA VAL B 649 33.52 2.04 -24.69
C VAL B 649 33.92 1.52 -26.07
N ASP B 650 34.87 2.18 -26.72
CA ASP B 650 35.33 1.71 -28.03
C ASP B 650 36.17 0.45 -27.90
N GLN B 651 36.95 0.33 -26.82
CA GLN B 651 37.73 -0.88 -26.60
C GLN B 651 36.84 -2.09 -26.41
N PHE B 652 35.80 -1.96 -25.59
CA PHE B 652 34.90 -3.09 -25.35
C PHE B 652 34.05 -3.41 -26.57
N GLU B 653 33.78 -2.42 -27.41
CA GLU B 653 33.04 -2.66 -28.64
C GLU B 653 33.85 -3.55 -29.59
N ALA B 654 35.13 -3.27 -29.74
CA ALA B 654 35.97 -4.12 -30.59
C ALA B 654 36.09 -5.53 -30.02
N TYR B 655 36.10 -5.65 -28.69
CA TYR B 655 36.13 -6.98 -28.08
C TYR B 655 34.84 -7.73 -28.38
N ALA B 656 33.69 -7.07 -28.25
CA ALA B 656 32.43 -7.71 -28.63
C ALA B 656 32.42 -8.05 -30.11
N ARG B 657 32.98 -7.18 -30.94
CA ARG B 657 33.03 -7.45 -32.38
C ARG B 657 33.81 -8.74 -32.67
N LEU B 658 34.92 -8.96 -31.97
CA LEU B 658 35.73 -10.14 -32.24
C LEU B 658 34.96 -11.42 -31.91
N CYS B 659 34.28 -11.45 -30.76
CA CYS B 659 33.56 -12.66 -30.37
C CYS B 659 32.31 -12.88 -31.23
N PHE B 660 31.63 -11.80 -31.61
CA PHE B 660 30.52 -11.92 -32.54
C PHE B 660 30.97 -12.55 -33.86
N GLU B 661 32.12 -12.12 -34.38
CA GLU B 661 32.62 -12.65 -35.65
C GLU B 661 33.10 -14.09 -35.50
N GLN B 662 33.79 -14.40 -34.40
CA GLN B 662 34.40 -15.71 -34.22
C GLN B 662 33.44 -16.77 -33.69
N PHE B 663 32.47 -16.39 -32.84
CA PHE B 663 31.61 -17.34 -32.16
C PHE B 663 30.12 -17.17 -32.44
N GLY B 664 29.73 -16.14 -33.18
CA GLY B 664 28.31 -15.82 -33.30
C GLY B 664 27.50 -16.85 -34.04
N ASP B 665 28.12 -17.58 -34.99
CA ASP B 665 27.38 -18.57 -35.76
C ASP B 665 26.87 -19.72 -34.89
N ARG B 666 27.55 -20.00 -33.78
CA ARG B 666 27.15 -21.08 -32.89
C ARG B 666 26.57 -20.61 -31.56
N VAL B 667 27.02 -19.47 -31.05
CA VAL B 667 26.56 -18.96 -29.76
C VAL B 667 25.37 -18.04 -30.00
N LYS B 668 24.20 -18.43 -29.50
CA LYS B 668 22.97 -17.70 -29.78
C LYS B 668 22.47 -16.87 -28.61
N TYR B 669 23.12 -16.95 -27.44
CA TYR B 669 22.72 -16.20 -26.26
C TYR B 669 23.93 -15.45 -25.73
N TRP B 670 23.84 -14.12 -25.74
CA TRP B 670 24.95 -13.25 -25.34
C TRP B 670 24.56 -12.42 -24.13
N ILE B 671 25.49 -12.30 -23.18
CA ILE B 671 25.34 -11.42 -22.03
C ILE B 671 26.56 -10.52 -21.98
N THR B 672 26.35 -9.20 -22.10
CA THR B 672 27.47 -8.27 -22.18
C THR B 672 28.22 -8.20 -20.86
N PHE B 673 27.53 -7.84 -19.78
CA PHE B 673 28.15 -7.69 -18.48
C PHE B 673 27.49 -8.60 -17.47
N ASN B 674 28.27 -9.01 -16.47
CA ASN B 674 27.76 -9.75 -15.32
C ASN B 674 28.02 -8.94 -14.05
N GLU B 675 26.96 -8.56 -13.35
CA GLU B 675 27.05 -7.86 -12.07
C GLU B 675 27.92 -6.59 -12.21
N ALA B 676 27.41 -5.66 -13.03
CA ALA B 676 28.08 -4.38 -13.19
C ALA B 676 28.19 -3.63 -11.87
N PHE B 677 27.28 -3.90 -10.93
CA PHE B 677 27.38 -3.31 -9.60
C PHE B 677 28.70 -3.64 -8.93
N VAL B 678 29.13 -4.90 -9.04
CA VAL B 678 30.34 -5.33 -8.35
C VAL B 678 31.57 -4.71 -8.99
N VAL B 679 31.61 -4.68 -10.33
CA VAL B 679 32.72 -4.03 -11.02
C VAL B 679 32.84 -2.58 -10.59
N SER B 680 31.70 -1.92 -10.40
CA SER B 680 31.70 -0.49 -10.10
C SER B 680 32.00 -0.22 -8.63
N TRP B 681 31.24 -0.86 -7.73
CA TRP B 681 31.31 -0.51 -6.32
C TRP B 681 32.42 -1.24 -5.57
N LEU B 682 32.61 -2.53 -5.82
CA LEU B 682 33.66 -3.25 -5.11
C LEU B 682 35.02 -3.10 -5.76
N GLY B 683 35.05 -2.83 -7.06
CA GLY B 683 36.31 -2.72 -7.77
C GLY B 683 36.87 -1.32 -7.77
N TYR B 684 36.02 -0.31 -7.98
CA TYR B 684 36.48 1.06 -8.03
C TYR B 684 35.93 1.92 -6.90
N GLY B 685 35.11 1.36 -6.01
CA GLY B 685 34.52 2.15 -4.93
C GLY B 685 35.19 1.95 -3.58
N ILE B 686 35.02 0.77 -2.99
CA ILE B 686 35.72 0.44 -1.76
C ILE B 686 36.94 -0.43 -2.01
N GLY B 687 37.25 -0.75 -3.26
CA GLY B 687 38.53 -1.36 -3.60
C GLY B 687 38.80 -2.71 -2.99
N ILE B 688 37.76 -3.47 -2.63
CA ILE B 688 37.99 -4.80 -2.08
C ILE B 688 38.13 -5.85 -3.17
N PHE B 689 37.66 -5.57 -4.38
CA PHE B 689 37.87 -6.41 -5.56
C PHE B 689 38.79 -5.69 -6.55
N ALA B 690 39.30 -6.46 -7.50
CA ALA B 690 40.15 -5.90 -8.54
C ALA B 690 39.37 -4.83 -9.32
N PRO B 691 40.01 -3.72 -9.69
CA PRO B 691 41.45 -3.44 -9.55
C PRO B 691 41.86 -2.80 -8.22
N GLY B 692 40.95 -2.77 -7.23
CA GLY B 692 41.31 -2.30 -5.91
C GLY B 692 41.37 -0.80 -5.74
N ILE B 693 40.67 -0.03 -6.57
CA ILE B 693 40.59 1.42 -6.41
C ILE B 693 39.63 1.74 -5.27
N TYR B 694 40.11 2.54 -4.30
CA TYR B 694 39.26 3.05 -3.23
C TYR B 694 38.94 4.51 -3.52
N ASP B 695 37.71 4.76 -3.94
CA ASP B 695 37.24 6.10 -4.23
C ASP B 695 35.72 6.09 -4.16
N PRO B 696 35.14 5.95 -2.97
CA PRO B 696 33.70 5.65 -2.87
C PRO B 696 32.78 6.75 -3.38
N GLY B 697 33.30 7.92 -3.74
CA GLY B 697 32.46 9.05 -4.08
C GLY B 697 32.11 9.22 -5.55
N THR B 698 33.10 9.15 -6.43
CA THR B 698 32.90 9.52 -7.83
C THR B 698 33.15 8.37 -8.80
N SER B 699 34.26 7.65 -8.63
CA SER B 699 34.64 6.61 -9.59
C SER B 699 33.57 5.54 -9.80
N PRO B 700 32.88 5.01 -8.78
CA PRO B 700 31.82 4.03 -9.05
C PRO B 700 30.80 4.51 -10.06
N TYR B 701 30.31 5.74 -9.87
CA TYR B 701 29.42 6.35 -10.86
C TYR B 701 30.10 6.49 -12.22
N MET B 702 31.40 6.77 -12.22
CA MET B 702 32.13 6.91 -13.47
C MET B 702 32.21 5.59 -14.21
N VAL B 703 32.55 4.52 -13.49
CA VAL B 703 32.69 3.20 -14.13
C VAL B 703 31.33 2.69 -14.59
N ALA B 704 30.31 2.81 -13.74
CA ALA B 704 28.96 2.40 -14.13
C ALA B 704 28.48 3.14 -15.37
N HIS B 705 28.84 4.41 -15.50
CA HIS B 705 28.46 5.17 -16.68
C HIS B 705 29.07 4.57 -17.94
N ASN B 706 30.36 4.24 -17.90
CA ASN B 706 30.99 3.69 -19.08
C ASN B 706 30.52 2.26 -19.36
N ILE B 707 30.10 1.53 -18.32
CA ILE B 707 29.58 0.18 -18.54
C ILE B 707 28.28 0.23 -19.32
N ILE B 708 27.34 1.09 -18.90
CA ILE B 708 26.08 1.25 -19.60
C ILE B 708 26.32 1.63 -21.06
N ARG B 709 27.17 2.64 -21.29
CA ARG B 709 27.45 3.06 -22.65
C ARG B 709 28.11 1.94 -23.45
N SER B 710 28.93 1.12 -22.79
CA SER B 710 29.57 -0.01 -23.46
C SER B 710 28.57 -1.11 -23.80
N HIS B 711 27.55 -1.29 -22.97
CA HIS B 711 26.58 -2.33 -23.26
C HIS B 711 25.73 -1.96 -24.47
N SER B 712 25.20 -0.74 -24.50
CA SER B 712 24.36 -0.30 -25.60
C SER B 712 25.13 -0.23 -26.91
N ARG B 713 26.42 0.14 -26.85
CA ARG B 713 27.22 0.10 -28.06
C ARG B 713 27.43 -1.33 -28.52
N ALA B 714 27.55 -2.27 -27.58
CA ALA B 714 27.70 -3.65 -27.97
C ALA B 714 26.38 -4.26 -28.42
N TYR B 715 25.26 -3.79 -27.88
CA TYR B 715 23.97 -4.29 -28.31
C TYR B 715 23.66 -3.84 -29.73
N HIS B 716 23.84 -2.55 -30.01
CA HIS B 716 23.58 -2.06 -31.37
C HIS B 716 24.53 -2.68 -32.38
N LEU B 717 25.79 -2.93 -32.00
CA LEU B 717 26.70 -3.63 -32.90
C LEU B 717 26.14 -4.98 -33.29
N TYR B 718 25.50 -5.68 -32.34
CA TYR B 718 24.93 -6.99 -32.66
C TYR B 718 23.68 -6.84 -33.53
N SER B 719 22.81 -5.91 -33.17
CA SER B 719 21.54 -5.76 -33.90
C SER B 719 21.77 -5.26 -35.31
N ASN B 720 22.81 -4.46 -35.53
CA ASN B 720 23.06 -3.88 -36.84
C ASN B 720 23.88 -4.77 -37.75
N ASN B 721 24.83 -5.54 -37.21
CA ASN B 721 25.76 -6.29 -38.02
C ASN B 721 25.64 -7.81 -37.88
N PHE B 722 24.80 -8.32 -36.98
CA PHE B 722 24.79 -9.75 -36.69
C PHE B 722 23.40 -10.35 -36.42
N GLN B 723 22.43 -9.59 -35.91
CA GLN B 723 21.14 -10.18 -35.58
C GLN B 723 20.43 -10.72 -36.82
N ALA B 724 20.64 -10.10 -37.98
CA ALA B 724 20.00 -10.59 -39.20
C ALA B 724 20.47 -12.00 -39.55
N LYS B 725 21.78 -12.22 -39.59
CA LYS B 725 22.30 -13.54 -39.97
C LYS B 725 22.10 -14.56 -38.85
N TYR B 726 22.75 -14.31 -37.71
CA TYR B 726 22.86 -15.31 -36.65
C TYR B 726 21.60 -15.45 -35.81
N LYS B 727 20.72 -14.45 -35.80
CA LYS B 727 19.43 -14.51 -35.11
C LYS B 727 19.60 -14.95 -33.66
N GLY B 728 20.50 -14.26 -32.95
CA GLY B 728 20.69 -14.46 -31.53
C GLY B 728 20.04 -13.34 -30.71
N LYS B 729 20.18 -13.48 -29.39
CA LYS B 729 19.62 -12.53 -28.44
C LYS B 729 20.71 -12.04 -27.49
N VAL B 730 20.64 -10.75 -27.14
CA VAL B 730 21.67 -10.10 -26.34
C VAL B 730 21.01 -9.46 -25.13
N GLY B 731 21.55 -9.74 -23.94
CA GLY B 731 21.04 -9.16 -22.71
C GLY B 731 22.15 -8.67 -21.80
N ILE B 732 21.80 -8.36 -20.54
CA ILE B 732 22.77 -7.97 -19.52
C ILE B 732 22.36 -8.62 -18.21
N THR B 733 23.36 -8.91 -17.37
CA THR B 733 23.14 -9.55 -16.07
C THR B 733 23.39 -8.54 -14.95
N LEU B 734 22.37 -8.31 -14.13
CA LEU B 734 22.46 -7.42 -12.97
C LEU B 734 22.13 -8.20 -11.71
N ASP B 735 22.93 -8.04 -10.66
CA ASP B 735 22.63 -8.66 -9.39
C ASP B 735 21.81 -7.72 -8.51
N ILE B 736 20.90 -8.29 -7.73
CA ILE B 736 20.01 -7.50 -6.89
C ILE B 736 19.44 -8.37 -5.77
N GLU B 737 19.55 -7.89 -4.54
CA GLU B 737 18.82 -8.47 -3.43
C GLU B 737 17.46 -7.79 -3.36
N TRP B 738 16.43 -8.57 -3.06
CA TRP B 738 15.12 -7.98 -2.86
C TRP B 738 15.17 -7.04 -1.65
N LYS B 739 14.58 -5.87 -1.80
CA LYS B 739 14.54 -4.87 -0.75
C LYS B 739 13.12 -4.84 -0.21
N GLU B 740 12.93 -5.47 0.96
CA GLU B 740 11.67 -5.53 1.69
C GLU B 740 11.60 -4.42 2.73
N PRO B 741 10.53 -3.63 2.77
CA PRO B 741 10.42 -2.58 3.79
C PRO B 741 10.47 -3.19 5.19
N LEU B 742 11.27 -2.55 6.06
CA LEU B 742 11.43 -3.05 7.42
C LEU B 742 10.13 -2.95 8.21
N THR B 743 9.38 -1.87 8.02
CA THR B 743 8.09 -1.65 8.65
C THR B 743 7.08 -1.29 7.56
N ASP B 744 5.81 -1.26 7.94
CA ASP B 744 4.73 -0.87 7.02
C ASP B 744 4.59 0.65 6.87
N SER B 745 5.54 1.42 7.36
CA SER B 745 5.54 2.87 7.17
C SER B 745 5.69 3.21 5.68
N SER B 746 5.13 4.34 5.27
CA SER B 746 5.27 4.74 3.88
C SER B 746 6.68 5.25 3.57
N GLU B 747 7.36 5.81 4.57
CA GLU B 747 8.73 6.29 4.35
C GLU B 747 9.71 5.14 4.23
N ASP B 748 9.40 3.99 4.86
CA ASP B 748 10.22 2.80 4.67
C ASP B 748 9.92 2.12 3.34
N ALA B 749 8.70 2.25 2.82
CA ALA B 749 8.42 1.77 1.48
C ALA B 749 9.19 2.60 0.45
N ALA B 750 9.27 3.91 0.66
CA ALA B 750 10.05 4.75 -0.23
C ALA B 750 11.54 4.45 -0.14
N ALA B 751 12.00 4.07 1.06
CA ALA B 751 13.39 3.66 1.20
C ALA B 751 13.65 2.34 0.49
N ALA B 752 12.71 1.39 0.60
CA ALA B 752 12.86 0.11 -0.09
C ALA B 752 12.96 0.30 -1.60
N ASP B 753 12.06 1.11 -2.16
CA ASP B 753 12.12 1.42 -3.58
C ASP B 753 13.40 2.17 -3.93
N ARG B 754 13.88 3.02 -3.03
CA ARG B 754 15.11 3.75 -3.28
C ARG B 754 16.31 2.81 -3.29
N ALA B 755 16.28 1.79 -2.42
CA ALA B 755 17.37 0.83 -2.41
C ALA B 755 17.40 0.03 -3.70
N MET B 756 16.23 -0.39 -4.19
CA MET B 756 16.13 -1.07 -5.48
C MET B 756 16.70 -0.21 -6.61
N GLN B 757 16.28 1.06 -6.65
CA GLN B 757 16.68 1.93 -7.76
C GLN B 757 18.17 2.19 -7.74
N PHE B 758 18.76 2.36 -6.56
CA PHE B 758 20.17 2.68 -6.47
C PHE B 758 21.07 1.49 -6.79
N LYS B 759 20.55 0.26 -6.73
CA LYS B 759 21.34 -0.92 -7.02
C LYS B 759 20.95 -1.60 -8.33
N LEU B 760 19.67 -1.91 -8.50
CA LEU B 760 19.24 -2.53 -9.75
C LEU B 760 18.98 -1.47 -10.81
N GLY B 761 18.21 -0.43 -10.47
CA GLY B 761 17.89 0.63 -11.42
C GLY B 761 19.11 1.42 -11.89
N TRP B 762 20.20 1.37 -11.14
CA TRP B 762 21.44 2.03 -11.53
C TRP B 762 21.84 1.67 -12.96
N PHE B 763 21.65 0.40 -13.32
CA PHE B 763 21.95 -0.08 -14.67
C PHE B 763 20.70 -0.44 -15.45
N ALA B 764 19.62 -0.84 -14.80
CA ALA B 764 18.47 -1.35 -15.54
C ALA B 764 17.57 -0.23 -16.06
N ASN B 765 17.52 0.92 -15.39
CA ASN B 765 16.59 1.97 -15.80
C ASN B 765 16.92 2.51 -17.19
N ALA B 766 18.18 2.89 -17.40
CA ALA B 766 18.59 3.41 -18.70
C ALA B 766 18.32 2.41 -19.82
N ILE B 767 18.54 1.13 -19.55
CA ILE B 767 18.40 0.13 -20.61
C ILE B 767 16.95 -0.30 -20.76
N PHE B 768 16.26 -0.58 -19.66
CA PHE B 768 14.97 -1.26 -19.73
C PHE B 768 13.76 -0.39 -19.43
N ALA B 769 13.93 0.77 -18.78
CA ALA B 769 12.75 1.50 -18.29
C ALA B 769 12.05 2.26 -19.42
N GLY B 770 12.80 2.85 -20.34
CA GLY B 770 12.18 3.58 -21.44
C GLY B 770 12.75 4.97 -21.66
N SER B 771 13.12 5.65 -20.58
CA SER B 771 13.69 6.98 -20.71
C SER B 771 15.14 6.97 -21.17
N GLY B 772 15.81 5.82 -21.13
CA GLY B 772 17.22 5.78 -21.48
C GLY B 772 18.13 6.44 -20.48
N ASP B 773 17.63 6.75 -19.28
CA ASP B 773 18.33 7.56 -18.28
C ASP B 773 18.33 6.84 -16.93
N TYR B 774 19.12 7.39 -16.00
CA TYR B 774 19.17 6.90 -14.63
C TYR B 774 17.81 7.08 -13.95
N PRO B 775 17.56 6.33 -12.87
CA PRO B 775 16.32 6.55 -12.10
C PRO B 775 16.25 7.96 -11.56
N GLN B 776 15.09 8.58 -11.70
CA GLN B 776 14.92 9.92 -11.16
C GLN B 776 15.40 10.04 -9.71
N VAL B 777 15.28 8.97 -8.91
CA VAL B 777 15.70 9.04 -7.51
C VAL B 777 17.20 9.24 -7.38
N MET B 778 17.99 8.55 -8.22
CA MET B 778 19.44 8.73 -8.19
C MET B 778 19.82 10.13 -8.65
N ARG B 779 19.21 10.60 -9.73
CA ARG B 779 19.49 11.94 -10.24
C ARG B 779 19.16 13.00 -9.18
N GLN B 780 18.00 12.88 -8.53
CA GLN B 780 17.62 13.87 -7.53
C GLN B 780 18.59 13.89 -6.36
N LEU B 781 18.88 12.73 -5.78
CA LEU B 781 19.61 12.69 -4.52
C LEU B 781 21.08 13.02 -4.70
N VAL B 782 21.73 12.42 -5.71
CA VAL B 782 23.16 12.63 -5.87
C VAL B 782 23.45 14.05 -6.31
N ASP B 783 22.50 14.69 -7.02
CA ASP B 783 22.64 16.12 -7.32
C ASP B 783 22.58 16.96 -6.05
N GLU B 784 21.57 16.70 -5.22
CA GLU B 784 21.42 17.42 -3.95
C GLU B 784 22.70 17.36 -3.13
N LYS B 785 23.24 16.16 -2.94
CA LYS B 785 24.34 16.01 -1.98
C LYS B 785 25.65 16.59 -2.53
N SER B 786 25.87 16.45 -3.84
CA SER B 786 27.07 17.01 -4.47
C SER B 786 27.07 18.53 -4.45
N LYS B 787 25.89 19.15 -4.49
CA LYS B 787 25.80 20.59 -4.27
C LYS B 787 26.21 20.94 -2.85
N ARG B 788 25.55 20.32 -1.86
CA ARG B 788 25.90 20.57 -0.46
C ARG B 788 27.37 20.29 -0.19
N GLN B 789 27.92 19.21 -0.77
CA GLN B 789 29.33 18.89 -0.61
C GLN B 789 30.25 19.86 -1.36
N GLY B 790 29.69 20.89 -2.01
CA GLY B 790 30.49 21.92 -2.62
C GLY B 790 31.17 21.55 -3.90
N LEU B 791 30.63 20.58 -4.63
CA LEU B 791 31.22 20.10 -5.86
C LEU B 791 30.73 20.93 -7.06
N ALA B 792 31.62 21.12 -8.03
CA ALA B 792 31.27 21.90 -9.21
C ALA B 792 30.29 21.14 -10.10
N LYS B 793 30.37 19.81 -10.09
CA LYS B 793 29.54 18.95 -10.92
C LYS B 793 28.99 17.83 -10.05
N SER B 794 27.78 17.39 -10.37
CA SER B 794 27.19 16.27 -9.65
C SER B 794 27.95 14.98 -9.95
N ARG B 795 28.19 14.18 -8.91
CA ARG B 795 29.03 13.00 -9.06
C ARG B 795 28.40 11.93 -9.96
N LEU B 796 27.08 11.99 -10.17
CA LEU B 796 26.42 11.11 -11.12
C LEU B 796 26.49 11.75 -12.51
N PRO B 797 27.27 11.19 -13.44
CA PRO B 797 27.37 11.79 -14.79
C PRO B 797 26.02 11.84 -15.49
N SER B 798 25.96 12.67 -16.53
CA SER B 798 24.74 12.89 -17.29
C SER B 798 24.88 12.31 -18.68
N PHE B 799 23.94 11.46 -19.07
CA PHE B 799 23.90 10.99 -20.45
C PHE B 799 23.55 12.15 -21.38
N THR B 800 24.27 12.23 -22.51
CA THR B 800 23.81 13.08 -23.60
C THR B 800 22.52 12.50 -24.17
N GLN B 801 21.67 13.40 -24.68
CA GLN B 801 20.46 12.94 -25.34
C GLN B 801 20.75 11.92 -26.44
N ALA B 802 21.91 12.04 -27.10
CA ALA B 802 22.34 11.03 -28.05
C ALA B 802 22.57 9.69 -27.37
N GLU B 803 23.15 9.71 -26.16
CA GLU B 803 23.43 8.47 -25.44
C GLU B 803 22.16 7.85 -24.88
N LYS B 804 21.19 8.67 -24.47
CA LYS B 804 19.91 8.14 -24.03
C LYS B 804 19.19 7.44 -25.18
N ASN B 805 19.32 7.98 -26.39
CA ASN B 805 18.63 7.41 -27.54
C ASN B 805 19.15 6.02 -27.88
N LEU B 806 20.42 5.74 -27.58
CA LEU B 806 21.00 4.43 -27.83
C LEU B 806 20.82 3.46 -26.66
N ASN B 807 20.45 3.95 -25.48
CA ASN B 807 20.12 3.05 -24.37
C ASN B 807 18.72 2.48 -24.49
N LYS B 808 17.78 3.24 -25.07
CA LYS B 808 16.38 2.83 -25.10
C LYS B 808 16.22 1.54 -25.89
N GLY B 809 15.60 0.55 -25.24
CA GLY B 809 15.34 -0.73 -25.87
C GLY B 809 16.58 -1.50 -26.28
N ALA B 810 17.71 -1.25 -25.64
CA ALA B 810 18.97 -1.91 -26.02
C ALA B 810 19.11 -3.25 -25.29
N TYR B 811 18.17 -4.15 -25.59
CA TYR B 811 18.15 -5.46 -24.96
C TYR B 811 17.24 -6.40 -25.73
N ASP B 812 17.47 -7.70 -25.51
CA ASP B 812 16.53 -8.75 -25.87
C ASP B 812 16.03 -9.52 -24.65
N PHE B 813 16.70 -9.42 -23.51
CA PHE B 813 16.24 -10.05 -22.28
C PHE B 813 16.97 -9.42 -21.11
N LEU B 814 16.38 -9.57 -19.92
CA LEU B 814 16.98 -9.14 -18.67
C LEU B 814 17.46 -10.37 -17.90
N ALA B 815 18.64 -10.27 -17.30
CA ALA B 815 19.21 -11.36 -16.53
C ALA B 815 19.50 -10.88 -15.11
N LEU B 816 19.00 -11.62 -14.12
CA LEU B 816 19.11 -11.24 -12.71
C LEU B 816 19.87 -12.31 -11.94
N ASN B 817 20.93 -11.90 -11.24
CA ASN B 817 21.54 -12.74 -10.21
C ASN B 817 20.91 -12.39 -8.88
N HIS B 818 20.34 -13.39 -8.21
CA HIS B 818 19.62 -13.16 -6.97
C HIS B 818 20.02 -14.19 -5.93
N TYR B 819 20.35 -13.73 -4.74
CA TYR B 819 20.76 -14.64 -3.68
C TYR B 819 19.97 -14.47 -2.39
N THR B 820 19.64 -13.24 -2.03
CA THR B 820 19.13 -12.99 -0.68
C THR B 820 18.30 -11.70 -0.66
N THR B 821 17.98 -11.24 0.54
CA THR B 821 17.03 -10.16 0.76
C THR B 821 17.54 -9.31 1.91
N ASN B 822 17.17 -8.03 1.91
CA ASN B 822 17.43 -7.16 3.06
C ASN B 822 16.16 -6.43 3.46
N PRO B 823 15.82 -6.35 4.75
CA PRO B 823 14.91 -5.29 5.20
C PRO B 823 15.59 -3.94 5.10
N VAL B 824 14.86 -2.96 4.57
CA VAL B 824 15.38 -1.63 4.33
C VAL B 824 14.54 -0.63 5.10
N ASN B 825 15.19 0.36 5.69
CA ASN B 825 14.48 1.44 6.36
C ASN B 825 15.11 2.77 5.97
N ASN B 826 14.30 3.82 6.08
CA ASN B 826 14.75 5.17 5.74
C ASN B 826 15.71 5.69 6.80
N GLN B 827 16.83 6.26 6.35
CA GLN B 827 17.84 6.81 7.25
C GLN B 827 18.42 8.09 6.65
N PRO B 828 17.84 9.24 6.94
CA PRO B 828 18.41 10.50 6.44
C PRO B 828 19.86 10.67 6.90
N ARG B 829 20.69 11.20 6.01
CA ARG B 829 22.11 11.44 6.29
C ARG B 829 22.47 12.82 5.77
N PRO B 830 22.00 13.88 6.44
CA PRO B 830 22.17 15.23 5.89
C PRO B 830 23.62 15.71 5.84
N ASN B 831 24.53 15.06 6.55
CA ASN B 831 25.95 15.44 6.51
C ASN B 831 26.81 14.35 5.87
N SER B 832 26.21 13.51 5.03
CA SER B 832 26.95 12.42 4.41
C SER B 832 28.05 12.94 3.49
N GLN B 833 29.19 12.26 3.52
CA GLN B 833 30.28 12.60 2.63
C GLN B 833 30.11 11.90 1.28
N PRO B 834 30.77 12.39 0.23
CA PRO B 834 30.66 11.75 -1.09
C PRO B 834 30.95 10.26 -1.04
N ASN B 835 29.93 9.46 -1.29
CA ASN B 835 29.98 8.01 -1.06
C ASN B 835 28.73 7.37 -1.64
N TYR B 836 28.91 6.40 -2.54
CA TYR B 836 27.77 5.84 -3.28
C TYR B 836 26.75 5.21 -2.32
N GLU B 837 27.20 4.59 -1.24
CA GLU B 837 26.24 4.03 -0.29
C GLU B 837 25.60 5.13 0.55
N GLN B 838 26.39 6.11 0.99
CA GLN B 838 25.84 7.20 1.81
C GLN B 838 24.85 8.04 1.02
N ASP B 839 24.96 8.06 -0.31
CA ASP B 839 24.11 8.91 -1.14
C ASP B 839 22.63 8.54 -1.06
N GLN B 840 22.30 7.37 -0.51
CA GLN B 840 20.96 6.80 -0.69
C GLN B 840 20.00 7.07 0.46
N ASN B 841 20.50 7.44 1.64
CA ASN B 841 19.66 7.66 2.82
C ASN B 841 18.84 6.42 3.16
N ILE B 842 19.52 5.28 3.31
CA ILE B 842 18.87 4.04 3.72
C ILE B 842 19.75 3.33 4.73
N ASP B 843 19.18 2.29 5.32
CA ASP B 843 19.87 1.39 6.23
C ASP B 843 19.27 0.00 6.03
N THR B 844 20.10 -1.03 6.12
CA THR B 844 19.66 -2.39 5.84
C THR B 844 19.91 -3.29 7.04
N ARG B 845 19.08 -4.32 7.15
CA ARG B 845 19.12 -5.31 8.23
C ARG B 845 18.91 -6.67 7.61
N TYR B 846 18.73 -7.68 8.47
CA TYR B 846 18.27 -8.99 8.05
C TYR B 846 17.12 -9.40 8.94
N ASP B 847 16.16 -10.09 8.36
CA ASP B 847 15.11 -10.71 9.16
C ASP B 847 15.73 -11.83 10.00
N PRO B 848 15.50 -11.85 11.31
CA PRO B 848 16.10 -12.91 12.14
C PRO B 848 15.63 -14.31 11.79
N CYS B 849 14.45 -14.44 11.17
CA CYS B 849 13.86 -15.73 10.84
C CYS B 849 14.54 -16.42 9.66
N TRP B 850 15.24 -15.68 8.81
CA TRP B 850 15.90 -16.26 7.64
C TRP B 850 17.13 -17.06 8.08
N PRO B 851 17.24 -18.34 7.74
CA PRO B 851 18.39 -19.13 8.17
C PRO B 851 19.69 -18.61 7.57
N ASP B 852 20.78 -18.90 8.27
CA ASP B 852 22.09 -18.43 7.86
C ASP B 852 22.71 -19.37 6.84
N THR B 853 23.75 -18.88 6.17
CA THR B 853 24.62 -19.68 5.32
C THR B 853 26.06 -19.38 5.68
N ASP B 854 26.99 -20.03 4.98
CA ASP B 854 28.42 -19.84 5.25
C ASP B 854 28.91 -18.44 4.89
N ALA B 855 28.12 -17.66 4.16
CA ALA B 855 28.47 -16.29 3.81
C ALA B 855 27.75 -15.32 4.73
N SER B 856 28.47 -14.27 5.17
CA SER B 856 27.87 -13.27 6.04
C SER B 856 26.69 -12.57 5.36
N TRP B 857 26.77 -12.35 4.05
CA TRP B 857 25.77 -11.55 3.34
C TRP B 857 24.56 -12.34 2.86
N LEU B 858 24.67 -13.67 2.75
CA LEU B 858 23.63 -14.50 2.15
C LEU B 858 22.74 -15.08 3.24
N LYS B 859 21.44 -14.80 3.16
CA LYS B 859 20.45 -15.39 4.04
C LYS B 859 19.35 -16.03 3.19
N VAL B 860 18.76 -17.10 3.73
CA VAL B 860 17.80 -17.90 2.97
C VAL B 860 16.43 -17.25 3.06
N ASN B 861 15.91 -16.78 1.93
CA ASN B 861 14.56 -16.21 1.87
C ASN B 861 13.96 -16.53 0.52
N PRO B 862 13.28 -17.68 0.40
CA PRO B 862 12.79 -18.11 -0.92
C PRO B 862 11.89 -17.10 -1.62
N TRP B 863 11.00 -16.41 -0.91
CA TRP B 863 10.07 -15.55 -1.63
C TRP B 863 10.70 -14.25 -2.11
N GLY B 864 11.95 -13.98 -1.76
CA GLY B 864 12.61 -12.80 -2.30
C GLY B 864 12.72 -12.82 -3.81
N ILE B 865 12.90 -14.01 -4.39
CA ILE B 865 13.05 -14.10 -5.84
C ILE B 865 11.73 -13.83 -6.55
N ARG B 866 10.61 -14.20 -5.92
CA ARG B 866 9.31 -13.92 -6.53
C ARG B 866 9.00 -12.43 -6.51
N LYS B 867 9.12 -11.80 -5.34
CA LYS B 867 8.88 -10.36 -5.23
C LYS B 867 9.81 -9.58 -6.17
N LEU B 868 11.04 -10.05 -6.37
CA LEU B 868 11.96 -9.36 -7.27
C LEU B 868 11.52 -9.50 -8.72
N LEU B 869 11.14 -10.71 -9.12
CA LEU B 869 10.67 -10.91 -10.49
C LEU B 869 9.44 -10.06 -10.78
N ARG B 870 8.48 -10.02 -9.86
CA ARG B 870 7.30 -9.18 -10.04
C ARG B 870 7.70 -7.71 -10.15
N TRP B 871 8.69 -7.28 -9.37
CA TRP B 871 9.16 -5.90 -9.45
C TRP B 871 9.77 -5.61 -10.82
N ALA B 872 10.58 -6.54 -11.33
CA ALA B 872 11.25 -6.33 -12.61
C ALA B 872 10.25 -6.34 -13.76
N ARG B 873 9.26 -7.24 -13.69
CA ARG B 873 8.20 -7.27 -14.70
C ARG B 873 7.44 -5.96 -14.75
N ASP B 874 7.13 -5.39 -13.58
CA ASP B 874 6.29 -4.19 -13.54
C ASP B 874 7.05 -2.94 -13.99
N HIS B 875 8.37 -2.91 -13.80
CA HIS B 875 9.14 -1.71 -14.03
C HIS B 875 9.79 -1.66 -15.41
N TYR B 876 10.07 -2.80 -16.02
CA TYR B 876 10.93 -2.86 -17.20
C TYR B 876 10.19 -3.42 -18.41
N HIS B 877 8.90 -3.12 -18.52
CA HIS B 877 8.10 -3.42 -19.71
C HIS B 877 8.02 -4.92 -20.02
N ASN B 878 7.86 -5.71 -18.96
CA ASN B 878 7.57 -7.14 -19.07
C ASN B 878 8.53 -7.85 -20.03
N PRO B 879 9.82 -7.88 -19.72
CA PRO B 879 10.79 -8.50 -20.63
C PRO B 879 10.91 -9.99 -20.34
N GLU B 880 11.54 -10.70 -21.28
CA GLU B 880 12.01 -12.04 -20.99
C GLU B 880 13.09 -11.93 -19.93
N ILE B 881 13.01 -12.79 -18.91
CA ILE B 881 13.93 -12.73 -17.80
C ILE B 881 14.57 -14.11 -17.61
N ILE B 882 15.90 -14.12 -17.50
CA ILE B 882 16.65 -15.27 -17.04
C ILE B 882 17.22 -14.95 -15.67
N ILE B 883 17.07 -15.86 -14.73
CA ILE B 883 17.81 -15.77 -13.47
C ILE B 883 19.16 -16.44 -13.73
N SER B 884 20.14 -15.61 -14.10
CA SER B 884 21.42 -16.12 -14.59
C SER B 884 22.32 -16.65 -13.48
N GLU B 885 21.98 -16.39 -12.22
CA GLU B 885 22.71 -16.96 -11.10
C GLU B 885 21.78 -17.06 -9.90
N SER B 886 21.88 -18.17 -9.18
CA SER B 886 21.21 -18.35 -7.90
C SER B 886 21.79 -19.57 -7.21
N GLY B 887 22.19 -19.42 -5.95
CA GLY B 887 22.77 -20.52 -5.23
C GLY B 887 23.10 -20.15 -3.81
N ARG B 888 23.98 -20.94 -3.20
CA ARG B 888 24.30 -20.78 -1.79
C ARG B 888 25.60 -21.52 -1.48
N PRO B 889 26.46 -21.00 -0.60
CA PRO B 889 27.61 -21.78 -0.15
C PRO B 889 27.21 -22.81 0.90
N ASP B 890 27.89 -23.96 0.86
CA ASP B 890 27.70 -24.99 1.86
C ASP B 890 29.06 -25.57 2.22
N GLY B 891 29.06 -26.54 3.13
CA GLY B 891 30.29 -27.21 3.52
C GLY B 891 30.82 -28.12 2.42
N GLU B 892 32.08 -28.51 2.59
CA GLU B 892 32.71 -29.42 1.62
C GLU B 892 32.09 -30.81 1.67
N ASP B 893 31.46 -31.17 2.79
CA ASP B 893 30.74 -32.44 2.91
C ASP B 893 29.82 -32.64 1.71
N LEU B 894 29.84 -33.87 1.17
CA LEU B 894 29.19 -34.14 -0.12
C LEU B 894 27.68 -34.26 -0.01
N THR B 895 27.13 -34.40 1.19
CA THR B 895 25.68 -34.42 1.40
C THR B 895 25.25 -33.01 1.82
N ASP B 896 25.09 -32.14 0.82
CA ASP B 896 24.82 -30.71 1.02
C ASP B 896 23.32 -30.47 1.09
N ASP B 897 22.75 -30.79 2.25
CA ASP B 897 21.30 -30.61 2.43
C ASP B 897 20.90 -29.15 2.45
N GLY B 898 21.79 -28.26 2.91
CA GLY B 898 21.47 -26.84 2.88
C GLY B 898 21.32 -26.30 1.47
N ARG B 899 22.20 -26.73 0.56
CA ARG B 899 22.06 -26.33 -0.83
C ARG B 899 20.76 -26.87 -1.43
N ILE B 900 20.37 -28.09 -1.08
CA ILE B 900 19.15 -28.68 -1.63
C ILE B 900 17.93 -27.91 -1.15
N TYR B 901 17.92 -27.50 0.13
CA TYR B 901 16.83 -26.70 0.65
C TYR B 901 16.71 -25.39 -0.12
N TYR B 902 17.84 -24.72 -0.37
CA TYR B 902 17.83 -23.46 -1.09
C TYR B 902 17.20 -23.63 -2.47
N TYR B 903 17.63 -24.67 -3.21
CA TYR B 903 17.11 -24.86 -4.56
C TYR B 903 15.65 -25.28 -4.54
N LYS B 904 15.28 -26.21 -3.66
CA LYS B 904 13.90 -26.68 -3.61
C LYS B 904 12.93 -25.52 -3.47
N TYR B 905 13.26 -24.56 -2.61
CA TYR B 905 12.29 -23.52 -2.26
C TYR B 905 12.49 -22.22 -3.02
N TYR B 906 13.69 -21.94 -3.53
CA TYR B 906 13.82 -20.82 -4.45
C TYR B 906 13.25 -21.16 -5.83
N ILE B 907 13.55 -22.36 -6.33
CA ILE B 907 13.02 -22.75 -7.64
C ILE B 907 11.50 -22.88 -7.57
N ASN B 908 10.96 -23.19 -6.39
CA ASN B 908 9.51 -23.25 -6.26
C ASN B 908 8.90 -21.85 -6.32
N GLU B 909 9.47 -20.91 -5.57
CA GLU B 909 9.01 -19.53 -5.65
C GLU B 909 9.15 -18.98 -7.07
N LEU B 910 10.21 -19.37 -7.77
CA LEU B 910 10.38 -18.96 -9.17
C LEU B 910 9.27 -19.53 -10.03
N LEU B 911 8.88 -20.78 -9.79
CA LEU B 911 7.75 -21.37 -10.50
C LEU B 911 6.46 -20.61 -10.23
N LYS B 912 6.29 -20.07 -9.03
CA LYS B 912 5.08 -19.31 -8.72
C LYS B 912 5.07 -17.97 -9.45
N ALA B 913 6.24 -17.34 -9.58
CA ALA B 913 6.34 -16.13 -10.39
C ALA B 913 5.90 -16.38 -11.83
N ILE B 914 6.19 -17.56 -12.37
CA ILE B 914 5.77 -17.87 -13.74
C ILE B 914 4.28 -18.21 -13.78
N LYS B 915 3.88 -19.25 -13.06
CA LYS B 915 2.54 -19.82 -13.23
C LYS B 915 1.48 -18.99 -12.52
N LEU B 916 1.74 -18.52 -11.31
CA LEU B 916 0.75 -17.71 -10.61
C LEU B 916 0.87 -16.22 -10.93
N ASP B 917 2.08 -15.70 -11.13
CA ASP B 917 2.26 -14.28 -11.35
C ASP B 917 2.41 -13.88 -12.81
N GLY B 918 2.70 -14.82 -13.71
CA GLY B 918 2.74 -14.53 -15.12
C GLY B 918 4.02 -13.91 -15.63
N VAL B 919 5.04 -13.78 -14.80
CA VAL B 919 6.31 -13.20 -15.23
C VAL B 919 6.95 -14.09 -16.29
N ARG B 920 7.56 -13.46 -17.29
CA ARG B 920 8.15 -14.17 -18.43
C ARG B 920 9.58 -14.59 -18.11
N VAL B 921 9.71 -15.55 -17.20
CA VAL B 921 11.02 -16.12 -16.89
C VAL B 921 11.26 -17.30 -17.81
N LYS B 922 12.34 -17.23 -18.59
CA LYS B 922 12.62 -18.23 -19.60
C LYS B 922 13.64 -19.26 -19.17
N GLY B 923 14.48 -18.94 -18.18
CA GLY B 923 15.53 -19.85 -17.78
C GLY B 923 15.96 -19.63 -16.35
N TYR B 924 16.67 -20.63 -15.83
CA TYR B 924 17.21 -20.61 -14.48
C TYR B 924 18.59 -21.22 -14.49
N THR B 925 19.54 -20.57 -13.83
CA THR B 925 20.94 -20.99 -13.85
C THR B 925 21.41 -21.19 -12.42
N ALA B 926 21.85 -22.41 -12.11
CA ALA B 926 22.31 -22.75 -10.77
C ALA B 926 23.79 -22.38 -10.64
N TRP B 927 24.11 -21.55 -9.65
CA TRP B 927 25.50 -21.24 -9.33
C TRP B 927 25.92 -22.05 -8.11
N SER B 928 26.89 -22.94 -8.29
CA SER B 928 27.65 -23.07 -9.53
C SER B 928 27.74 -24.54 -9.97
N LEU B 929 28.30 -24.78 -11.16
CA LEU B 929 28.45 -26.15 -11.64
C LEU B 929 29.37 -26.95 -10.73
N MET B 930 30.43 -26.31 -10.23
CA MET B 930 31.41 -26.96 -9.38
C MET B 930 32.04 -25.89 -8.49
N ASP B 931 32.83 -26.35 -7.51
CA ASP B 931 33.58 -25.42 -6.69
C ASP B 931 34.59 -24.66 -7.55
N ASN B 932 34.83 -23.41 -7.18
CA ASN B 932 35.74 -22.55 -7.92
C ASN B 932 36.29 -21.50 -6.97
N LEU B 933 37.01 -20.53 -7.53
CA LEU B 933 37.59 -19.43 -6.75
C LEU B 933 36.51 -18.39 -6.49
N GLU B 934 36.17 -18.17 -5.23
CA GLU B 934 35.18 -17.15 -4.87
C GLU B 934 35.88 -15.83 -4.50
N TRP B 935 36.69 -15.36 -5.44
CA TRP B 935 37.27 -14.00 -5.41
C TRP B 935 38.08 -13.83 -4.14
N THR B 936 37.80 -12.84 -3.30
CA THR B 936 38.50 -12.69 -2.04
C THR B 936 38.41 -13.92 -1.13
N SER B 937 37.28 -14.63 -1.16
CA SER B 937 37.07 -15.74 -0.23
C SER B 937 37.94 -16.94 -0.56
N GLY B 938 38.67 -16.91 -1.69
CA GLY B 938 39.50 -18.04 -2.06
C GLY B 938 38.67 -19.28 -2.37
N TYR B 939 39.27 -20.45 -2.13
CA TYR B 939 38.59 -21.72 -2.30
C TYR B 939 37.90 -22.19 -1.03
N TYR B 940 37.81 -21.32 -0.02
CA TYR B 940 37.12 -21.68 1.21
C TYR B 940 35.60 -21.70 1.05
N ALA B 941 35.08 -21.04 0.02
CA ALA B 941 33.66 -21.02 -0.27
C ALA B 941 33.33 -22.09 -1.30
N LYS B 942 32.32 -22.89 -1.01
CA LYS B 942 31.91 -23.99 -1.88
C LYS B 942 30.50 -23.73 -2.37
N PHE B 943 30.37 -23.41 -3.66
CA PHE B 943 29.07 -23.10 -4.26
C PHE B 943 28.59 -24.16 -5.24
N GLY B 944 29.38 -25.20 -5.50
CA GLY B 944 29.16 -26.05 -6.65
C GLY B 944 28.24 -27.24 -6.44
N LEU B 945 27.59 -27.65 -7.53
CA LEU B 945 26.92 -28.95 -7.58
C LEU B 945 27.92 -30.09 -7.51
N TYR B 946 29.16 -29.85 -7.94
CA TYR B 946 30.23 -30.84 -7.88
C TYR B 946 31.30 -30.37 -6.90
N HIS B 947 31.79 -31.29 -6.09
CA HIS B 947 33.00 -31.04 -5.31
C HIS B 947 34.20 -31.02 -6.24
N VAL B 948 35.25 -30.30 -5.86
CA VAL B 948 36.48 -30.24 -6.63
C VAL B 948 37.66 -30.45 -5.69
N ASP B 949 38.43 -31.53 -5.94
CA ASP B 949 39.67 -31.78 -5.22
C ASP B 949 40.73 -30.79 -5.71
N PHE B 950 41.07 -29.81 -4.87
CA PHE B 950 42.00 -28.76 -5.23
C PHE B 950 43.44 -29.08 -4.87
N ASN B 951 43.71 -30.26 -4.32
CA ASN B 951 45.06 -30.70 -4.01
C ASN B 951 45.57 -31.76 -4.99
N SER B 952 44.80 -32.07 -6.03
CA SER B 952 45.18 -33.01 -7.07
C SER B 952 45.57 -32.28 -8.35
N PRO B 953 46.59 -32.77 -9.06
CA PRO B 953 46.96 -32.11 -10.33
C PRO B 953 45.87 -32.15 -11.37
N ASN B 954 45.00 -33.17 -11.35
CA ASN B 954 43.92 -33.30 -12.32
C ASN B 954 42.56 -32.87 -11.75
N ARG B 955 42.58 -32.05 -10.68
CA ARG B 955 41.42 -31.42 -10.04
C ARG B 955 40.13 -32.23 -10.15
N THR B 956 40.12 -33.43 -9.54
CA THR B 956 39.00 -34.34 -9.70
C THR B 956 37.71 -33.73 -9.17
N ARG B 957 36.62 -33.96 -9.91
CA ARG B 957 35.30 -33.48 -9.54
C ARG B 957 34.44 -34.65 -9.07
N THR B 958 33.70 -34.42 -7.98
CA THR B 958 32.83 -35.43 -7.39
C THR B 958 31.46 -34.80 -7.14
N PRO B 959 30.39 -35.41 -7.63
CA PRO B 959 29.06 -34.78 -7.47
C PRO B 959 28.57 -34.86 -6.02
N ARG B 960 27.94 -33.78 -5.58
CA ARG B 960 27.26 -33.75 -4.30
C ARG B 960 25.83 -34.29 -4.46
N THR B 961 25.14 -34.48 -3.33
CA THR B 961 23.76 -34.95 -3.39
C THR B 961 22.85 -33.97 -4.12
N SER B 962 23.22 -32.69 -4.16
CA SER B 962 22.41 -31.67 -4.84
C SER B 962 22.51 -31.78 -6.35
N ALA B 963 23.58 -32.39 -6.87
CA ALA B 963 23.63 -32.70 -8.30
C ALA B 963 22.52 -33.66 -8.69
N THR B 964 22.29 -34.68 -7.85
CA THR B 964 21.16 -35.58 -8.06
C THR B 964 19.84 -34.84 -7.97
N PHE B 965 19.67 -34.02 -6.92
CA PHE B 965 18.41 -33.31 -6.72
C PHE B 965 18.10 -32.41 -7.90
N TYR B 966 19.10 -31.68 -8.39
CA TYR B 966 18.87 -30.80 -9.53
C TYR B 966 18.63 -31.60 -10.80
N GLN B 967 19.34 -32.73 -10.97
CA GLN B 967 19.10 -33.59 -12.12
C GLN B 967 17.67 -34.11 -12.13
N GLN B 968 17.12 -34.43 -10.96
CA GLN B 968 15.76 -34.92 -10.87
C GLN B 968 14.75 -33.84 -11.19
N LEU B 969 14.99 -32.62 -10.69
CA LEU B 969 14.06 -31.52 -10.93
C LEU B 969 13.99 -31.15 -12.41
N ILE B 970 15.11 -31.26 -13.13
CA ILE B 970 15.09 -31.05 -14.58
C ILE B 970 14.25 -32.14 -15.25
N LYS B 971 14.44 -33.40 -14.85
CA LYS B 971 13.67 -34.49 -15.42
C LYS B 971 12.18 -34.31 -15.15
N ASP B 972 11.82 -33.96 -13.91
CA ASP B 972 10.42 -33.78 -13.55
C ASP B 972 9.86 -32.44 -14.00
N ARG B 973 10.71 -31.52 -14.44
CA ARG B 973 10.29 -30.19 -14.91
C ARG B 973 9.43 -29.47 -13.88
N GLY B 974 9.87 -29.51 -12.63
CA GLY B 974 9.15 -28.86 -11.55
C GLY B 974 8.90 -29.75 -10.36
N PHE B 975 7.75 -29.59 -9.71
CA PHE B 975 7.40 -30.31 -8.51
C PHE B 975 6.03 -30.93 -8.65
N PRO B 976 5.94 -32.22 -9.01
CA PRO B 976 4.65 -32.91 -9.00
C PRO B 976 4.35 -33.49 -7.62
N LYS B 977 3.06 -33.65 -7.35
CA LYS B 977 2.62 -34.23 -6.08
C LYS B 977 2.35 -35.72 -6.24
#